data_5H48
# 
_entry.id   5H48 
# 
_audit_conform.dict_name       mmcif_pdbx.dic 
_audit_conform.dict_version    5.397 
_audit_conform.dict_location   http://mmcif.pdb.org/dictionaries/ascii/mmcif_pdbx.dic 
# 
loop_
_database_2.database_id 
_database_2.database_code 
_database_2.pdbx_database_accession 
_database_2.pdbx_DOI 
PDB   5H48         pdb_00005h48 10.2210/pdb5h48/pdb 
WWPDB D_1300001845 ?            ?                   
# 
loop_
_pdbx_audit_revision_history.ordinal 
_pdbx_audit_revision_history.data_content_type 
_pdbx_audit_revision_history.major_revision 
_pdbx_audit_revision_history.minor_revision 
_pdbx_audit_revision_history.revision_date 
1 'Structure model' 1 0 2017-09-06 
2 'Structure model' 1 1 2017-09-20 
3 'Structure model' 2 0 2020-07-29 
4 'Structure model' 2 1 2023-11-08 
5 'Structure model' 2 2 2024-10-30 
# 
loop_
_pdbx_audit_revision_details.ordinal 
_pdbx_audit_revision_details.revision_ordinal 
_pdbx_audit_revision_details.data_content_type 
_pdbx_audit_revision_details.provider 
_pdbx_audit_revision_details.type 
_pdbx_audit_revision_details.description 
_pdbx_audit_revision_details.details 
1 1 'Structure model' repository 'Initial release' ?                          ? 
2 3 'Structure model' repository Remediation       'Carbohydrate remediation' ? 
# 
loop_
_pdbx_audit_revision_group.ordinal 
_pdbx_audit_revision_group.revision_ordinal 
_pdbx_audit_revision_group.data_content_type 
_pdbx_audit_revision_group.group 
1  2 'Structure model' 'Database references'    
2  3 'Structure model' 'Atomic model'           
3  3 'Structure model' 'Data collection'        
4  3 'Structure model' 'Derived calculations'   
5  3 'Structure model' 'Structure summary'      
6  4 'Structure model' 'Data collection'        
7  4 'Structure model' 'Database references'    
8  4 'Structure model' 'Refinement description' 
9  4 'Structure model' 'Structure summary'      
10 5 'Structure model' 'Structure summary'      
# 
loop_
_pdbx_audit_revision_category.ordinal 
_pdbx_audit_revision_category.revision_ordinal 
_pdbx_audit_revision_category.data_content_type 
_pdbx_audit_revision_category.category 
1  2 'Structure model' citation                      
2  3 'Structure model' atom_site                     
3  3 'Structure model' chem_comp                     
4  3 'Structure model' entity                        
5  3 'Structure model' pdbx_branch_scheme            
6  3 'Structure model' pdbx_chem_comp_identifier     
7  3 'Structure model' pdbx_entity_branch            
8  3 'Structure model' pdbx_entity_branch_descriptor 
9  3 'Structure model' pdbx_entity_branch_link       
10 3 'Structure model' pdbx_entity_branch_list       
11 3 'Structure model' pdbx_entity_nonpoly           
12 3 'Structure model' pdbx_nonpoly_scheme           
13 3 'Structure model' pdbx_struct_assembly_gen      
14 3 'Structure model' struct_asym                   
15 3 'Structure model' struct_conn                   
16 3 'Structure model' struct_site                   
17 3 'Structure model' struct_site_gen               
18 4 'Structure model' chem_comp                     
19 4 'Structure model' chem_comp_atom                
20 4 'Structure model' chem_comp_bond                
21 4 'Structure model' database_2                    
22 4 'Structure model' pdbx_initial_refinement_model 
23 5 'Structure model' pdbx_entry_details            
24 5 'Structure model' pdbx_modification_feature     
# 
loop_
_pdbx_audit_revision_item.ordinal 
_pdbx_audit_revision_item.revision_ordinal 
_pdbx_audit_revision_item.data_content_type 
_pdbx_audit_revision_item.item 
1  2 'Structure model' '_citation.country'                      
2  2 'Structure model' '_citation.journal_abbrev'               
3  2 'Structure model' '_citation.journal_id_CSD'               
4  2 'Structure model' '_citation.journal_id_ISSN'              
5  2 'Structure model' '_citation.journal_volume'               
6  2 'Structure model' '_citation.page_first'                   
7  2 'Structure model' '_citation.page_last'                    
8  2 'Structure model' '_citation.pdbx_database_id_DOI'         
9  2 'Structure model' '_citation.pdbx_database_id_PubMed'      
10 2 'Structure model' '_citation.title'                        
11 2 'Structure model' '_citation.year'                         
12 3 'Structure model' '_atom_site.auth_asym_id'                
13 3 'Structure model' '_atom_site.auth_seq_id'                 
14 3 'Structure model' '_atom_site.label_asym_id'               
15 3 'Structure model' '_chem_comp.name'                        
16 3 'Structure model' '_chem_comp.type'                        
17 3 'Structure model' '_entity.formula_weight'                 
18 3 'Structure model' '_entity.pdbx_description'               
19 3 'Structure model' '_entity.pdbx_number_of_molecules'       
20 3 'Structure model' '_entity.type'                           
21 3 'Structure model' '_pdbx_struct_assembly_gen.asym_id_list' 
22 3 'Structure model' '_struct_conn.pdbx_role'                 
23 3 'Structure model' '_struct_conn.ptnr1_auth_asym_id'        
24 3 'Structure model' '_struct_conn.ptnr1_auth_seq_id'         
25 3 'Structure model' '_struct_conn.ptnr2_auth_asym_id'        
26 3 'Structure model' '_struct_conn.ptnr2_auth_seq_id'         
27 3 'Structure model' '_struct_conn.ptnr2_label_asym_id'       
28 4 'Structure model' '_chem_comp.pdbx_synonyms'               
29 4 'Structure model' '_database_2.pdbx_DOI'                   
30 4 'Structure model' '_database_2.pdbx_database_accession'    
# 
_pdbx_database_status.status_code                     REL 
_pdbx_database_status.status_code_sf                  REL 
_pdbx_database_status.status_code_mr                  ? 
_pdbx_database_status.entry_id                        5H48 
_pdbx_database_status.recvd_initial_deposition_date   2016-10-31 
_pdbx_database_status.SG_entry                        N 
_pdbx_database_status.deposit_site                    PDBJ 
_pdbx_database_status.process_site                    PDBJ 
_pdbx_database_status.status_code_cs                  ? 
_pdbx_database_status.methods_development_category    ? 
_pdbx_database_status.pdb_format_compatible           Y 
_pdbx_database_status.status_code_nmr_data            ? 
# 
loop_
_pdbx_database_related.db_name 
_pdbx_database_related.details 
_pdbx_database_related.db_id 
_pdbx_database_related.content_type 
PDB . 5H49 unspecified 
PDB . 5H4B unspecified 
PDB . 5H4C unspecified 
# 
loop_
_audit_author.name 
_audit_author.pdbx_ordinal 
_audit_author.identifier_ORCID 
'Zhong, C.' 1 ? 
'Shen, J.'  2 ? 
'Zhang, H.' 3 ? 
'Ding, J.'  4 ? 
# 
_citation.abstract                  ? 
_citation.abstract_id_CAS           ? 
_citation.book_id_ISBN              ? 
_citation.book_publisher            ? 
_citation.book_publisher_city       ? 
_citation.book_title                ? 
_citation.coordinate_linkage        ? 
_citation.country                   US 
_citation.database_id_Medline       ? 
_citation.details                   ? 
_citation.id                        primary 
_citation.journal_abbrev            'Cell Rep' 
_citation.journal_id_ASTM           ? 
_citation.journal_id_CSD            ? 
_citation.journal_id_ISSN           2211-1247 
_citation.journal_full              ? 
_citation.journal_issue             ? 
_citation.journal_volume            20 
_citation.language                  ? 
_citation.page_first                2328 
_citation.page_last                 2340 
_citation.title                     'Cbln1 and Cbln4 Are Structurally Similar but Differ in GluD2 Binding Interactions.' 
_citation.year                      2017 
_citation.database_id_CSD           ? 
_citation.pdbx_database_id_DOI      10.1016/j.celrep.2017.08.031 
_citation.pdbx_database_id_PubMed   28877468 
_citation.unpublished_flag          ? 
# 
loop_
_citation_author.citation_id 
_citation_author.name 
_citation_author.ordinal 
_citation_author.identifier_ORCID 
primary 'Zhong, C.' 1  ? 
primary 'Shen, J.'  2  ? 
primary 'Zhang, H.' 3  ? 
primary 'Li, G.'    4  ? 
primary 'Shen, S.'  5  ? 
primary 'Wang, F.'  6  ? 
primary 'Hu, K.'    7  ? 
primary 'Cao, L.'   8  ? 
primary 'He, Y.'    9  ? 
primary 'Ding, J.'  10 ? 
# 
loop_
_entity.id 
_entity.type 
_entity.src_method 
_entity.pdbx_description 
_entity.formula_weight 
_entity.pdbx_number_of_molecules 
_entity.pdbx_ec 
_entity.pdbx_mutation 
_entity.pdbx_fragment 
_entity.details 
1 polymer  man Cerebellin-1                                                                              20418.984 1  ? ? ? ? 
2 branched man '2-acetamido-2-deoxy-beta-D-glucopyranose-(1-4)-2-acetamido-2-deoxy-beta-D-glucopyranose' 424.401   1  ? ? ? ? 
3 water    nat water                                                                                     18.015    60 ? ? ? ? 
# 
_entity_name_com.entity_id   1 
_entity_name_com.name        Precerebellin 
# 
_entity_poly.entity_id                      1 
_entity_poly.type                           'polypeptide(L)' 
_entity_poly.nstd_linkage                   no 
_entity_poly.nstd_monomer                   no 
_entity_poly.pdbx_seq_one_letter_code       
;GTHHHHHHHHGSQNETEPIVLEGKCLVVCDSNPTSDPTGTALGISVRSGSAKVAFSAIRSTNHEPSEMSNRTMIIYFDQV
LVNIGNNFDSERSTFIAPRKGIYSFNFHVVKVYNRQTIQVSLMLNGWPVISAFAGDQDVTREAASNGVLIQMEKGDRAYL
KLERGNLMGGWKYSTFSGFLVFPL
;
_entity_poly.pdbx_seq_one_letter_code_can   
;GTHHHHHHHHGSQNETEPIVLEGKCLVVCDSNPTSDPTGTALGISVRSGSAKVAFSAIRSTNHEPSEMSNRTMIIYFDQV
LVNIGNNFDSERSTFIAPRKGIYSFNFHVVKVYNRQTIQVSLMLNGWPVISAFAGDQDVTREAASNGVLIQMEKGDRAYL
KLERGNLMGGWKYSTFSGFLVFPL
;
_entity_poly.pdbx_strand_id                 A 
_entity_poly.pdbx_target_identifier         ? 
# 
_pdbx_entity_nonpoly.entity_id   3 
_pdbx_entity_nonpoly.name        water 
_pdbx_entity_nonpoly.comp_id     HOH 
# 
loop_
_entity_poly_seq.entity_id 
_entity_poly_seq.num 
_entity_poly_seq.mon_id 
_entity_poly_seq.hetero 
1 1   GLY n 
1 2   THR n 
1 3   HIS n 
1 4   HIS n 
1 5   HIS n 
1 6   HIS n 
1 7   HIS n 
1 8   HIS n 
1 9   HIS n 
1 10  HIS n 
1 11  GLY n 
1 12  SER n 
1 13  GLN n 
1 14  ASN n 
1 15  GLU n 
1 16  THR n 
1 17  GLU n 
1 18  PRO n 
1 19  ILE n 
1 20  VAL n 
1 21  LEU n 
1 22  GLU n 
1 23  GLY n 
1 24  LYS n 
1 25  CYS n 
1 26  LEU n 
1 27  VAL n 
1 28  VAL n 
1 29  CYS n 
1 30  ASP n 
1 31  SER n 
1 32  ASN n 
1 33  PRO n 
1 34  THR n 
1 35  SER n 
1 36  ASP n 
1 37  PRO n 
1 38  THR n 
1 39  GLY n 
1 40  THR n 
1 41  ALA n 
1 42  LEU n 
1 43  GLY n 
1 44  ILE n 
1 45  SER n 
1 46  VAL n 
1 47  ARG n 
1 48  SER n 
1 49  GLY n 
1 50  SER n 
1 51  ALA n 
1 52  LYS n 
1 53  VAL n 
1 54  ALA n 
1 55  PHE n 
1 56  SER n 
1 57  ALA n 
1 58  ILE n 
1 59  ARG n 
1 60  SER n 
1 61  THR n 
1 62  ASN n 
1 63  HIS n 
1 64  GLU n 
1 65  PRO n 
1 66  SER n 
1 67  GLU n 
1 68  MET n 
1 69  SER n 
1 70  ASN n 
1 71  ARG n 
1 72  THR n 
1 73  MET n 
1 74  ILE n 
1 75  ILE n 
1 76  TYR n 
1 77  PHE n 
1 78  ASP n 
1 79  GLN n 
1 80  VAL n 
1 81  LEU n 
1 82  VAL n 
1 83  ASN n 
1 84  ILE n 
1 85  GLY n 
1 86  ASN n 
1 87  ASN n 
1 88  PHE n 
1 89  ASP n 
1 90  SER n 
1 91  GLU n 
1 92  ARG n 
1 93  SER n 
1 94  THR n 
1 95  PHE n 
1 96  ILE n 
1 97  ALA n 
1 98  PRO n 
1 99  ARG n 
1 100 LYS n 
1 101 GLY n 
1 102 ILE n 
1 103 TYR n 
1 104 SER n 
1 105 PHE n 
1 106 ASN n 
1 107 PHE n 
1 108 HIS n 
1 109 VAL n 
1 110 VAL n 
1 111 LYS n 
1 112 VAL n 
1 113 TYR n 
1 114 ASN n 
1 115 ARG n 
1 116 GLN n 
1 117 THR n 
1 118 ILE n 
1 119 GLN n 
1 120 VAL n 
1 121 SER n 
1 122 LEU n 
1 123 MET n 
1 124 LEU n 
1 125 ASN n 
1 126 GLY n 
1 127 TRP n 
1 128 PRO n 
1 129 VAL n 
1 130 ILE n 
1 131 SER n 
1 132 ALA n 
1 133 PHE n 
1 134 ALA n 
1 135 GLY n 
1 136 ASP n 
1 137 GLN n 
1 138 ASP n 
1 139 VAL n 
1 140 THR n 
1 141 ARG n 
1 142 GLU n 
1 143 ALA n 
1 144 ALA n 
1 145 SER n 
1 146 ASN n 
1 147 GLY n 
1 148 VAL n 
1 149 LEU n 
1 150 ILE n 
1 151 GLN n 
1 152 MET n 
1 153 GLU n 
1 154 LYS n 
1 155 GLY n 
1 156 ASP n 
1 157 ARG n 
1 158 ALA n 
1 159 TYR n 
1 160 LEU n 
1 161 LYS n 
1 162 LEU n 
1 163 GLU n 
1 164 ARG n 
1 165 GLY n 
1 166 ASN n 
1 167 LEU n 
1 168 MET n 
1 169 GLY n 
1 170 GLY n 
1 171 TRP n 
1 172 LYS n 
1 173 TYR n 
1 174 SER n 
1 175 THR n 
1 176 PHE n 
1 177 SER n 
1 178 GLY n 
1 179 PHE n 
1 180 LEU n 
1 181 VAL n 
1 182 PHE n 
1 183 PRO n 
1 184 LEU n 
# 
_entity_src_gen.entity_id                          1 
_entity_src_gen.pdbx_src_id                        1 
_entity_src_gen.pdbx_alt_source_flag               sample 
_entity_src_gen.pdbx_seq_type                      'Biological sequence' 
_entity_src_gen.pdbx_beg_seq_num                   1 
_entity_src_gen.pdbx_end_seq_num                   184 
_entity_src_gen.gene_src_common_name               Rat 
_entity_src_gen.gene_src_genus                     ? 
_entity_src_gen.pdbx_gene_src_gene                 Cbln1 
_entity_src_gen.gene_src_species                   ? 
_entity_src_gen.gene_src_strain                    ? 
_entity_src_gen.gene_src_tissue                    ? 
_entity_src_gen.gene_src_tissue_fraction           ? 
_entity_src_gen.gene_src_details                   ? 
_entity_src_gen.pdbx_gene_src_fragment             ? 
_entity_src_gen.pdbx_gene_src_scientific_name      'Rattus norvegicus' 
_entity_src_gen.pdbx_gene_src_ncbi_taxonomy_id     10116 
_entity_src_gen.pdbx_gene_src_variant              ? 
_entity_src_gen.pdbx_gene_src_cell_line            ? 
_entity_src_gen.pdbx_gene_src_atcc                 ? 
_entity_src_gen.pdbx_gene_src_organ                ? 
_entity_src_gen.pdbx_gene_src_organelle            ? 
_entity_src_gen.pdbx_gene_src_cell                 ? 
_entity_src_gen.pdbx_gene_src_cellular_location    ? 
_entity_src_gen.host_org_common_name               ? 
_entity_src_gen.pdbx_host_org_scientific_name      'Homo sapiens' 
_entity_src_gen.pdbx_host_org_ncbi_taxonomy_id     9606 
_entity_src_gen.host_org_genus                     ? 
_entity_src_gen.pdbx_host_org_gene                 ? 
_entity_src_gen.pdbx_host_org_organ                ? 
_entity_src_gen.host_org_species                   ? 
_entity_src_gen.pdbx_host_org_tissue               ? 
_entity_src_gen.pdbx_host_org_tissue_fraction      ? 
_entity_src_gen.pdbx_host_org_strain               ? 
_entity_src_gen.pdbx_host_org_variant              ? 
_entity_src_gen.pdbx_host_org_cell_line            ? 
_entity_src_gen.pdbx_host_org_atcc                 ? 
_entity_src_gen.pdbx_host_org_culture_collection   ? 
_entity_src_gen.pdbx_host_org_cell                 ? 
_entity_src_gen.pdbx_host_org_organelle            ? 
_entity_src_gen.pdbx_host_org_cellular_location    ? 
_entity_src_gen.pdbx_host_org_vector_type          ? 
_entity_src_gen.pdbx_host_org_vector               ? 
_entity_src_gen.host_org_details                   ? 
_entity_src_gen.expression_system_id               ? 
_entity_src_gen.plasmid_name                       ? 
_entity_src_gen.plasmid_details                    ? 
_entity_src_gen.pdbx_description                   ? 
# 
_pdbx_entity_branch.entity_id   2 
_pdbx_entity_branch.type        oligosaccharide 
# 
loop_
_pdbx_entity_branch_descriptor.ordinal 
_pdbx_entity_branch_descriptor.entity_id 
_pdbx_entity_branch_descriptor.descriptor 
_pdbx_entity_branch_descriptor.type 
_pdbx_entity_branch_descriptor.program 
_pdbx_entity_branch_descriptor.program_version 
1 2 DGlcpNAcb1-4DGlcpNAcb1-                               'Glycam Condensed Sequence' GMML       1.0   
2 2 'WURCS=2.0/1,2,1/[a2122h-1b_1-5_2*NCC/3=O]/1-1/a4-b1' WURCS                       PDB2Glycan 1.1.0 
3 2 '[]{[(4+1)][b-D-GlcpNAc]{[(4+1)][b-D-GlcpNAc]{}}}'    LINUCS                      PDB-CARE   ?     
# 
_pdbx_entity_branch_link.link_id                    1 
_pdbx_entity_branch_link.entity_id                  2 
_pdbx_entity_branch_link.entity_branch_list_num_1   2 
_pdbx_entity_branch_link.comp_id_1                  NAG 
_pdbx_entity_branch_link.atom_id_1                  C1 
_pdbx_entity_branch_link.leaving_atom_id_1          O1 
_pdbx_entity_branch_link.entity_branch_list_num_2   1 
_pdbx_entity_branch_link.comp_id_2                  NAG 
_pdbx_entity_branch_link.atom_id_2                  O4 
_pdbx_entity_branch_link.leaving_atom_id_2          HO4 
_pdbx_entity_branch_link.value_order                sing 
_pdbx_entity_branch_link.details                    ? 
# 
loop_
_chem_comp.id 
_chem_comp.type 
_chem_comp.mon_nstd_flag 
_chem_comp.name 
_chem_comp.pdbx_synonyms 
_chem_comp.formula 
_chem_comp.formula_weight 
ALA 'L-peptide linking'          y ALANINE                                  ? 'C3 H7 N O2'     89.093  
ARG 'L-peptide linking'          y ARGININE                                 ? 'C6 H15 N4 O2 1' 175.209 
ASN 'L-peptide linking'          y ASPARAGINE                               ? 'C4 H8 N2 O3'    132.118 
ASP 'L-peptide linking'          y 'ASPARTIC ACID'                          ? 'C4 H7 N O4'     133.103 
CYS 'L-peptide linking'          y CYSTEINE                                 ? 'C3 H7 N O2 S'   121.158 
GLN 'L-peptide linking'          y GLUTAMINE                                ? 'C5 H10 N2 O3'   146.144 
GLU 'L-peptide linking'          y 'GLUTAMIC ACID'                          ? 'C5 H9 N O4'     147.129 
GLY 'peptide linking'            y GLYCINE                                  ? 'C2 H5 N O2'     75.067  
HIS 'L-peptide linking'          y HISTIDINE                                ? 'C6 H10 N3 O2 1' 156.162 
HOH non-polymer                  . WATER                                    ? 'H2 O'           18.015  
ILE 'L-peptide linking'          y ISOLEUCINE                               ? 'C6 H13 N O2'    131.173 
LEU 'L-peptide linking'          y LEUCINE                                  ? 'C6 H13 N O2'    131.173 
LYS 'L-peptide linking'          y LYSINE                                   ? 'C6 H15 N2 O2 1' 147.195 
MET 'L-peptide linking'          y METHIONINE                               ? 'C5 H11 N O2 S'  149.211 
NAG 'D-saccharide, beta linking' . 2-acetamido-2-deoxy-beta-D-glucopyranose 
;N-acetyl-beta-D-glucosamine; 2-acetamido-2-deoxy-beta-D-glucose; 2-acetamido-2-deoxy-D-glucose; 2-acetamido-2-deoxy-glucose; N-ACETYL-D-GLUCOSAMINE
;
'C8 H15 N O6'    221.208 
PHE 'L-peptide linking'          y PHENYLALANINE                            ? 'C9 H11 N O2'    165.189 
PRO 'L-peptide linking'          y PROLINE                                  ? 'C5 H9 N O2'     115.130 
SER 'L-peptide linking'          y SERINE                                   ? 'C3 H7 N O3'     105.093 
THR 'L-peptide linking'          y THREONINE                                ? 'C4 H9 N O3'     119.119 
TRP 'L-peptide linking'          y TRYPTOPHAN                               ? 'C11 H12 N2 O2'  204.225 
TYR 'L-peptide linking'          y TYROSINE                                 ? 'C9 H11 N O3'    181.189 
VAL 'L-peptide linking'          y VALINE                                   ? 'C5 H11 N O2'    117.146 
# 
loop_
_pdbx_chem_comp_identifier.comp_id 
_pdbx_chem_comp_identifier.type 
_pdbx_chem_comp_identifier.program 
_pdbx_chem_comp_identifier.program_version 
_pdbx_chem_comp_identifier.identifier 
NAG 'CONDENSED IUPAC CARBOHYDRATE SYMBOL' GMML     1.0 DGlcpNAcb                      
NAG 'COMMON NAME'                         GMML     1.0 N-acetyl-b-D-glucopyranosamine 
NAG 'IUPAC CARBOHYDRATE SYMBOL'           PDB-CARE 1.0 b-D-GlcpNAc                    
NAG 'SNFG CARBOHYDRATE SYMBOL'            GMML     1.0 GlcNAc                         
# 
loop_
_pdbx_poly_seq_scheme.asym_id 
_pdbx_poly_seq_scheme.entity_id 
_pdbx_poly_seq_scheme.seq_id 
_pdbx_poly_seq_scheme.mon_id 
_pdbx_poly_seq_scheme.ndb_seq_num 
_pdbx_poly_seq_scheme.pdb_seq_num 
_pdbx_poly_seq_scheme.auth_seq_num 
_pdbx_poly_seq_scheme.pdb_mon_id 
_pdbx_poly_seq_scheme.auth_mon_id 
_pdbx_poly_seq_scheme.pdb_strand_id 
_pdbx_poly_seq_scheme.pdb_ins_code 
_pdbx_poly_seq_scheme.hetero 
A 1 1   GLY 1   10  ?   ?   ?   A . n 
A 1 2   THR 2   11  ?   ?   ?   A . n 
A 1 3   HIS 3   12  ?   ?   ?   A . n 
A 1 4   HIS 4   13  ?   ?   ?   A . n 
A 1 5   HIS 5   14  ?   ?   ?   A . n 
A 1 6   HIS 6   15  ?   ?   ?   A . n 
A 1 7   HIS 7   16  ?   ?   ?   A . n 
A 1 8   HIS 8   17  ?   ?   ?   A . n 
A 1 9   HIS 9   18  ?   ?   ?   A . n 
A 1 10  HIS 10  19  ?   ?   ?   A . n 
A 1 11  GLY 11  20  ?   ?   ?   A . n 
A 1 12  SER 12  21  ?   ?   ?   A . n 
A 1 13  GLN 13  22  ?   ?   ?   A . n 
A 1 14  ASN 14  23  ?   ?   ?   A . n 
A 1 15  GLU 15  24  ?   ?   ?   A . n 
A 1 16  THR 16  25  ?   ?   ?   A . n 
A 1 17  GLU 17  26  ?   ?   ?   A . n 
A 1 18  PRO 18  27  ?   ?   ?   A . n 
A 1 19  ILE 19  28  ?   ?   ?   A . n 
A 1 20  VAL 20  29  ?   ?   ?   A . n 
A 1 21  LEU 21  30  ?   ?   ?   A . n 
A 1 22  GLU 22  31  ?   ?   ?   A . n 
A 1 23  GLY 23  32  ?   ?   ?   A . n 
A 1 24  LYS 24  33  ?   ?   ?   A . n 
A 1 25  CYS 25  34  ?   ?   ?   A . n 
A 1 26  LEU 26  35  ?   ?   ?   A . n 
A 1 27  VAL 27  36  ?   ?   ?   A . n 
A 1 28  VAL 28  37  ?   ?   ?   A . n 
A 1 29  CYS 29  38  ?   ?   ?   A . n 
A 1 30  ASP 30  39  ?   ?   ?   A . n 
A 1 31  SER 31  40  ?   ?   ?   A . n 
A 1 32  ASN 32  41  ?   ?   ?   A . n 
A 1 33  PRO 33  42  ?   ?   ?   A . n 
A 1 34  THR 34  43  ?   ?   ?   A . n 
A 1 35  SER 35  44  ?   ?   ?   A . n 
A 1 36  ASP 36  45  ?   ?   ?   A . n 
A 1 37  PRO 37  46  ?   ?   ?   A . n 
A 1 38  THR 38  47  ?   ?   ?   A . n 
A 1 39  GLY 39  48  ?   ?   ?   A . n 
A 1 40  THR 40  49  ?   ?   ?   A . n 
A 1 41  ALA 41  50  ?   ?   ?   A . n 
A 1 42  LEU 42  51  ?   ?   ?   A . n 
A 1 43  GLY 43  52  ?   ?   ?   A . n 
A 1 44  ILE 44  53  ?   ?   ?   A . n 
A 1 45  SER 45  54  ?   ?   ?   A . n 
A 1 46  VAL 46  55  ?   ?   ?   A . n 
A 1 47  ARG 47  56  ?   ?   ?   A . n 
A 1 48  SER 48  57  ?   ?   ?   A . n 
A 1 49  GLY 49  58  58  GLY GLY A . n 
A 1 50  SER 50  59  59  SER SER A . n 
A 1 51  ALA 51  60  60  ALA ALA A . n 
A 1 52  LYS 52  61  61  LYS LYS A . n 
A 1 53  VAL 53  62  62  VAL VAL A . n 
A 1 54  ALA 54  63  63  ALA ALA A . n 
A 1 55  PHE 55  64  64  PHE PHE A . n 
A 1 56  SER 56  65  65  SER SER A . n 
A 1 57  ALA 57  66  66  ALA ALA A . n 
A 1 58  ILE 58  67  67  ILE ILE A . n 
A 1 59  ARG 59  68  68  ARG ARG A . n 
A 1 60  SER 60  69  69  SER SER A . n 
A 1 61  THR 61  70  70  THR THR A . n 
A 1 62  ASN 62  71  71  ASN ASN A . n 
A 1 63  HIS 63  72  72  HIS HIS A . n 
A 1 64  GLU 64  73  73  GLU GLU A . n 
A 1 65  PRO 65  74  74  PRO PRO A . n 
A 1 66  SER 66  75  75  SER SER A . n 
A 1 67  GLU 67  76  76  GLU GLU A . n 
A 1 68  MET 68  77  77  MET MET A . n 
A 1 69  SER 69  78  78  SER SER A . n 
A 1 70  ASN 70  79  79  ASN ASN A . n 
A 1 71  ARG 71  80  80  ARG ARG A . n 
A 1 72  THR 72  81  81  THR THR A . n 
A 1 73  MET 73  82  82  MET MET A . n 
A 1 74  ILE 74  83  83  ILE ILE A . n 
A 1 75  ILE 75  84  84  ILE ILE A . n 
A 1 76  TYR 76  85  85  TYR TYR A . n 
A 1 77  PHE 77  86  86  PHE PHE A . n 
A 1 78  ASP 78  87  87  ASP ASP A . n 
A 1 79  GLN 79  88  88  GLN GLN A . n 
A 1 80  VAL 80  89  89  VAL VAL A . n 
A 1 81  LEU 81  90  90  LEU LEU A . n 
A 1 82  VAL 82  91  91  VAL VAL A . n 
A 1 83  ASN 83  92  92  ASN ASN A . n 
A 1 84  ILE 84  93  93  ILE ILE A . n 
A 1 85  GLY 85  94  94  GLY GLY A . n 
A 1 86  ASN 86  95  95  ASN ASN A . n 
A 1 87  ASN 87  96  96  ASN ASN A . n 
A 1 88  PHE 88  97  97  PHE PHE A . n 
A 1 89  ASP 89  98  98  ASP ASP A . n 
A 1 90  SER 90  99  99  SER SER A . n 
A 1 91  GLU 91  100 100 GLU GLU A . n 
A 1 92  ARG 92  101 101 ARG ARG A . n 
A 1 93  SER 93  102 102 SER SER A . n 
A 1 94  THR 94  103 103 THR THR A . n 
A 1 95  PHE 95  104 104 PHE PHE A . n 
A 1 96  ILE 96  105 105 ILE ILE A . n 
A 1 97  ALA 97  106 106 ALA ALA A . n 
A 1 98  PRO 98  107 107 PRO PRO A . n 
A 1 99  ARG 99  108 108 ARG ARG A . n 
A 1 100 LYS 100 109 109 LYS LYS A . n 
A 1 101 GLY 101 110 110 GLY GLY A . n 
A 1 102 ILE 102 111 111 ILE ILE A . n 
A 1 103 TYR 103 112 112 TYR TYR A . n 
A 1 104 SER 104 113 113 SER SER A . n 
A 1 105 PHE 105 114 114 PHE PHE A . n 
A 1 106 ASN 106 115 115 ASN ASN A . n 
A 1 107 PHE 107 116 116 PHE PHE A . n 
A 1 108 HIS 108 117 117 HIS HIS A . n 
A 1 109 VAL 109 118 118 VAL VAL A . n 
A 1 110 VAL 110 119 119 VAL VAL A . n 
A 1 111 LYS 111 120 120 LYS LYS A . n 
A 1 112 VAL 112 121 121 VAL VAL A . n 
A 1 113 TYR 113 122 122 TYR TYR A . n 
A 1 114 ASN 114 123 123 ASN ASN A . n 
A 1 115 ARG 115 124 124 ARG ARG A . n 
A 1 116 GLN 116 125 125 GLN GLN A . n 
A 1 117 THR 117 126 126 THR THR A . n 
A 1 118 ILE 118 127 127 ILE ILE A . n 
A 1 119 GLN 119 128 128 GLN GLN A . n 
A 1 120 VAL 120 129 129 VAL VAL A . n 
A 1 121 SER 121 130 130 SER SER A . n 
A 1 122 LEU 122 131 131 LEU LEU A . n 
A 1 123 MET 123 132 132 MET MET A . n 
A 1 124 LEU 124 133 133 LEU LEU A . n 
A 1 125 ASN 125 134 134 ASN ASN A . n 
A 1 126 GLY 126 135 135 GLY GLY A . n 
A 1 127 TRP 127 136 136 TRP TRP A . n 
A 1 128 PRO 128 137 137 PRO PRO A . n 
A 1 129 VAL 129 138 138 VAL VAL A . n 
A 1 130 ILE 130 139 139 ILE ILE A . n 
A 1 131 SER 131 140 140 SER SER A . n 
A 1 132 ALA 132 141 141 ALA ALA A . n 
A 1 133 PHE 133 142 142 PHE PHE A . n 
A 1 134 ALA 134 143 143 ALA ALA A . n 
A 1 135 GLY 135 144 144 GLY GLY A . n 
A 1 136 ASP 136 145 145 ASP ASP A . n 
A 1 137 GLN 137 146 146 GLN GLN A . n 
A 1 138 ASP 138 147 147 ASP ASP A . n 
A 1 139 VAL 139 148 148 VAL VAL A . n 
A 1 140 THR 140 149 149 THR THR A . n 
A 1 141 ARG 141 150 150 ARG ARG A . n 
A 1 142 GLU 142 151 151 GLU GLU A . n 
A 1 143 ALA 143 152 152 ALA ALA A . n 
A 1 144 ALA 144 153 153 ALA ALA A . n 
A 1 145 SER 145 154 154 SER SER A . n 
A 1 146 ASN 146 155 155 ASN ASN A . n 
A 1 147 GLY 147 156 156 GLY GLY A . n 
A 1 148 VAL 148 157 157 VAL VAL A . n 
A 1 149 LEU 149 158 158 LEU LEU A . n 
A 1 150 ILE 150 159 159 ILE ILE A . n 
A 1 151 GLN 151 160 160 GLN GLN A . n 
A 1 152 MET 152 161 161 MET MET A . n 
A 1 153 GLU 153 162 162 GLU GLU A . n 
A 1 154 LYS 154 163 163 LYS LYS A . n 
A 1 155 GLY 155 164 164 GLY GLY A . n 
A 1 156 ASP 156 165 165 ASP ASP A . n 
A 1 157 ARG 157 166 166 ARG ARG A . n 
A 1 158 ALA 158 167 167 ALA ALA A . n 
A 1 159 TYR 159 168 168 TYR TYR A . n 
A 1 160 LEU 160 169 169 LEU LEU A . n 
A 1 161 LYS 161 170 170 LYS LYS A . n 
A 1 162 LEU 162 171 171 LEU LEU A . n 
A 1 163 GLU 163 172 172 GLU GLU A . n 
A 1 164 ARG 164 173 173 ARG ARG A . n 
A 1 165 GLY 165 174 174 GLY GLY A . n 
A 1 166 ASN 166 175 175 ASN ASN A . n 
A 1 167 LEU 167 176 176 LEU LEU A . n 
A 1 168 MET 168 177 177 MET MET A . n 
A 1 169 GLY 169 178 178 GLY GLY A . n 
A 1 170 GLY 170 179 179 GLY GLY A . n 
A 1 171 TRP 171 180 180 TRP TRP A . n 
A 1 172 LYS 172 181 181 LYS LYS A . n 
A 1 173 TYR 173 182 182 TYR TYR A . n 
A 1 174 SER 174 183 183 SER SER A . n 
A 1 175 THR 175 184 184 THR THR A . n 
A 1 176 PHE 176 185 185 PHE PHE A . n 
A 1 177 SER 177 186 186 SER SER A . n 
A 1 178 GLY 178 187 187 GLY GLY A . n 
A 1 179 PHE 179 188 188 PHE PHE A . n 
A 1 180 LEU 180 189 189 LEU LEU A . n 
A 1 181 VAL 181 190 190 VAL VAL A . n 
A 1 182 PHE 182 191 191 PHE PHE A . n 
A 1 183 PRO 183 192 192 PRO PRO A . n 
A 1 184 LEU 184 193 193 LEU LEU A . n 
# 
loop_
_pdbx_branch_scheme.asym_id 
_pdbx_branch_scheme.entity_id 
_pdbx_branch_scheme.mon_id 
_pdbx_branch_scheme.num 
_pdbx_branch_scheme.pdb_asym_id 
_pdbx_branch_scheme.pdb_mon_id 
_pdbx_branch_scheme.pdb_seq_num 
_pdbx_branch_scheme.auth_asym_id 
_pdbx_branch_scheme.auth_mon_id 
_pdbx_branch_scheme.auth_seq_num 
_pdbx_branch_scheme.hetero 
B 2 NAG 1 B NAG 1 A NAG 199 n 
B 2 NAG 2 B NAG 2 A NAG 200 n 
# 
loop_
_pdbx_nonpoly_scheme.asym_id 
_pdbx_nonpoly_scheme.entity_id 
_pdbx_nonpoly_scheme.mon_id 
_pdbx_nonpoly_scheme.ndb_seq_num 
_pdbx_nonpoly_scheme.pdb_seq_num 
_pdbx_nonpoly_scheme.auth_seq_num 
_pdbx_nonpoly_scheme.pdb_mon_id 
_pdbx_nonpoly_scheme.auth_mon_id 
_pdbx_nonpoly_scheme.pdb_strand_id 
_pdbx_nonpoly_scheme.pdb_ins_code 
C 3 HOH 1  301 31 HOH HOH A . 
C 3 HOH 2  302 50 HOH HOH A . 
C 3 HOH 3  303 33 HOH HOH A . 
C 3 HOH 4  304 22 HOH HOH A . 
C 3 HOH 5  305 1  HOH HOH A . 
C 3 HOH 6  306 34 HOH HOH A . 
C 3 HOH 7  307 10 HOH HOH A . 
C 3 HOH 8  308 5  HOH HOH A . 
C 3 HOH 9  309 30 HOH HOH A . 
C 3 HOH 10 310 60 HOH HOH A . 
C 3 HOH 11 311 14 HOH HOH A . 
C 3 HOH 12 312 44 HOH HOH A . 
C 3 HOH 13 313 20 HOH HOH A . 
C 3 HOH 14 314 54 HOH HOH A . 
C 3 HOH 15 315 13 HOH HOH A . 
C 3 HOH 16 316 9  HOH HOH A . 
C 3 HOH 17 317 45 HOH HOH A . 
C 3 HOH 18 318 37 HOH HOH A . 
C 3 HOH 19 319 3  HOH HOH A . 
C 3 HOH 20 320 16 HOH HOH A . 
C 3 HOH 21 321 12 HOH HOH A . 
C 3 HOH 22 322 23 HOH HOH A . 
C 3 HOH 23 323 2  HOH HOH A . 
C 3 HOH 24 324 8  HOH HOH A . 
C 3 HOH 25 325 18 HOH HOH A . 
C 3 HOH 26 326 17 HOH HOH A . 
C 3 HOH 27 327 6  HOH HOH A . 
C 3 HOH 28 328 4  HOH HOH A . 
C 3 HOH 29 329 24 HOH HOH A . 
C 3 HOH 30 330 41 HOH HOH A . 
C 3 HOH 31 331 48 HOH HOH A . 
C 3 HOH 32 332 47 HOH HOH A . 
C 3 HOH 33 333 21 HOH HOH A . 
C 3 HOH 34 334 15 HOH HOH A . 
C 3 HOH 35 335 36 HOH HOH A . 
C 3 HOH 36 336 11 HOH HOH A . 
C 3 HOH 37 337 51 HOH HOH A . 
C 3 HOH 38 338 56 HOH HOH A . 
C 3 HOH 39 339 7  HOH HOH A . 
C 3 HOH 40 340 28 HOH HOH A . 
C 3 HOH 41 341 19 HOH HOH A . 
C 3 HOH 42 342 57 HOH HOH A . 
C 3 HOH 43 343 26 HOH HOH A . 
C 3 HOH 44 344 59 HOH HOH A . 
C 3 HOH 45 345 39 HOH HOH A . 
C 3 HOH 46 346 52 HOH HOH A . 
C 3 HOH 47 347 46 HOH HOH A . 
C 3 HOH 48 348 58 HOH HOH A . 
C 3 HOH 49 349 55 HOH HOH A . 
C 3 HOH 50 350 53 HOH HOH A . 
C 3 HOH 51 351 49 HOH HOH A . 
C 3 HOH 52 352 29 HOH HOH A . 
C 3 HOH 53 353 32 HOH HOH A . 
C 3 HOH 54 354 27 HOH HOH A . 
C 3 HOH 55 355 25 HOH HOH A . 
C 3 HOH 56 356 40 HOH HOH A . 
C 3 HOH 57 357 43 HOH HOH A . 
C 3 HOH 58 358 38 HOH HOH A . 
C 3 HOH 59 359 35 HOH HOH A . 
C 3 HOH 60 360 42 HOH HOH A . 
# 
loop_
_software.citation_id 
_software.classification 
_software.compiler_name 
_software.compiler_version 
_software.contact_author 
_software.contact_author_email 
_software.date 
_software.description 
_software.dependencies 
_software.hardware 
_software.language 
_software.location 
_software.mods 
_software.name 
_software.os 
_software.os_version 
_software.type 
_software.version 
_software.pdbx_ordinal 
? refinement ? ? ? ? ? ? ? ? ? ? ? REFMAC ? ? ? 5.8.0155 1 
? phasing    ? ? ? ? ? ? ? ? ? ? ? PHASER ? ? ? .        2 
# 
_cell.angle_alpha                  90.00 
_cell.angle_alpha_esd              ? 
_cell.angle_beta                   90.00 
_cell.angle_beta_esd               ? 
_cell.angle_gamma                  120.00 
_cell.angle_gamma_esd              ? 
_cell.entry_id                     5H48 
_cell.details                      ? 
_cell.formula_units_Z              ? 
_cell.length_a                     82.981 
_cell.length_a_esd                 ? 
_cell.length_b                     82.981 
_cell.length_b_esd                 ? 
_cell.length_c                     50.543 
_cell.length_c_esd                 ? 
_cell.volume                       ? 
_cell.volume_esd                   ? 
_cell.Z_PDB                        6 
_cell.reciprocal_angle_alpha       ? 
_cell.reciprocal_angle_beta        ? 
_cell.reciprocal_angle_gamma       ? 
_cell.reciprocal_angle_alpha_esd   ? 
_cell.reciprocal_angle_beta_esd    ? 
_cell.reciprocal_angle_gamma_esd   ? 
_cell.reciprocal_length_a          ? 
_cell.reciprocal_length_b          ? 
_cell.reciprocal_length_c          ? 
_cell.reciprocal_length_a_esd      ? 
_cell.reciprocal_length_b_esd      ? 
_cell.reciprocal_length_c_esd      ? 
_cell.pdbx_unique_axis             ? 
# 
_symmetry.entry_id                         5H48 
_symmetry.cell_setting                     ? 
_symmetry.Int_Tables_number                168 
_symmetry.space_group_name_Hall            ? 
_symmetry.space_group_name_H-M             'P 6' 
_symmetry.pdbx_full_space_group_name_H-M   ? 
# 
_exptl.absorpt_coefficient_mu     ? 
_exptl.absorpt_correction_T_max   ? 
_exptl.absorpt_correction_T_min   ? 
_exptl.absorpt_correction_type    ? 
_exptl.absorpt_process_details    ? 
_exptl.entry_id                   5H48 
_exptl.crystals_number            1 
_exptl.details                    ? 
_exptl.method                     'X-RAY DIFFRACTION' 
_exptl.method_details             ? 
# 
_exptl_crystal.colour                      ? 
_exptl_crystal.density_diffrn              ? 
_exptl_crystal.density_Matthews            2.46 
_exptl_crystal.density_method              ? 
_exptl_crystal.density_percent_sol         50.00 
_exptl_crystal.description                 ? 
_exptl_crystal.F_000                       ? 
_exptl_crystal.id                          1 
_exptl_crystal.preparation                 ? 
_exptl_crystal.size_max                    ? 
_exptl_crystal.size_mid                    ? 
_exptl_crystal.size_min                    ? 
_exptl_crystal.size_rad                    ? 
_exptl_crystal.colour_lustre               ? 
_exptl_crystal.colour_modifier             ? 
_exptl_crystal.colour_primary              ? 
_exptl_crystal.density_meas                ? 
_exptl_crystal.density_meas_esd            ? 
_exptl_crystal.density_meas_gt             ? 
_exptl_crystal.density_meas_lt             ? 
_exptl_crystal.density_meas_temp           ? 
_exptl_crystal.density_meas_temp_esd       ? 
_exptl_crystal.density_meas_temp_gt        ? 
_exptl_crystal.density_meas_temp_lt        ? 
_exptl_crystal.pdbx_crystal_image_url      ? 
_exptl_crystal.pdbx_crystal_image_format   ? 
_exptl_crystal.pdbx_mosaicity              ? 
_exptl_crystal.pdbx_mosaicity_esd          ? 
# 
_exptl_crystal_grow.apparatus       ? 
_exptl_crystal_grow.atmosphere      ? 
_exptl_crystal_grow.crystal_id      1 
_exptl_crystal_grow.details         ? 
_exptl_crystal_grow.method          'VAPOR DIFFUSION, HANGING DROP' 
_exptl_crystal_grow.method_ref      ? 
_exptl_crystal_grow.pH              ? 
_exptl_crystal_grow.pressure        ? 
_exptl_crystal_grow.pressure_esd    ? 
_exptl_crystal_grow.seeding         ? 
_exptl_crystal_grow.seeding_ref     ? 
_exptl_crystal_grow.temp            298 
_exptl_crystal_grow.temp_details    ? 
_exptl_crystal_grow.temp_esd        ? 
_exptl_crystal_grow.time            ? 
_exptl_crystal_grow.pdbx_details    '0.2 M Sodium tartrate dibasic dihydrate, 20% PEG3350, pH 7.3' 
_exptl_crystal_grow.pdbx_pH_range   ? 
# 
_diffrn.ambient_environment    ? 
_diffrn.ambient_temp           100 
_diffrn.ambient_temp_details   ? 
_diffrn.ambient_temp_esd       ? 
_diffrn.crystal_id             1 
_diffrn.crystal_support        ? 
_diffrn.crystal_treatment      ? 
_diffrn.details                ? 
_diffrn.id                     1 
_diffrn.ambient_pressure       ? 
_diffrn.ambient_pressure_esd   ? 
_diffrn.ambient_pressure_gt    ? 
_diffrn.ambient_pressure_lt    ? 
_diffrn.ambient_temp_gt        ? 
_diffrn.ambient_temp_lt        ? 
# 
_diffrn_detector.details                      ? 
_diffrn_detector.detector                     CCD 
_diffrn_detector.diffrn_id                    1 
_diffrn_detector.type                         'RAYONIX MX-325' 
_diffrn_detector.area_resol_mean              ? 
_diffrn_detector.dtime                        ? 
_diffrn_detector.pdbx_frames_total            ? 
_diffrn_detector.pdbx_collection_time_total   ? 
_diffrn_detector.pdbx_collection_date         2014-10-31 
# 
_diffrn_radiation.collimation                      ? 
_diffrn_radiation.diffrn_id                        1 
_diffrn_radiation.filter_edge                      ? 
_diffrn_radiation.inhomogeneity                    ? 
_diffrn_radiation.monochromator                    ? 
_diffrn_radiation.polarisn_norm                    ? 
_diffrn_radiation.polarisn_ratio                   ? 
_diffrn_radiation.probe                            ? 
_diffrn_radiation.type                             ? 
_diffrn_radiation.xray_symbol                      ? 
_diffrn_radiation.wavelength_id                    1 
_diffrn_radiation.pdbx_monochromatic_or_laue_m_l   M 
_diffrn_radiation.pdbx_wavelength_list             ? 
_diffrn_radiation.pdbx_wavelength                  ? 
_diffrn_radiation.pdbx_diffrn_protocol             'SINGLE WAVELENGTH' 
_diffrn_radiation.pdbx_analyzer                    ? 
_diffrn_radiation.pdbx_scattering_type             x-ray 
# 
_diffrn_radiation_wavelength.id           1 
_diffrn_radiation_wavelength.wavelength   0.9199 
_diffrn_radiation_wavelength.wt           1.0 
# 
_diffrn_source.current                     ? 
_diffrn_source.details                     ? 
_diffrn_source.diffrn_id                   1 
_diffrn_source.power                       ? 
_diffrn_source.size                        ? 
_diffrn_source.source                      SYNCHROTRON 
_diffrn_source.target                      ? 
_diffrn_source.type                        'SSRF BEAMLINE BL17U1' 
_diffrn_source.voltage                     ? 
_diffrn_source.take-off_angle              ? 
_diffrn_source.pdbx_wavelength_list        0.9199 
_diffrn_source.pdbx_wavelength             ? 
_diffrn_source.pdbx_synchrotron_beamline   BL17U1 
_diffrn_source.pdbx_synchrotron_site       SSRF 
# 
_reflns.B_iso_Wilson_estimate            ? 
_reflns.entry_id                         5H48 
_reflns.data_reduction_details           ? 
_reflns.data_reduction_method            ? 
_reflns.d_resolution_high                2.20 
_reflns.d_resolution_low                 71.86 
_reflns.details                          ? 
_reflns.limit_h_max                      ? 
_reflns.limit_h_min                      ? 
_reflns.limit_k_max                      ? 
_reflns.limit_k_min                      ? 
_reflns.limit_l_max                      ? 
_reflns.limit_l_min                      ? 
_reflns.number_all                       ? 
_reflns.number_obs                       9670 
_reflns.observed_criterion               ? 
_reflns.observed_criterion_F_max         ? 
_reflns.observed_criterion_F_min         ? 
_reflns.observed_criterion_I_max         ? 
_reflns.observed_criterion_I_min         ? 
_reflns.observed_criterion_sigma_F       ? 
_reflns.observed_criterion_sigma_I       ? 
_reflns.percent_possible_obs             94.7 
_reflns.R_free_details                   ? 
_reflns.Rmerge_F_all                     ? 
_reflns.Rmerge_F_obs                     ? 
_reflns.Friedel_coverage                 ? 
_reflns.number_gt                        ? 
_reflns.threshold_expression             ? 
_reflns.pdbx_redundancy                  3.9 
_reflns.pdbx_Rmerge_I_obs                ? 
_reflns.pdbx_Rmerge_I_all                ? 
_reflns.pdbx_Rsym_value                  ? 
_reflns.pdbx_netI_over_av_sigmaI         ? 
_reflns.pdbx_netI_over_sigmaI            13.1 
_reflns.pdbx_res_netI_over_av_sigmaI_2   ? 
_reflns.pdbx_res_netI_over_sigmaI_2      ? 
_reflns.pdbx_chi_squared                 ? 
_reflns.pdbx_scaling_rejects             ? 
_reflns.pdbx_d_res_high_opt              ? 
_reflns.pdbx_d_res_low_opt               ? 
_reflns.pdbx_d_res_opt_method            ? 
_reflns.phase_calculation_details        ? 
_reflns.pdbx_Rrim_I_all                  ? 
_reflns.pdbx_Rpim_I_all                  ? 
_reflns.pdbx_d_opt                       ? 
_reflns.pdbx_number_measured_all         ? 
_reflns.pdbx_diffrn_id                   1 
_reflns.pdbx_ordinal                     1 
_reflns.pdbx_CC_half                     ? 
_reflns.pdbx_R_split                     ? 
# 
_reflns_shell.d_res_high                  . 
_reflns_shell.d_res_low                   ? 
_reflns_shell.meanI_over_sigI_all         ? 
_reflns_shell.meanI_over_sigI_obs         ? 
_reflns_shell.number_measured_all         ? 
_reflns_shell.number_measured_obs         ? 
_reflns_shell.number_possible             ? 
_reflns_shell.number_unique_all           ? 
_reflns_shell.number_unique_obs           ? 
_reflns_shell.percent_possible_all        ? 
_reflns_shell.percent_possible_obs        ? 
_reflns_shell.Rmerge_F_all                ? 
_reflns_shell.Rmerge_F_obs                ? 
_reflns_shell.Rmerge_I_all                ? 
_reflns_shell.Rmerge_I_obs                ? 
_reflns_shell.meanI_over_sigI_gt          ? 
_reflns_shell.meanI_over_uI_all           ? 
_reflns_shell.meanI_over_uI_gt            ? 
_reflns_shell.number_measured_gt          ? 
_reflns_shell.number_unique_gt            ? 
_reflns_shell.percent_possible_gt         ? 
_reflns_shell.Rmerge_F_gt                 ? 
_reflns_shell.Rmerge_I_gt                 ? 
_reflns_shell.pdbx_redundancy             ? 
_reflns_shell.pdbx_Rsym_value             ? 
_reflns_shell.pdbx_chi_squared            ? 
_reflns_shell.pdbx_netI_over_sigmaI_all   ? 
_reflns_shell.pdbx_netI_over_sigmaI_obs   ? 
_reflns_shell.pdbx_Rrim_I_all             ? 
_reflns_shell.pdbx_Rpim_I_all             ? 
_reflns_shell.pdbx_rejects                ? 
_reflns_shell.pdbx_ordinal                1 
_reflns_shell.pdbx_diffrn_id              1 
_reflns_shell.pdbx_CC_half                ? 
_reflns_shell.pdbx_R_split                ? 
# 
_refine.aniso_B[1][1]                            0.41 
_refine.aniso_B[1][2]                            0.20 
_refine.aniso_B[1][3]                            0.00 
_refine.aniso_B[2][2]                            0.41 
_refine.aniso_B[2][3]                            0.00 
_refine.aniso_B[3][3]                            -1.32 
_refine.B_iso_max                                ? 
_refine.B_iso_mean                               35.338 
_refine.B_iso_min                                ? 
_refine.correlation_coeff_Fo_to_Fc               0.963 
_refine.correlation_coeff_Fo_to_Fc_free          0.937 
_refine.details                                  'HYDROGENS HAVE BEEN ADDED IN THE RIDING POSITIONS' 
_refine.diff_density_max                         ? 
_refine.diff_density_max_esd                     ? 
_refine.diff_density_min                         ? 
_refine.diff_density_min_esd                     ? 
_refine.diff_density_rms                         ? 
_refine.diff_density_rms_esd                     ? 
_refine.entry_id                                 5H48 
_refine.pdbx_refine_id                           'X-RAY DIFFRACTION' 
_refine.ls_abs_structure_details                 ? 
_refine.ls_abs_structure_Flack                   ? 
_refine.ls_abs_structure_Flack_esd               ? 
_refine.ls_abs_structure_Rogers                  ? 
_refine.ls_abs_structure_Rogers_esd              ? 
_refine.ls_d_res_high                            2.20 
_refine.ls_d_res_low                             71.86 
_refine.ls_extinction_coef                       ? 
_refine.ls_extinction_coef_esd                   ? 
_refine.ls_extinction_expression                 ? 
_refine.ls_extinction_method                     ? 
_refine.ls_goodness_of_fit_all                   ? 
_refine.ls_goodness_of_fit_all_esd               ? 
_refine.ls_goodness_of_fit_obs                   ? 
_refine.ls_goodness_of_fit_obs_esd               ? 
_refine.ls_hydrogen_treatment                    ? 
_refine.ls_matrix_type                           ? 
_refine.ls_number_constraints                    ? 
_refine.ls_number_parameters                     ? 
_refine.ls_number_reflns_all                     ? 
_refine.ls_number_reflns_obs                     9140 
_refine.ls_number_reflns_R_free                  435 
_refine.ls_number_reflns_R_work                  ? 
_refine.ls_number_restraints                     ? 
_refine.ls_percent_reflns_obs                    93.78 
_refine.ls_percent_reflns_R_free                 4.5 
_refine.ls_R_factor_all                          ? 
_refine.ls_R_factor_obs                          0.16476 
_refine.ls_R_factor_R_free                       0.20297 
_refine.ls_R_factor_R_free_error                 ? 
_refine.ls_R_factor_R_free_error_details         ? 
_refine.ls_R_factor_R_work                       0.16307 
_refine.ls_R_Fsqd_factor_obs                     ? 
_refine.ls_R_I_factor_obs                        ? 
_refine.ls_redundancy_reflns_all                 ? 
_refine.ls_redundancy_reflns_obs                 ? 
_refine.ls_restrained_S_all                      ? 
_refine.ls_restrained_S_obs                      ? 
_refine.ls_shift_over_esd_max                    ? 
_refine.ls_shift_over_esd_mean                   ? 
_refine.ls_structure_factor_coef                 ? 
_refine.ls_weighting_details                     ? 
_refine.ls_weighting_scheme                      ? 
_refine.ls_wR_factor_all                         ? 
_refine.ls_wR_factor_obs                         ? 
_refine.ls_wR_factor_R_free                      ? 
_refine.ls_wR_factor_R_work                      ? 
_refine.occupancy_max                            ? 
_refine.occupancy_min                            ? 
_refine.solvent_model_details                    MASK 
_refine.solvent_model_param_bsol                 ? 
_refine.solvent_model_param_ksol                 ? 
_refine.ls_R_factor_gt                           ? 
_refine.ls_goodness_of_fit_gt                    ? 
_refine.ls_goodness_of_fit_ref                   ? 
_refine.ls_shift_over_su_max                     ? 
_refine.ls_shift_over_su_max_lt                  ? 
_refine.ls_shift_over_su_mean                    ? 
_refine.ls_shift_over_su_mean_lt                 ? 
_refine.pdbx_ls_sigma_I                          ? 
_refine.pdbx_ls_sigma_F                          ? 
_refine.pdbx_ls_sigma_Fsqd                       ? 
_refine.pdbx_data_cutoff_high_absF               ? 
_refine.pdbx_data_cutoff_high_rms_absF           ? 
_refine.pdbx_data_cutoff_low_absF                ? 
_refine.pdbx_isotropic_thermal_model             ? 
_refine.pdbx_ls_cross_valid_method               THROUGHOUT 
_refine.pdbx_method_to_determine_struct          'MOLECULAR REPLACEMENT' 
_refine.pdbx_starting_model                      4NN0 
_refine.pdbx_stereochemistry_target_values       'MAXIMUM LIKELIHOOD' 
_refine.pdbx_R_Free_selection_details            RANDOM 
_refine.pdbx_stereochem_target_val_spec_case     ? 
_refine.pdbx_overall_ESU_R                       0.192 
_refine.pdbx_overall_ESU_R_Free                  0.166 
_refine.pdbx_solvent_vdw_probe_radii             1.20 
_refine.pdbx_solvent_ion_probe_radii             0.80 
_refine.pdbx_solvent_shrinkage_radii             0.80 
_refine.pdbx_real_space_R                        ? 
_refine.pdbx_density_correlation                 ? 
_refine.pdbx_pd_number_of_powder_patterns        ? 
_refine.pdbx_pd_number_of_points                 ? 
_refine.pdbx_pd_meas_number_of_points            ? 
_refine.pdbx_pd_proc_ls_prof_R_factor            ? 
_refine.pdbx_pd_proc_ls_prof_wR_factor           ? 
_refine.pdbx_pd_Marquardt_correlation_coeff      ? 
_refine.pdbx_pd_Fsqrd_R_factor                   ? 
_refine.pdbx_pd_ls_matrix_band_width             ? 
_refine.pdbx_overall_phase_error                 ? 
_refine.pdbx_overall_SU_R_free_Cruickshank_DPI   ? 
_refine.pdbx_overall_SU_R_free_Blow_DPI          ? 
_refine.pdbx_overall_SU_R_Blow_DPI               ? 
_refine.pdbx_TLS_residual_ADP_flag               ? 
_refine.pdbx_diffrn_id                           1 
_refine.overall_SU_B                             4.473 
_refine.overall_SU_ML                            0.112 
_refine.overall_SU_R_Cruickshank_DPI             ? 
_refine.overall_SU_R_free                        ? 
_refine.overall_FOM_free_R_set                   ? 
_refine.overall_FOM_work_R_set                   ? 
_refine.pdbx_average_fsc_overall                 ? 
_refine.pdbx_average_fsc_work                    ? 
_refine.pdbx_average_fsc_free                    ? 
# 
_refine_hist.pdbx_refine_id                   'X-RAY DIFFRACTION' 
_refine_hist.cycle_id                         1 
_refine_hist.pdbx_number_atoms_protein        1078 
_refine_hist.pdbx_number_atoms_nucleic_acid   0 
_refine_hist.pdbx_number_atoms_ligand         28 
_refine_hist.number_atoms_solvent             60 
_refine_hist.number_atoms_total               1166 
_refine_hist.d_res_high                       2.20 
_refine_hist.d_res_low                        71.86 
# 
loop_
_refine_ls_restr.pdbx_refine_id 
_refine_ls_restr.criterion 
_refine_ls_restr.dev_ideal 
_refine_ls_restr.dev_ideal_target 
_refine_ls_restr.number 
_refine_ls_restr.rejects 
_refine_ls_restr.type 
_refine_ls_restr.weight 
_refine_ls_restr.pdbx_restraint_function 
'X-RAY DIFFRACTION' ? 0.014  0.019  1144 ? r_bond_refined_d             ? ? 
'X-RAY DIFFRACTION' ? 0.001  0.020  1071 ? r_bond_other_d               ? ? 
'X-RAY DIFFRACTION' ? 1.567  1.958  1549 ? r_angle_refined_deg          ? ? 
'X-RAY DIFFRACTION' ? 0.791  3.000  2453 ? r_angle_other_deg            ? ? 
'X-RAY DIFFRACTION' ? 7.382  5.000  137  ? r_dihedral_angle_1_deg       ? ? 
'X-RAY DIFFRACTION' ? 34.730 23.333 54   ? r_dihedral_angle_2_deg       ? ? 
'X-RAY DIFFRACTION' ? 15.133 15.000 186  ? r_dihedral_angle_3_deg       ? ? 
'X-RAY DIFFRACTION' ? 18.701 15.000 8    ? r_dihedral_angle_4_deg       ? ? 
'X-RAY DIFFRACTION' ? 0.093  0.200  170  ? r_chiral_restr               ? ? 
'X-RAY DIFFRACTION' ? 0.010  0.020  1302 ? r_gen_planes_refined         ? ? 
'X-RAY DIFFRACTION' ? 0.002  0.020  290  ? r_gen_planes_other           ? ? 
'X-RAY DIFFRACTION' ? ?      ?      ?    ? r_nbd_refined                ? ? 
'X-RAY DIFFRACTION' ? ?      ?      ?    ? r_nbd_other                  ? ? 
'X-RAY DIFFRACTION' ? ?      ?      ?    ? r_nbtor_refined              ? ? 
'X-RAY DIFFRACTION' ? ?      ?      ?    ? r_nbtor_other                ? ? 
'X-RAY DIFFRACTION' ? ?      ?      ?    ? r_xyhbond_nbd_refined        ? ? 
'X-RAY DIFFRACTION' ? ?      ?      ?    ? r_xyhbond_nbd_other          ? ? 
'X-RAY DIFFRACTION' ? ?      ?      ?    ? r_metal_ion_refined          ? ? 
'X-RAY DIFFRACTION' ? ?      ?      ?    ? r_metal_ion_other            ? ? 
'X-RAY DIFFRACTION' ? ?      ?      ?    ? r_symmetry_vdw_refined       ? ? 
'X-RAY DIFFRACTION' ? ?      ?      ?    ? r_symmetry_vdw_other         ? ? 
'X-RAY DIFFRACTION' ? ?      ?      ?    ? r_symmetry_hbond_refined     ? ? 
'X-RAY DIFFRACTION' ? ?      ?      ?    ? r_symmetry_hbond_other       ? ? 
'X-RAY DIFFRACTION' ? ?      ?      ?    ? r_symmetry_metal_ion_refined ? ? 
'X-RAY DIFFRACTION' ? ?      ?      ?    ? r_symmetry_metal_ion_other   ? ? 
'X-RAY DIFFRACTION' ? 3.028  3.138  548  ? r_mcbond_it                  ? ? 
'X-RAY DIFFRACTION' ? 3.018  3.136  547  ? r_mcbond_other               ? ? 
'X-RAY DIFFRACTION' ? 4.068  4.681  685  ? r_mcangle_it                 ? ? 
'X-RAY DIFFRACTION' ? 4.068  4.682  686  ? r_mcangle_other              ? ? 
'X-RAY DIFFRACTION' ? 4.408  3.846  596  ? r_scbond_it                  ? ? 
'X-RAY DIFFRACTION' ? 4.404  3.852  597  ? r_scbond_other               ? ? 
'X-RAY DIFFRACTION' ? ?      ?      ?    ? r_scangle_it                 ? ? 
'X-RAY DIFFRACTION' ? 6.618  5.607  865  ? r_scangle_other              ? ? 
'X-RAY DIFFRACTION' ? 8.443  62.982 4687 ? r_long_range_B_refined       ? ? 
'X-RAY DIFFRACTION' ? 8.427  62.942 4671 ? r_long_range_B_other         ? ? 
'X-RAY DIFFRACTION' ? ?      ?      ?    ? r_rigid_bond_restr           ? ? 
'X-RAY DIFFRACTION' ? ?      ?      ?    ? r_sphericity_free            ? ? 
'X-RAY DIFFRACTION' ? ?      ?      ?    ? r_sphericity_bonded          ? ? 
# 
_refine_ls_shell.pdbx_refine_id                   'X-RAY DIFFRACTION' 
_refine_ls_shell.d_res_high                       2.201 
_refine_ls_shell.d_res_low                        2.258 
_refine_ls_shell.number_reflns_all                ? 
_refine_ls_shell.number_reflns_obs                ? 
_refine_ls_shell.number_reflns_R_free             41 
_refine_ls_shell.number_reflns_R_work             637 
_refine_ls_shell.percent_reflns_obs               90.64 
_refine_ls_shell.percent_reflns_R_free            ? 
_refine_ls_shell.R_factor_all                     ? 
_refine_ls_shell.R_factor_obs                     ? 
_refine_ls_shell.R_factor_R_free                  0.250 
_refine_ls_shell.R_factor_R_free_error            ? 
_refine_ls_shell.R_factor_R_work                  0.214 
_refine_ls_shell.redundancy_reflns_all            ? 
_refine_ls_shell.redundancy_reflns_obs            ? 
_refine_ls_shell.wR_factor_all                    ? 
_refine_ls_shell.wR_factor_obs                    ? 
_refine_ls_shell.wR_factor_R_free                 ? 
_refine_ls_shell.wR_factor_R_work                 ? 
_refine_ls_shell.pdbx_total_number_of_bins_used   20 
_refine_ls_shell.pdbx_phase_error                 ? 
_refine_ls_shell.pdbx_fsc_work                    ? 
_refine_ls_shell.pdbx_fsc_free                    ? 
# 
_struct.entry_id                     5H48 
_struct.title                        'Crystal structure of Cbln1' 
_struct.pdbx_model_details           ? 
_struct.pdbx_formula_weight          ? 
_struct.pdbx_formula_weight_method   ? 
_struct.pdbx_model_type_details      ? 
_struct.pdbx_CASP_flag               N 
# 
_struct_keywords.entry_id        5H48 
_struct_keywords.text            'C1q domain, C1q/TNF superfamily, receptor specificity, synaptogenesis, PROTEIN BINDING' 
_struct_keywords.pdbx_keywords   'PROTEIN BINDING' 
# 
loop_
_struct_asym.id 
_struct_asym.pdbx_blank_PDB_chainid_flag 
_struct_asym.pdbx_modified 
_struct_asym.entity_id 
_struct_asym.details 
A N N 1 ? 
B N N 2 ? 
C N N 3 ? 
# 
_struct_ref.id                         1 
_struct_ref.db_name                    UNP 
_struct_ref.db_code                    CBLN1_RAT 
_struct_ref.pdbx_db_accession          P63182 
_struct_ref.pdbx_db_isoform            ? 
_struct_ref.entity_id                  1 
_struct_ref.pdbx_seq_one_letter_code   
;QNETEPIVLEGKCLVVCDSNPTSDPTGTALGISVRSGSAKVAFSAIRSTNHEPSEMSNRTMIIYFDQVLVNIGNNFDSER
STFIAPRKGIYSFNFHVVKVYNRQTIQVSLMLNGWPVISAFAGDQDVTREAASNGVLIQMEKGDRAYLKLERGNLMGGWK
YSTFSGFLVFPL
;
_struct_ref.pdbx_align_begin           22 
# 
_struct_ref_seq.align_id                      1 
_struct_ref_seq.ref_id                        1 
_struct_ref_seq.pdbx_PDB_id_code              5H48 
_struct_ref_seq.pdbx_strand_id                A 
_struct_ref_seq.seq_align_beg                 13 
_struct_ref_seq.pdbx_seq_align_beg_ins_code   ? 
_struct_ref_seq.seq_align_end                 184 
_struct_ref_seq.pdbx_seq_align_end_ins_code   ? 
_struct_ref_seq.pdbx_db_accession             P63182 
_struct_ref_seq.db_align_beg                  22 
_struct_ref_seq.pdbx_db_align_beg_ins_code    ? 
_struct_ref_seq.db_align_end                  193 
_struct_ref_seq.pdbx_db_align_end_ins_code    ? 
_struct_ref_seq.pdbx_auth_seq_align_beg       22 
_struct_ref_seq.pdbx_auth_seq_align_end       193 
# 
loop_
_struct_ref_seq_dif.align_id 
_struct_ref_seq_dif.pdbx_pdb_id_code 
_struct_ref_seq_dif.mon_id 
_struct_ref_seq_dif.pdbx_pdb_strand_id 
_struct_ref_seq_dif.seq_num 
_struct_ref_seq_dif.pdbx_pdb_ins_code 
_struct_ref_seq_dif.pdbx_seq_db_name 
_struct_ref_seq_dif.pdbx_seq_db_accession_code 
_struct_ref_seq_dif.db_mon_id 
_struct_ref_seq_dif.pdbx_seq_db_seq_num 
_struct_ref_seq_dif.details 
_struct_ref_seq_dif.pdbx_auth_seq_num 
_struct_ref_seq_dif.pdbx_ordinal 
1 5H48 GLY A 1  ? UNP P63182 ? ? 'expression tag' 10 1  
1 5H48 THR A 2  ? UNP P63182 ? ? 'expression tag' 11 2  
1 5H48 HIS A 3  ? UNP P63182 ? ? 'expression tag' 12 3  
1 5H48 HIS A 4  ? UNP P63182 ? ? 'expression tag' 13 4  
1 5H48 HIS A 5  ? UNP P63182 ? ? 'expression tag' 14 5  
1 5H48 HIS A 6  ? UNP P63182 ? ? 'expression tag' 15 6  
1 5H48 HIS A 7  ? UNP P63182 ? ? 'expression tag' 16 7  
1 5H48 HIS A 8  ? UNP P63182 ? ? 'expression tag' 17 8  
1 5H48 HIS A 9  ? UNP P63182 ? ? 'expression tag' 18 9  
1 5H48 HIS A 10 ? UNP P63182 ? ? 'expression tag' 19 10 
1 5H48 GLY A 11 ? UNP P63182 ? ? 'expression tag' 20 11 
1 5H48 SER A 12 ? UNP P63182 ? ? 'expression tag' 21 12 
# 
_pdbx_struct_assembly.id                   1 
_pdbx_struct_assembly.details              author_and_software_defined_assembly 
_pdbx_struct_assembly.method_details       PISA 
_pdbx_struct_assembly.oligomeric_details   trimeric 
_pdbx_struct_assembly.oligomeric_count     3 
# 
loop_
_pdbx_struct_assembly_prop.biol_id 
_pdbx_struct_assembly_prop.type 
_pdbx_struct_assembly_prop.value 
_pdbx_struct_assembly_prop.details 
1 'ABSA (A^2)' 6330  ? 
1 MORE         -25   ? 
1 'SSA (A^2)'  16990 ? 
# 
_pdbx_struct_assembly_gen.assembly_id       1 
_pdbx_struct_assembly_gen.oper_expression   1,2,3 
_pdbx_struct_assembly_gen.asym_id_list      A,B,C 
# 
loop_
_pdbx_struct_oper_list.id 
_pdbx_struct_oper_list.type 
_pdbx_struct_oper_list.name 
_pdbx_struct_oper_list.symmetry_operation 
_pdbx_struct_oper_list.matrix[1][1] 
_pdbx_struct_oper_list.matrix[1][2] 
_pdbx_struct_oper_list.matrix[1][3] 
_pdbx_struct_oper_list.vector[1] 
_pdbx_struct_oper_list.matrix[2][1] 
_pdbx_struct_oper_list.matrix[2][2] 
_pdbx_struct_oper_list.matrix[2][3] 
_pdbx_struct_oper_list.vector[2] 
_pdbx_struct_oper_list.matrix[3][1] 
_pdbx_struct_oper_list.matrix[3][2] 
_pdbx_struct_oper_list.matrix[3][3] 
_pdbx_struct_oper_list.vector[3] 
1 'identity operation'         1_555 x,y,z       1.0000000000  0.0000000000  0.0000000000  0.0000000000  0.0000000000  1.0000000000 0.0000000000  0.0000000000  0.0000000000  0.0000000000  1.0000000000  0.0000000000  
2 'crystal symmetry operation' 2_545 -y,x-y-1,z  -0.3479998624 -0.1195620425 -0.9298392408 14.8645999052 0.8501313903  0.3778471856 -0.3667534915 5.4537312854  0.3951869367  -0.9181156912 -0.0298473232 15.9041143289 
3 'crystal symmetry operation' 3_655 -x+y+1,-x,z -0.3479998624 0.8501313903  0.3951869367  -5.7486076606 -0.1195620425 0.3778471856 -0.9181156912 14.3183818270 -0.9298392408 -0.3667534915 -0.0298473232 16.2965585216 
# 
_struct_conf.conf_type_id            HELX_P 
_struct_conf.id                      HELX_P1 
_struct_conf.pdbx_PDB_helix_id       AA1 
_struct_conf.beg_label_comp_id       SER 
_struct_conf.beg_label_asym_id       A 
_struct_conf.beg_label_seq_id        66 
_struct_conf.pdbx_beg_PDB_ins_code   ? 
_struct_conf.end_label_comp_id       MET 
_struct_conf.end_label_asym_id       A 
_struct_conf.end_label_seq_id        73 
_struct_conf.pdbx_end_PDB_ins_code   ? 
_struct_conf.beg_auth_comp_id        SER 
_struct_conf.beg_auth_asym_id        A 
_struct_conf.beg_auth_seq_id         75 
_struct_conf.end_auth_comp_id        MET 
_struct_conf.end_auth_asym_id        A 
_struct_conf.end_auth_seq_id         82 
_struct_conf.pdbx_PDB_helix_class    1 
_struct_conf.details                 ? 
_struct_conf.pdbx_PDB_helix_length   8 
# 
_struct_conf_type.id          HELX_P 
_struct_conf_type.criteria    ? 
_struct_conf_type.reference   ? 
# 
loop_
_struct_conn.id 
_struct_conn.conn_type_id 
_struct_conn.pdbx_leaving_atom_flag 
_struct_conn.pdbx_PDB_id 
_struct_conn.ptnr1_label_asym_id 
_struct_conn.ptnr1_label_comp_id 
_struct_conn.ptnr1_label_seq_id 
_struct_conn.ptnr1_label_atom_id 
_struct_conn.pdbx_ptnr1_label_alt_id 
_struct_conn.pdbx_ptnr1_PDB_ins_code 
_struct_conn.pdbx_ptnr1_standard_comp_id 
_struct_conn.ptnr1_symmetry 
_struct_conn.ptnr2_label_asym_id 
_struct_conn.ptnr2_label_comp_id 
_struct_conn.ptnr2_label_seq_id 
_struct_conn.ptnr2_label_atom_id 
_struct_conn.pdbx_ptnr2_label_alt_id 
_struct_conn.pdbx_ptnr2_PDB_ins_code 
_struct_conn.ptnr1_auth_asym_id 
_struct_conn.ptnr1_auth_comp_id 
_struct_conn.ptnr1_auth_seq_id 
_struct_conn.ptnr2_auth_asym_id 
_struct_conn.ptnr2_auth_comp_id 
_struct_conn.ptnr2_auth_seq_id 
_struct_conn.ptnr2_symmetry 
_struct_conn.pdbx_ptnr3_label_atom_id 
_struct_conn.pdbx_ptnr3_label_seq_id 
_struct_conn.pdbx_ptnr3_label_comp_id 
_struct_conn.pdbx_ptnr3_label_asym_id 
_struct_conn.pdbx_ptnr3_label_alt_id 
_struct_conn.pdbx_ptnr3_PDB_ins_code 
_struct_conn.details 
_struct_conn.pdbx_dist_value 
_struct_conn.pdbx_value_order 
_struct_conn.pdbx_role 
covale1 covale one  ? A ASN 70 ND2 ? ? ? 1_555 B NAG . C1 ? ? A ASN 79 B NAG 1 1_555 ? ? ? ? ? ? ? 1.453 ? N-Glycosylation 
covale2 covale both ? B NAG .  O4  ? ? ? 1_555 B NAG . C1 ? ? B NAG 1  B NAG 2 1_555 ? ? ? ? ? ? ? 1.443 ? ?               
# 
_struct_conn_type.id          covale 
_struct_conn_type.criteria    ? 
_struct_conn_type.reference   ? 
# 
_pdbx_modification_feature.ordinal                            1 
_pdbx_modification_feature.label_comp_id                      NAG 
_pdbx_modification_feature.label_asym_id                      B 
_pdbx_modification_feature.label_seq_id                       . 
_pdbx_modification_feature.label_alt_id                       ? 
_pdbx_modification_feature.modified_residue_label_comp_id     ASN 
_pdbx_modification_feature.modified_residue_label_asym_id     A 
_pdbx_modification_feature.modified_residue_label_seq_id      70 
_pdbx_modification_feature.modified_residue_label_alt_id      ? 
_pdbx_modification_feature.auth_comp_id                       NAG 
_pdbx_modification_feature.auth_asym_id                       B 
_pdbx_modification_feature.auth_seq_id                        1 
_pdbx_modification_feature.PDB_ins_code                       ? 
_pdbx_modification_feature.symmetry                           1_555 
_pdbx_modification_feature.modified_residue_auth_comp_id      ASN 
_pdbx_modification_feature.modified_residue_auth_asym_id      A 
_pdbx_modification_feature.modified_residue_auth_seq_id       79 
_pdbx_modification_feature.modified_residue_PDB_ins_code      ? 
_pdbx_modification_feature.modified_residue_symmetry          1_555 
_pdbx_modification_feature.comp_id_linking_atom               C1 
_pdbx_modification_feature.modified_residue_id_linking_atom   ND2 
_pdbx_modification_feature.modified_residue_id                ASN 
_pdbx_modification_feature.ref_pcm_id                         1 
_pdbx_modification_feature.ref_comp_id                        NAG 
_pdbx_modification_feature.type                               N-Glycosylation 
_pdbx_modification_feature.category                           Carbohydrate 
# 
loop_
_struct_sheet.id 
_struct_sheet.type 
_struct_sheet.number_strands 
_struct_sheet.details 
AA1 ? 5 ? 
AA2 ? 5 ? 
# 
loop_
_struct_sheet_order.sheet_id 
_struct_sheet_order.range_id_1 
_struct_sheet_order.range_id_2 
_struct_sheet_order.offset 
_struct_sheet_order.sense 
AA1 1 2 ? anti-parallel 
AA1 2 3 ? anti-parallel 
AA1 3 4 ? anti-parallel 
AA1 4 5 ? anti-parallel 
AA2 1 2 ? anti-parallel 
AA2 2 3 ? anti-parallel 
AA2 3 4 ? anti-parallel 
AA2 4 5 ? anti-parallel 
# 
loop_
_struct_sheet_range.sheet_id 
_struct_sheet_range.id 
_struct_sheet_range.beg_label_comp_id 
_struct_sheet_range.beg_label_asym_id 
_struct_sheet_range.beg_label_seq_id 
_struct_sheet_range.pdbx_beg_PDB_ins_code 
_struct_sheet_range.end_label_comp_id 
_struct_sheet_range.end_label_asym_id 
_struct_sheet_range.end_label_seq_id 
_struct_sheet_range.pdbx_end_PDB_ins_code 
_struct_sheet_range.beg_auth_comp_id 
_struct_sheet_range.beg_auth_asym_id 
_struct_sheet_range.beg_auth_seq_id 
_struct_sheet_range.end_auth_comp_id 
_struct_sheet_range.end_auth_asym_id 
_struct_sheet_range.end_auth_seq_id 
AA1 1 GLN A 79  ? ILE A 84  ? GLN A 88  ILE A 93  
AA1 2 ALA A 54  ? ILE A 58  ? ALA A 63  ILE A 67  
AA1 3 THR A 175 ? PRO A 183 ? THR A 184 PRO A 192 
AA1 4 GLY A 101 ? LYS A 111 ? GLY A 110 LYS A 120 
AA1 5 GLU A 142 ? MET A 152 ? GLU A 151 MET A 161 
AA2 1 PHE A 88  ? ASP A 89  ? PHE A 97  ASP A 98  
AA2 2 THR A 94  ? ILE A 96  ? THR A 103 ILE A 105 
AA2 3 ARG A 157 ? ARG A 164 ? ARG A 166 ARG A 173 
AA2 4 ILE A 118 ? LEU A 124 ? ILE A 127 LEU A 133 
AA2 5 TRP A 127 ? ALA A 134 ? TRP A 136 ALA A 143 
# 
loop_
_pdbx_struct_sheet_hbond.sheet_id 
_pdbx_struct_sheet_hbond.range_id_1 
_pdbx_struct_sheet_hbond.range_id_2 
_pdbx_struct_sheet_hbond.range_1_label_atom_id 
_pdbx_struct_sheet_hbond.range_1_label_comp_id 
_pdbx_struct_sheet_hbond.range_1_label_asym_id 
_pdbx_struct_sheet_hbond.range_1_label_seq_id 
_pdbx_struct_sheet_hbond.range_1_PDB_ins_code 
_pdbx_struct_sheet_hbond.range_1_auth_atom_id 
_pdbx_struct_sheet_hbond.range_1_auth_comp_id 
_pdbx_struct_sheet_hbond.range_1_auth_asym_id 
_pdbx_struct_sheet_hbond.range_1_auth_seq_id 
_pdbx_struct_sheet_hbond.range_2_label_atom_id 
_pdbx_struct_sheet_hbond.range_2_label_comp_id 
_pdbx_struct_sheet_hbond.range_2_label_asym_id 
_pdbx_struct_sheet_hbond.range_2_label_seq_id 
_pdbx_struct_sheet_hbond.range_2_PDB_ins_code 
_pdbx_struct_sheet_hbond.range_2_auth_atom_id 
_pdbx_struct_sheet_hbond.range_2_auth_comp_id 
_pdbx_struct_sheet_hbond.range_2_auth_asym_id 
_pdbx_struct_sheet_hbond.range_2_auth_seq_id 
AA1 1 2 O GLN A 79  ? O GLN A 88  N ILE A 58  ? N ILE A 67  
AA1 2 3 N PHE A 55  ? N PHE A 64  O GLY A 178 ? O GLY A 187 
AA1 3 4 O THR A 175 ? O THR A 184 N HIS A 108 ? N HIS A 117 
AA1 4 5 N LYS A 111 ? N LYS A 120 O GLU A 142 ? O GLU A 151 
AA2 1 2 N ASP A 89  ? N ASP A 98  O THR A 94  ? O THR A 103 
AA2 2 3 N PHE A 95  ? N PHE A 104 O ALA A 158 ? O ALA A 167 
AA2 3 4 O TYR A 159 ? O TYR A 168 N MET A 123 ? N MET A 132 
AA2 4 5 N LEU A 122 ? N LEU A 131 O VAL A 129 ? O VAL A 138 
# 
_pdbx_entry_details.entry_id                   5H48 
_pdbx_entry_details.compound_details           ? 
_pdbx_entry_details.source_details             ? 
_pdbx_entry_details.nonpolymer_details         ? 
_pdbx_entry_details.sequence_details           ? 
_pdbx_entry_details.has_ligand_of_interest     ? 
_pdbx_entry_details.has_protein_modification   Y 
# 
loop_
_pdbx_validate_torsion.id 
_pdbx_validate_torsion.PDB_model_num 
_pdbx_validate_torsion.auth_comp_id 
_pdbx_validate_torsion.auth_asym_id 
_pdbx_validate_torsion.auth_seq_id 
_pdbx_validate_torsion.PDB_ins_code 
_pdbx_validate_torsion.label_alt_id 
_pdbx_validate_torsion.phi 
_pdbx_validate_torsion.psi 
1 1 MET A 82  ? ? 59.24   19.72 
2 1 ASN A 92  ? ? -158.20 59.90 
3 1 ASN A 123 ? ? -157.81 23.72 
4 1 TYR A 182 ? ? 84.13   -1.88 
# 
loop_
_pdbx_unobs_or_zero_occ_residues.id 
_pdbx_unobs_or_zero_occ_residues.PDB_model_num 
_pdbx_unobs_or_zero_occ_residues.polymer_flag 
_pdbx_unobs_or_zero_occ_residues.occupancy_flag 
_pdbx_unobs_or_zero_occ_residues.auth_asym_id 
_pdbx_unobs_or_zero_occ_residues.auth_comp_id 
_pdbx_unobs_or_zero_occ_residues.auth_seq_id 
_pdbx_unobs_or_zero_occ_residues.PDB_ins_code 
_pdbx_unobs_or_zero_occ_residues.label_asym_id 
_pdbx_unobs_or_zero_occ_residues.label_comp_id 
_pdbx_unobs_or_zero_occ_residues.label_seq_id 
1  1 Y 1 A GLY 10 ? A GLY 1  
2  1 Y 1 A THR 11 ? A THR 2  
3  1 Y 1 A HIS 12 ? A HIS 3  
4  1 Y 1 A HIS 13 ? A HIS 4  
5  1 Y 1 A HIS 14 ? A HIS 5  
6  1 Y 1 A HIS 15 ? A HIS 6  
7  1 Y 1 A HIS 16 ? A HIS 7  
8  1 Y 1 A HIS 17 ? A HIS 8  
9  1 Y 1 A HIS 18 ? A HIS 9  
10 1 Y 1 A HIS 19 ? A HIS 10 
11 1 Y 1 A GLY 20 ? A GLY 11 
12 1 Y 1 A SER 21 ? A SER 12 
13 1 Y 1 A GLN 22 ? A GLN 13 
14 1 Y 1 A ASN 23 ? A ASN 14 
15 1 Y 1 A GLU 24 ? A GLU 15 
16 1 Y 1 A THR 25 ? A THR 16 
17 1 Y 1 A GLU 26 ? A GLU 17 
18 1 Y 1 A PRO 27 ? A PRO 18 
19 1 Y 1 A ILE 28 ? A ILE 19 
20 1 Y 1 A VAL 29 ? A VAL 20 
21 1 Y 1 A LEU 30 ? A LEU 21 
22 1 Y 1 A GLU 31 ? A GLU 22 
23 1 Y 1 A GLY 32 ? A GLY 23 
24 1 Y 1 A LYS 33 ? A LYS 24 
25 1 Y 1 A CYS 34 ? A CYS 25 
26 1 Y 1 A LEU 35 ? A LEU 26 
27 1 Y 1 A VAL 36 ? A VAL 27 
28 1 Y 1 A VAL 37 ? A VAL 28 
29 1 Y 1 A CYS 38 ? A CYS 29 
30 1 Y 1 A ASP 39 ? A ASP 30 
31 1 Y 1 A SER 40 ? A SER 31 
32 1 Y 1 A ASN 41 ? A ASN 32 
33 1 Y 1 A PRO 42 ? A PRO 33 
34 1 Y 1 A THR 43 ? A THR 34 
35 1 Y 1 A SER 44 ? A SER 35 
36 1 Y 1 A ASP 45 ? A ASP 36 
37 1 Y 1 A PRO 46 ? A PRO 37 
38 1 Y 1 A THR 47 ? A THR 38 
39 1 Y 1 A GLY 48 ? A GLY 39 
40 1 Y 1 A THR 49 ? A THR 40 
41 1 Y 1 A ALA 50 ? A ALA 41 
42 1 Y 1 A LEU 51 ? A LEU 42 
43 1 Y 1 A GLY 52 ? A GLY 43 
44 1 Y 1 A ILE 53 ? A ILE 44 
45 1 Y 1 A SER 54 ? A SER 45 
46 1 Y 1 A VAL 55 ? A VAL 46 
47 1 Y 1 A ARG 56 ? A ARG 47 
48 1 Y 1 A SER 57 ? A SER 48 
# 
loop_
_chem_comp_atom.comp_id 
_chem_comp_atom.atom_id 
_chem_comp_atom.type_symbol 
_chem_comp_atom.pdbx_aromatic_flag 
_chem_comp_atom.pdbx_stereo_config 
_chem_comp_atom.pdbx_ordinal 
ALA N    N N N 1   
ALA CA   C N S 2   
ALA C    C N N 3   
ALA O    O N N 4   
ALA CB   C N N 5   
ALA OXT  O N N 6   
ALA H    H N N 7   
ALA H2   H N N 8   
ALA HA   H N N 9   
ALA HB1  H N N 10  
ALA HB2  H N N 11  
ALA HB3  H N N 12  
ALA HXT  H N N 13  
ARG N    N N N 14  
ARG CA   C N S 15  
ARG C    C N N 16  
ARG O    O N N 17  
ARG CB   C N N 18  
ARG CG   C N N 19  
ARG CD   C N N 20  
ARG NE   N N N 21  
ARG CZ   C N N 22  
ARG NH1  N N N 23  
ARG NH2  N N N 24  
ARG OXT  O N N 25  
ARG H    H N N 26  
ARG H2   H N N 27  
ARG HA   H N N 28  
ARG HB2  H N N 29  
ARG HB3  H N N 30  
ARG HG2  H N N 31  
ARG HG3  H N N 32  
ARG HD2  H N N 33  
ARG HD3  H N N 34  
ARG HE   H N N 35  
ARG HH11 H N N 36  
ARG HH12 H N N 37  
ARG HH21 H N N 38  
ARG HH22 H N N 39  
ARG HXT  H N N 40  
ASN N    N N N 41  
ASN CA   C N S 42  
ASN C    C N N 43  
ASN O    O N N 44  
ASN CB   C N N 45  
ASN CG   C N N 46  
ASN OD1  O N N 47  
ASN ND2  N N N 48  
ASN OXT  O N N 49  
ASN H    H N N 50  
ASN H2   H N N 51  
ASN HA   H N N 52  
ASN HB2  H N N 53  
ASN HB3  H N N 54  
ASN HD21 H N N 55  
ASN HD22 H N N 56  
ASN HXT  H N N 57  
ASP N    N N N 58  
ASP CA   C N S 59  
ASP C    C N N 60  
ASP O    O N N 61  
ASP CB   C N N 62  
ASP CG   C N N 63  
ASP OD1  O N N 64  
ASP OD2  O N N 65  
ASP OXT  O N N 66  
ASP H    H N N 67  
ASP H2   H N N 68  
ASP HA   H N N 69  
ASP HB2  H N N 70  
ASP HB3  H N N 71  
ASP HD2  H N N 72  
ASP HXT  H N N 73  
CYS N    N N N 74  
CYS CA   C N R 75  
CYS C    C N N 76  
CYS O    O N N 77  
CYS CB   C N N 78  
CYS SG   S N N 79  
CYS OXT  O N N 80  
CYS H    H N N 81  
CYS H2   H N N 82  
CYS HA   H N N 83  
CYS HB2  H N N 84  
CYS HB3  H N N 85  
CYS HG   H N N 86  
CYS HXT  H N N 87  
GLN N    N N N 88  
GLN CA   C N S 89  
GLN C    C N N 90  
GLN O    O N N 91  
GLN CB   C N N 92  
GLN CG   C N N 93  
GLN CD   C N N 94  
GLN OE1  O N N 95  
GLN NE2  N N N 96  
GLN OXT  O N N 97  
GLN H    H N N 98  
GLN H2   H N N 99  
GLN HA   H N N 100 
GLN HB2  H N N 101 
GLN HB3  H N N 102 
GLN HG2  H N N 103 
GLN HG3  H N N 104 
GLN HE21 H N N 105 
GLN HE22 H N N 106 
GLN HXT  H N N 107 
GLU N    N N N 108 
GLU CA   C N S 109 
GLU C    C N N 110 
GLU O    O N N 111 
GLU CB   C N N 112 
GLU CG   C N N 113 
GLU CD   C N N 114 
GLU OE1  O N N 115 
GLU OE2  O N N 116 
GLU OXT  O N N 117 
GLU H    H N N 118 
GLU H2   H N N 119 
GLU HA   H N N 120 
GLU HB2  H N N 121 
GLU HB3  H N N 122 
GLU HG2  H N N 123 
GLU HG3  H N N 124 
GLU HE2  H N N 125 
GLU HXT  H N N 126 
GLY N    N N N 127 
GLY CA   C N N 128 
GLY C    C N N 129 
GLY O    O N N 130 
GLY OXT  O N N 131 
GLY H    H N N 132 
GLY H2   H N N 133 
GLY HA2  H N N 134 
GLY HA3  H N N 135 
GLY HXT  H N N 136 
HIS N    N N N 137 
HIS CA   C N S 138 
HIS C    C N N 139 
HIS O    O N N 140 
HIS CB   C N N 141 
HIS CG   C Y N 142 
HIS ND1  N Y N 143 
HIS CD2  C Y N 144 
HIS CE1  C Y N 145 
HIS NE2  N Y N 146 
HIS OXT  O N N 147 
HIS H    H N N 148 
HIS H2   H N N 149 
HIS HA   H N N 150 
HIS HB2  H N N 151 
HIS HB3  H N N 152 
HIS HD1  H N N 153 
HIS HD2  H N N 154 
HIS HE1  H N N 155 
HIS HE2  H N N 156 
HIS HXT  H N N 157 
HOH O    O N N 158 
HOH H1   H N N 159 
HOH H2   H N N 160 
ILE N    N N N 161 
ILE CA   C N S 162 
ILE C    C N N 163 
ILE O    O N N 164 
ILE CB   C N S 165 
ILE CG1  C N N 166 
ILE CG2  C N N 167 
ILE CD1  C N N 168 
ILE OXT  O N N 169 
ILE H    H N N 170 
ILE H2   H N N 171 
ILE HA   H N N 172 
ILE HB   H N N 173 
ILE HG12 H N N 174 
ILE HG13 H N N 175 
ILE HG21 H N N 176 
ILE HG22 H N N 177 
ILE HG23 H N N 178 
ILE HD11 H N N 179 
ILE HD12 H N N 180 
ILE HD13 H N N 181 
ILE HXT  H N N 182 
LEU N    N N N 183 
LEU CA   C N S 184 
LEU C    C N N 185 
LEU O    O N N 186 
LEU CB   C N N 187 
LEU CG   C N N 188 
LEU CD1  C N N 189 
LEU CD2  C N N 190 
LEU OXT  O N N 191 
LEU H    H N N 192 
LEU H2   H N N 193 
LEU HA   H N N 194 
LEU HB2  H N N 195 
LEU HB3  H N N 196 
LEU HG   H N N 197 
LEU HD11 H N N 198 
LEU HD12 H N N 199 
LEU HD13 H N N 200 
LEU HD21 H N N 201 
LEU HD22 H N N 202 
LEU HD23 H N N 203 
LEU HXT  H N N 204 
LYS N    N N N 205 
LYS CA   C N S 206 
LYS C    C N N 207 
LYS O    O N N 208 
LYS CB   C N N 209 
LYS CG   C N N 210 
LYS CD   C N N 211 
LYS CE   C N N 212 
LYS NZ   N N N 213 
LYS OXT  O N N 214 
LYS H    H N N 215 
LYS H2   H N N 216 
LYS HA   H N N 217 
LYS HB2  H N N 218 
LYS HB3  H N N 219 
LYS HG2  H N N 220 
LYS HG3  H N N 221 
LYS HD2  H N N 222 
LYS HD3  H N N 223 
LYS HE2  H N N 224 
LYS HE3  H N N 225 
LYS HZ1  H N N 226 
LYS HZ2  H N N 227 
LYS HZ3  H N N 228 
LYS HXT  H N N 229 
MET N    N N N 230 
MET CA   C N S 231 
MET C    C N N 232 
MET O    O N N 233 
MET CB   C N N 234 
MET CG   C N N 235 
MET SD   S N N 236 
MET CE   C N N 237 
MET OXT  O N N 238 
MET H    H N N 239 
MET H2   H N N 240 
MET HA   H N N 241 
MET HB2  H N N 242 
MET HB3  H N N 243 
MET HG2  H N N 244 
MET HG3  H N N 245 
MET HE1  H N N 246 
MET HE2  H N N 247 
MET HE3  H N N 248 
MET HXT  H N N 249 
NAG C1   C N R 250 
NAG C2   C N R 251 
NAG C3   C N R 252 
NAG C4   C N S 253 
NAG C5   C N R 254 
NAG C6   C N N 255 
NAG C7   C N N 256 
NAG C8   C N N 257 
NAG N2   N N N 258 
NAG O1   O N N 259 
NAG O3   O N N 260 
NAG O4   O N N 261 
NAG O5   O N N 262 
NAG O6   O N N 263 
NAG O7   O N N 264 
NAG H1   H N N 265 
NAG H2   H N N 266 
NAG H3   H N N 267 
NAG H4   H N N 268 
NAG H5   H N N 269 
NAG H61  H N N 270 
NAG H62  H N N 271 
NAG H81  H N N 272 
NAG H82  H N N 273 
NAG H83  H N N 274 
NAG HN2  H N N 275 
NAG HO1  H N N 276 
NAG HO3  H N N 277 
NAG HO4  H N N 278 
NAG HO6  H N N 279 
PHE N    N N N 280 
PHE CA   C N S 281 
PHE C    C N N 282 
PHE O    O N N 283 
PHE CB   C N N 284 
PHE CG   C Y N 285 
PHE CD1  C Y N 286 
PHE CD2  C Y N 287 
PHE CE1  C Y N 288 
PHE CE2  C Y N 289 
PHE CZ   C Y N 290 
PHE OXT  O N N 291 
PHE H    H N N 292 
PHE H2   H N N 293 
PHE HA   H N N 294 
PHE HB2  H N N 295 
PHE HB3  H N N 296 
PHE HD1  H N N 297 
PHE HD2  H N N 298 
PHE HE1  H N N 299 
PHE HE2  H N N 300 
PHE HZ   H N N 301 
PHE HXT  H N N 302 
PRO N    N N N 303 
PRO CA   C N S 304 
PRO C    C N N 305 
PRO O    O N N 306 
PRO CB   C N N 307 
PRO CG   C N N 308 
PRO CD   C N N 309 
PRO OXT  O N N 310 
PRO H    H N N 311 
PRO HA   H N N 312 
PRO HB2  H N N 313 
PRO HB3  H N N 314 
PRO HG2  H N N 315 
PRO HG3  H N N 316 
PRO HD2  H N N 317 
PRO HD3  H N N 318 
PRO HXT  H N N 319 
SER N    N N N 320 
SER CA   C N S 321 
SER C    C N N 322 
SER O    O N N 323 
SER CB   C N N 324 
SER OG   O N N 325 
SER OXT  O N N 326 
SER H    H N N 327 
SER H2   H N N 328 
SER HA   H N N 329 
SER HB2  H N N 330 
SER HB3  H N N 331 
SER HG   H N N 332 
SER HXT  H N N 333 
THR N    N N N 334 
THR CA   C N S 335 
THR C    C N N 336 
THR O    O N N 337 
THR CB   C N R 338 
THR OG1  O N N 339 
THR CG2  C N N 340 
THR OXT  O N N 341 
THR H    H N N 342 
THR H2   H N N 343 
THR HA   H N N 344 
THR HB   H N N 345 
THR HG1  H N N 346 
THR HG21 H N N 347 
THR HG22 H N N 348 
THR HG23 H N N 349 
THR HXT  H N N 350 
TRP N    N N N 351 
TRP CA   C N S 352 
TRP C    C N N 353 
TRP O    O N N 354 
TRP CB   C N N 355 
TRP CG   C Y N 356 
TRP CD1  C Y N 357 
TRP CD2  C Y N 358 
TRP NE1  N Y N 359 
TRP CE2  C Y N 360 
TRP CE3  C Y N 361 
TRP CZ2  C Y N 362 
TRP CZ3  C Y N 363 
TRP CH2  C Y N 364 
TRP OXT  O N N 365 
TRP H    H N N 366 
TRP H2   H N N 367 
TRP HA   H N N 368 
TRP HB2  H N N 369 
TRP HB3  H N N 370 
TRP HD1  H N N 371 
TRP HE1  H N N 372 
TRP HE3  H N N 373 
TRP HZ2  H N N 374 
TRP HZ3  H N N 375 
TRP HH2  H N N 376 
TRP HXT  H N N 377 
TYR N    N N N 378 
TYR CA   C N S 379 
TYR C    C N N 380 
TYR O    O N N 381 
TYR CB   C N N 382 
TYR CG   C Y N 383 
TYR CD1  C Y N 384 
TYR CD2  C Y N 385 
TYR CE1  C Y N 386 
TYR CE2  C Y N 387 
TYR CZ   C Y N 388 
TYR OH   O N N 389 
TYR OXT  O N N 390 
TYR H    H N N 391 
TYR H2   H N N 392 
TYR HA   H N N 393 
TYR HB2  H N N 394 
TYR HB3  H N N 395 
TYR HD1  H N N 396 
TYR HD2  H N N 397 
TYR HE1  H N N 398 
TYR HE2  H N N 399 
TYR HH   H N N 400 
TYR HXT  H N N 401 
VAL N    N N N 402 
VAL CA   C N S 403 
VAL C    C N N 404 
VAL O    O N N 405 
VAL CB   C N N 406 
VAL CG1  C N N 407 
VAL CG2  C N N 408 
VAL OXT  O N N 409 
VAL H    H N N 410 
VAL H2   H N N 411 
VAL HA   H N N 412 
VAL HB   H N N 413 
VAL HG11 H N N 414 
VAL HG12 H N N 415 
VAL HG13 H N N 416 
VAL HG21 H N N 417 
VAL HG22 H N N 418 
VAL HG23 H N N 419 
VAL HXT  H N N 420 
# 
loop_
_chem_comp_bond.comp_id 
_chem_comp_bond.atom_id_1 
_chem_comp_bond.atom_id_2 
_chem_comp_bond.value_order 
_chem_comp_bond.pdbx_aromatic_flag 
_chem_comp_bond.pdbx_stereo_config 
_chem_comp_bond.pdbx_ordinal 
ALA N   CA   sing N N 1   
ALA N   H    sing N N 2   
ALA N   H2   sing N N 3   
ALA CA  C    sing N N 4   
ALA CA  CB   sing N N 5   
ALA CA  HA   sing N N 6   
ALA C   O    doub N N 7   
ALA C   OXT  sing N N 8   
ALA CB  HB1  sing N N 9   
ALA CB  HB2  sing N N 10  
ALA CB  HB3  sing N N 11  
ALA OXT HXT  sing N N 12  
ARG N   CA   sing N N 13  
ARG N   H    sing N N 14  
ARG N   H2   sing N N 15  
ARG CA  C    sing N N 16  
ARG CA  CB   sing N N 17  
ARG CA  HA   sing N N 18  
ARG C   O    doub N N 19  
ARG C   OXT  sing N N 20  
ARG CB  CG   sing N N 21  
ARG CB  HB2  sing N N 22  
ARG CB  HB3  sing N N 23  
ARG CG  CD   sing N N 24  
ARG CG  HG2  sing N N 25  
ARG CG  HG3  sing N N 26  
ARG CD  NE   sing N N 27  
ARG CD  HD2  sing N N 28  
ARG CD  HD3  sing N N 29  
ARG NE  CZ   sing N N 30  
ARG NE  HE   sing N N 31  
ARG CZ  NH1  sing N N 32  
ARG CZ  NH2  doub N N 33  
ARG NH1 HH11 sing N N 34  
ARG NH1 HH12 sing N N 35  
ARG NH2 HH21 sing N N 36  
ARG NH2 HH22 sing N N 37  
ARG OXT HXT  sing N N 38  
ASN N   CA   sing N N 39  
ASN N   H    sing N N 40  
ASN N   H2   sing N N 41  
ASN CA  C    sing N N 42  
ASN CA  CB   sing N N 43  
ASN CA  HA   sing N N 44  
ASN C   O    doub N N 45  
ASN C   OXT  sing N N 46  
ASN CB  CG   sing N N 47  
ASN CB  HB2  sing N N 48  
ASN CB  HB3  sing N N 49  
ASN CG  OD1  doub N N 50  
ASN CG  ND2  sing N N 51  
ASN ND2 HD21 sing N N 52  
ASN ND2 HD22 sing N N 53  
ASN OXT HXT  sing N N 54  
ASP N   CA   sing N N 55  
ASP N   H    sing N N 56  
ASP N   H2   sing N N 57  
ASP CA  C    sing N N 58  
ASP CA  CB   sing N N 59  
ASP CA  HA   sing N N 60  
ASP C   O    doub N N 61  
ASP C   OXT  sing N N 62  
ASP CB  CG   sing N N 63  
ASP CB  HB2  sing N N 64  
ASP CB  HB3  sing N N 65  
ASP CG  OD1  doub N N 66  
ASP CG  OD2  sing N N 67  
ASP OD2 HD2  sing N N 68  
ASP OXT HXT  sing N N 69  
CYS N   CA   sing N N 70  
CYS N   H    sing N N 71  
CYS N   H2   sing N N 72  
CYS CA  C    sing N N 73  
CYS CA  CB   sing N N 74  
CYS CA  HA   sing N N 75  
CYS C   O    doub N N 76  
CYS C   OXT  sing N N 77  
CYS CB  SG   sing N N 78  
CYS CB  HB2  sing N N 79  
CYS CB  HB3  sing N N 80  
CYS SG  HG   sing N N 81  
CYS OXT HXT  sing N N 82  
GLN N   CA   sing N N 83  
GLN N   H    sing N N 84  
GLN N   H2   sing N N 85  
GLN CA  C    sing N N 86  
GLN CA  CB   sing N N 87  
GLN CA  HA   sing N N 88  
GLN C   O    doub N N 89  
GLN C   OXT  sing N N 90  
GLN CB  CG   sing N N 91  
GLN CB  HB2  sing N N 92  
GLN CB  HB3  sing N N 93  
GLN CG  CD   sing N N 94  
GLN CG  HG2  sing N N 95  
GLN CG  HG3  sing N N 96  
GLN CD  OE1  doub N N 97  
GLN CD  NE2  sing N N 98  
GLN NE2 HE21 sing N N 99  
GLN NE2 HE22 sing N N 100 
GLN OXT HXT  sing N N 101 
GLU N   CA   sing N N 102 
GLU N   H    sing N N 103 
GLU N   H2   sing N N 104 
GLU CA  C    sing N N 105 
GLU CA  CB   sing N N 106 
GLU CA  HA   sing N N 107 
GLU C   O    doub N N 108 
GLU C   OXT  sing N N 109 
GLU CB  CG   sing N N 110 
GLU CB  HB2  sing N N 111 
GLU CB  HB3  sing N N 112 
GLU CG  CD   sing N N 113 
GLU CG  HG2  sing N N 114 
GLU CG  HG3  sing N N 115 
GLU CD  OE1  doub N N 116 
GLU CD  OE2  sing N N 117 
GLU OE2 HE2  sing N N 118 
GLU OXT HXT  sing N N 119 
GLY N   CA   sing N N 120 
GLY N   H    sing N N 121 
GLY N   H2   sing N N 122 
GLY CA  C    sing N N 123 
GLY CA  HA2  sing N N 124 
GLY CA  HA3  sing N N 125 
GLY C   O    doub N N 126 
GLY C   OXT  sing N N 127 
GLY OXT HXT  sing N N 128 
HIS N   CA   sing N N 129 
HIS N   H    sing N N 130 
HIS N   H2   sing N N 131 
HIS CA  C    sing N N 132 
HIS CA  CB   sing N N 133 
HIS CA  HA   sing N N 134 
HIS C   O    doub N N 135 
HIS C   OXT  sing N N 136 
HIS CB  CG   sing N N 137 
HIS CB  HB2  sing N N 138 
HIS CB  HB3  sing N N 139 
HIS CG  ND1  sing Y N 140 
HIS CG  CD2  doub Y N 141 
HIS ND1 CE1  doub Y N 142 
HIS ND1 HD1  sing N N 143 
HIS CD2 NE2  sing Y N 144 
HIS CD2 HD2  sing N N 145 
HIS CE1 NE2  sing Y N 146 
HIS CE1 HE1  sing N N 147 
HIS NE2 HE2  sing N N 148 
HIS OXT HXT  sing N N 149 
HOH O   H1   sing N N 150 
HOH O   H2   sing N N 151 
ILE N   CA   sing N N 152 
ILE N   H    sing N N 153 
ILE N   H2   sing N N 154 
ILE CA  C    sing N N 155 
ILE CA  CB   sing N N 156 
ILE CA  HA   sing N N 157 
ILE C   O    doub N N 158 
ILE C   OXT  sing N N 159 
ILE CB  CG1  sing N N 160 
ILE CB  CG2  sing N N 161 
ILE CB  HB   sing N N 162 
ILE CG1 CD1  sing N N 163 
ILE CG1 HG12 sing N N 164 
ILE CG1 HG13 sing N N 165 
ILE CG2 HG21 sing N N 166 
ILE CG2 HG22 sing N N 167 
ILE CG2 HG23 sing N N 168 
ILE CD1 HD11 sing N N 169 
ILE CD1 HD12 sing N N 170 
ILE CD1 HD13 sing N N 171 
ILE OXT HXT  sing N N 172 
LEU N   CA   sing N N 173 
LEU N   H    sing N N 174 
LEU N   H2   sing N N 175 
LEU CA  C    sing N N 176 
LEU CA  CB   sing N N 177 
LEU CA  HA   sing N N 178 
LEU C   O    doub N N 179 
LEU C   OXT  sing N N 180 
LEU CB  CG   sing N N 181 
LEU CB  HB2  sing N N 182 
LEU CB  HB3  sing N N 183 
LEU CG  CD1  sing N N 184 
LEU CG  CD2  sing N N 185 
LEU CG  HG   sing N N 186 
LEU CD1 HD11 sing N N 187 
LEU CD1 HD12 sing N N 188 
LEU CD1 HD13 sing N N 189 
LEU CD2 HD21 sing N N 190 
LEU CD2 HD22 sing N N 191 
LEU CD2 HD23 sing N N 192 
LEU OXT HXT  sing N N 193 
LYS N   CA   sing N N 194 
LYS N   H    sing N N 195 
LYS N   H2   sing N N 196 
LYS CA  C    sing N N 197 
LYS CA  CB   sing N N 198 
LYS CA  HA   sing N N 199 
LYS C   O    doub N N 200 
LYS C   OXT  sing N N 201 
LYS CB  CG   sing N N 202 
LYS CB  HB2  sing N N 203 
LYS CB  HB3  sing N N 204 
LYS CG  CD   sing N N 205 
LYS CG  HG2  sing N N 206 
LYS CG  HG3  sing N N 207 
LYS CD  CE   sing N N 208 
LYS CD  HD2  sing N N 209 
LYS CD  HD3  sing N N 210 
LYS CE  NZ   sing N N 211 
LYS CE  HE2  sing N N 212 
LYS CE  HE3  sing N N 213 
LYS NZ  HZ1  sing N N 214 
LYS NZ  HZ2  sing N N 215 
LYS NZ  HZ3  sing N N 216 
LYS OXT HXT  sing N N 217 
MET N   CA   sing N N 218 
MET N   H    sing N N 219 
MET N   H2   sing N N 220 
MET CA  C    sing N N 221 
MET CA  CB   sing N N 222 
MET CA  HA   sing N N 223 
MET C   O    doub N N 224 
MET C   OXT  sing N N 225 
MET CB  CG   sing N N 226 
MET CB  HB2  sing N N 227 
MET CB  HB3  sing N N 228 
MET CG  SD   sing N N 229 
MET CG  HG2  sing N N 230 
MET CG  HG3  sing N N 231 
MET SD  CE   sing N N 232 
MET CE  HE1  sing N N 233 
MET CE  HE2  sing N N 234 
MET CE  HE3  sing N N 235 
MET OXT HXT  sing N N 236 
NAG C1  C2   sing N N 237 
NAG C1  O1   sing N N 238 
NAG C1  O5   sing N N 239 
NAG C1  H1   sing N N 240 
NAG C2  C3   sing N N 241 
NAG C2  N2   sing N N 242 
NAG C2  H2   sing N N 243 
NAG C3  C4   sing N N 244 
NAG C3  O3   sing N N 245 
NAG C3  H3   sing N N 246 
NAG C4  C5   sing N N 247 
NAG C4  O4   sing N N 248 
NAG C4  H4   sing N N 249 
NAG C5  C6   sing N N 250 
NAG C5  O5   sing N N 251 
NAG C5  H5   sing N N 252 
NAG C6  O6   sing N N 253 
NAG C6  H61  sing N N 254 
NAG C6  H62  sing N N 255 
NAG C7  C8   sing N N 256 
NAG C7  N2   sing N N 257 
NAG C7  O7   doub N N 258 
NAG C8  H81  sing N N 259 
NAG C8  H82  sing N N 260 
NAG C8  H83  sing N N 261 
NAG N2  HN2  sing N N 262 
NAG O1  HO1  sing N N 263 
NAG O3  HO3  sing N N 264 
NAG O4  HO4  sing N N 265 
NAG O6  HO6  sing N N 266 
PHE N   CA   sing N N 267 
PHE N   H    sing N N 268 
PHE N   H2   sing N N 269 
PHE CA  C    sing N N 270 
PHE CA  CB   sing N N 271 
PHE CA  HA   sing N N 272 
PHE C   O    doub N N 273 
PHE C   OXT  sing N N 274 
PHE CB  CG   sing N N 275 
PHE CB  HB2  sing N N 276 
PHE CB  HB3  sing N N 277 
PHE CG  CD1  doub Y N 278 
PHE CG  CD2  sing Y N 279 
PHE CD1 CE1  sing Y N 280 
PHE CD1 HD1  sing N N 281 
PHE CD2 CE2  doub Y N 282 
PHE CD2 HD2  sing N N 283 
PHE CE1 CZ   doub Y N 284 
PHE CE1 HE1  sing N N 285 
PHE CE2 CZ   sing Y N 286 
PHE CE2 HE2  sing N N 287 
PHE CZ  HZ   sing N N 288 
PHE OXT HXT  sing N N 289 
PRO N   CA   sing N N 290 
PRO N   CD   sing N N 291 
PRO N   H    sing N N 292 
PRO CA  C    sing N N 293 
PRO CA  CB   sing N N 294 
PRO CA  HA   sing N N 295 
PRO C   O    doub N N 296 
PRO C   OXT  sing N N 297 
PRO CB  CG   sing N N 298 
PRO CB  HB2  sing N N 299 
PRO CB  HB3  sing N N 300 
PRO CG  CD   sing N N 301 
PRO CG  HG2  sing N N 302 
PRO CG  HG3  sing N N 303 
PRO CD  HD2  sing N N 304 
PRO CD  HD3  sing N N 305 
PRO OXT HXT  sing N N 306 
SER N   CA   sing N N 307 
SER N   H    sing N N 308 
SER N   H2   sing N N 309 
SER CA  C    sing N N 310 
SER CA  CB   sing N N 311 
SER CA  HA   sing N N 312 
SER C   O    doub N N 313 
SER C   OXT  sing N N 314 
SER CB  OG   sing N N 315 
SER CB  HB2  sing N N 316 
SER CB  HB3  sing N N 317 
SER OG  HG   sing N N 318 
SER OXT HXT  sing N N 319 
THR N   CA   sing N N 320 
THR N   H    sing N N 321 
THR N   H2   sing N N 322 
THR CA  C    sing N N 323 
THR CA  CB   sing N N 324 
THR CA  HA   sing N N 325 
THR C   O    doub N N 326 
THR C   OXT  sing N N 327 
THR CB  OG1  sing N N 328 
THR CB  CG2  sing N N 329 
THR CB  HB   sing N N 330 
THR OG1 HG1  sing N N 331 
THR CG2 HG21 sing N N 332 
THR CG2 HG22 sing N N 333 
THR CG2 HG23 sing N N 334 
THR OXT HXT  sing N N 335 
TRP N   CA   sing N N 336 
TRP N   H    sing N N 337 
TRP N   H2   sing N N 338 
TRP CA  C    sing N N 339 
TRP CA  CB   sing N N 340 
TRP CA  HA   sing N N 341 
TRP C   O    doub N N 342 
TRP C   OXT  sing N N 343 
TRP CB  CG   sing N N 344 
TRP CB  HB2  sing N N 345 
TRP CB  HB3  sing N N 346 
TRP CG  CD1  doub Y N 347 
TRP CG  CD2  sing Y N 348 
TRP CD1 NE1  sing Y N 349 
TRP CD1 HD1  sing N N 350 
TRP CD2 CE2  doub Y N 351 
TRP CD2 CE3  sing Y N 352 
TRP NE1 CE2  sing Y N 353 
TRP NE1 HE1  sing N N 354 
TRP CE2 CZ2  sing Y N 355 
TRP CE3 CZ3  doub Y N 356 
TRP CE3 HE3  sing N N 357 
TRP CZ2 CH2  doub Y N 358 
TRP CZ2 HZ2  sing N N 359 
TRP CZ3 CH2  sing Y N 360 
TRP CZ3 HZ3  sing N N 361 
TRP CH2 HH2  sing N N 362 
TRP OXT HXT  sing N N 363 
TYR N   CA   sing N N 364 
TYR N   H    sing N N 365 
TYR N   H2   sing N N 366 
TYR CA  C    sing N N 367 
TYR CA  CB   sing N N 368 
TYR CA  HA   sing N N 369 
TYR C   O    doub N N 370 
TYR C   OXT  sing N N 371 
TYR CB  CG   sing N N 372 
TYR CB  HB2  sing N N 373 
TYR CB  HB3  sing N N 374 
TYR CG  CD1  doub Y N 375 
TYR CG  CD2  sing Y N 376 
TYR CD1 CE1  sing Y N 377 
TYR CD1 HD1  sing N N 378 
TYR CD2 CE2  doub Y N 379 
TYR CD2 HD2  sing N N 380 
TYR CE1 CZ   doub Y N 381 
TYR CE1 HE1  sing N N 382 
TYR CE2 CZ   sing Y N 383 
TYR CE2 HE2  sing N N 384 
TYR CZ  OH   sing N N 385 
TYR OH  HH   sing N N 386 
TYR OXT HXT  sing N N 387 
VAL N   CA   sing N N 388 
VAL N   H    sing N N 389 
VAL N   H2   sing N N 390 
VAL CA  C    sing N N 391 
VAL CA  CB   sing N N 392 
VAL CA  HA   sing N N 393 
VAL C   O    doub N N 394 
VAL C   OXT  sing N N 395 
VAL CB  CG1  sing N N 396 
VAL CB  CG2  sing N N 397 
VAL CB  HB   sing N N 398 
VAL CG1 HG11 sing N N 399 
VAL CG1 HG12 sing N N 400 
VAL CG1 HG13 sing N N 401 
VAL CG2 HG21 sing N N 402 
VAL CG2 HG22 sing N N 403 
VAL CG2 HG23 sing N N 404 
VAL OXT HXT  sing N N 405 
# 
loop_
_pdbx_audit_support.funding_organization 
_pdbx_audit_support.country 
_pdbx_audit_support.grant_number 
_pdbx_audit_support.ordinal 
'the National Natural Science Foundation of China' China 31370726     1 
'the Ministry of Science and Technology of China'  China 2013CB910404 2 
# 
loop_
_pdbx_entity_branch_list.entity_id 
_pdbx_entity_branch_list.comp_id 
_pdbx_entity_branch_list.num 
_pdbx_entity_branch_list.hetero 
2 NAG 1 n 
2 NAG 2 n 
# 
_pdbx_initial_refinement_model.id               1 
_pdbx_initial_refinement_model.entity_id_list   ? 
_pdbx_initial_refinement_model.type             'experimental model' 
_pdbx_initial_refinement_model.source_name      PDB 
_pdbx_initial_refinement_model.accession_code   4NN0 
_pdbx_initial_refinement_model.details          ? 
# 
_atom_sites.entry_id                    5H48 
_atom_sites.fract_transf_matrix[1][1]   -0.00195723 
_atom_sites.fract_transf_matrix[1][2]   0.00865754 
_atom_sites.fract_transf_matrix[1][3]   0.01071712 
_atom_sites.fract_transf_matrix[2][1]   -0.01227590 
_atom_sites.fract_transf_matrix[2][2]   0.00633424 
_atom_sites.fract_transf_matrix[2][3]   0.00167534 
_atom_sites.fract_transf_matrix[3][1]   -0.00629814 
_atom_sites.fract_transf_matrix[3][2]   -0.01513561 
_atom_sites.fract_transf_matrix[3][3]   0.01107669 
_atom_sites.fract_transf_vector[1]      0.167093 
_atom_sites.fract_transf_vector[2]      -0.355666 
_atom_sites.fract_transf_vector[3]      -0.036308 
# 
loop_
_atom_type.symbol 
C 
N 
O 
S 
# 
loop_
_atom_site.group_PDB 
_atom_site.id 
_atom_site.type_symbol 
_atom_site.label_atom_id 
_atom_site.label_alt_id 
_atom_site.label_comp_id 
_atom_site.label_asym_id 
_atom_site.label_entity_id 
_atom_site.label_seq_id 
_atom_site.pdbx_PDB_ins_code 
_atom_site.Cartn_x 
_atom_site.Cartn_y 
_atom_site.Cartn_z 
_atom_site.occupancy 
_atom_site.B_iso_or_equiv 
_atom_site.pdbx_formal_charge 
_atom_site.auth_seq_id 
_atom_site.auth_comp_id 
_atom_site.auth_asym_id 
_atom_site.auth_atom_id 
_atom_site.pdbx_PDB_model_num 
ATOM   1    N N   . GLY A 1 49  ? 6.142   22.701  -9.453  1.00 60.34  ? 58  GLY A N   1 
ATOM   2    C CA  . GLY A 1 49  ? 5.150   21.997  -10.323 1.00 66.28  ? 58  GLY A CA  1 
ATOM   3    C C   . GLY A 1 49  ? 5.456   20.518  -10.586 1.00 71.64  ? 58  GLY A C   1 
ATOM   4    O O   . GLY A 1 49  ? 4.716   19.622  -10.120 1.00 58.15  ? 58  GLY A O   1 
ATOM   5    N N   . SER A 1 50  ? 6.523   20.233  -11.353 1.00 60.65  ? 59  SER A N   1 
ATOM   6    C CA  . SER A 1 50  ? 6.872   18.824  -11.635 1.00 48.75  ? 59  SER A CA  1 
ATOM   7    C C   . SER A 1 50  ? 7.428   18.190  -10.352 1.00 41.56  ? 59  SER A C   1 
ATOM   8    O O   . SER A 1 50  ? 7.785   17.021  -10.345 1.00 33.51  ? 59  SER A O   1 
ATOM   9    C CB  . SER A 1 50  ? 7.882   18.710  -12.778 1.00 47.78  ? 59  SER A CB  1 
ATOM   10   O OG  . SER A 1 50  ? 9.042   19.469  -12.494 1.00 52.73  ? 59  SER A OG  1 
ATOM   11   N N   . ALA A 1 51  ? 7.583   19.002  -9.306  1.00 36.16  ? 60  ALA A N   1 
ATOM   12   C CA  . ALA A 1 51  ? 7.978   18.515  -8.001  1.00 38.10  ? 60  ALA A CA  1 
ATOM   13   C C   . ALA A 1 51  ? 6.831   18.516  -6.996  1.00 31.01  ? 60  ALA A C   1 
ATOM   14   O O   . ALA A 1 51  ? 7.084   18.433  -5.832  1.00 28.22  ? 60  ALA A O   1 
ATOM   15   C CB  . ALA A 1 51  ? 9.143   19.318  -7.474  1.00 39.36  ? 60  ALA A CB  1 
ATOM   16   N N   . LYS A 1 52  ? 5.587   18.567  -7.449  1.00 29.25  ? 61  LYS A N   1 
ATOM   17   C CA  . LYS A 1 52  ? 4.443   18.374  -6.579  1.00 28.89  ? 61  LYS A CA  1 
ATOM   18   C C   . LYS A 1 52  ? 3.894   17.024  -6.948  1.00 30.98  ? 61  LYS A C   1 
ATOM   19   O O   . LYS A 1 52  ? 3.326   16.876  -8.029  1.00 28.98  ? 61  LYS A O   1 
ATOM   20   C CB  . LYS A 1 52  ? 3.385   19.432  -6.790  1.00 30.06  ? 61  LYS A CB  1 
ATOM   21   C CG  . LYS A 1 52  ? 3.866   20.848  -6.450  1.00 36.88  ? 61  LYS A CG  1 
ATOM   22   C CD  . LYS A 1 52  ? 2.755   21.895  -6.627  1.00 32.60  ? 61  LYS A CD  1 
ATOM   23   C CE  . LYS A 1 52  ? 3.169   23.237  -6.062  1.00 34.49  ? 61  LYS A CE  1 
ATOM   24   N NZ  . LYS A 1 52  ? 1.974   24.114  -6.126  1.00 38.34  ? 61  LYS A NZ  1 
ATOM   25   N N   . VAL A 1 53  ? 4.129   16.023  -6.091  1.00 26.66  ? 62  VAL A N   1 
ATOM   26   C CA  . VAL A 1 53  ? 3.757   14.641  -6.415  1.00 28.49  ? 62  VAL A CA  1 
ATOM   27   C C   . VAL A 1 53  ? 3.284   13.996  -5.150  1.00 24.53  ? 62  VAL A C   1 
ATOM   28   O O   . VAL A 1 53  ? 4.027   13.921  -4.168  1.00 25.28  ? 62  VAL A O   1 
ATOM   29   C CB  . VAL A 1 53  ? 4.941   13.865  -7.051  1.00 30.60  ? 62  VAL A CB  1 
ATOM   30   C CG1 . VAL A 1 53  ? 4.580   12.395  -7.387  1.00 28.46  ? 62  VAL A CG1 1 
ATOM   31   C CG2 . VAL A 1 53  ? 5.389   14.579  -8.325  1.00 32.50  ? 62  VAL A CG2 1 
ATOM   32   N N   . ALA A 1 54  ? 2.028   13.587  -5.139  1.00 26.23  ? 63  ALA A N   1 
ATOM   33   C CA  . ALA A 1 54  ? 1.436   13.036  -3.928  1.00 24.55  ? 63  ALA A CA  1 
ATOM   34   C C   . ALA A 1 54  ? 0.277   12.121  -4.265  1.00 26.83  ? 63  ALA A C   1 
ATOM   35   O O   . ALA A 1 54  ? -0.515  12.430  -5.151  1.00 29.39  ? 63  ALA A O   1 
ATOM   36   C CB  . ALA A 1 54  ? 0.966   14.154  -2.993  1.00 24.88  ? 63  ALA A CB  1 
ATOM   37   N N   . PHE A 1 55  ? 0.143   11.030  -3.502  1.00 23.94  ? 64  PHE A N   1 
ATOM   38   C CA  . PHE A 1 55  ? -1.058  10.247  -3.566  1.00 24.99  ? 64  PHE A CA  1 
ATOM   39   C C   . PHE A 1 55  ? -1.519  9.777   -2.196  1.00 23.25  ? 64  PHE A C   1 
ATOM   40   O O   . PHE A 1 55  ? -0.720  9.652   -1.276  1.00 22.26  ? 64  PHE A O   1 
ATOM   41   C CB  . PHE A 1 55  ? -0.862  9.050   -4.504  1.00 25.17  ? 64  PHE A CB  1 
ATOM   42   C CG  . PHE A 1 55  ? -0.124  7.933   -3.886  1.00 22.47  ? 64  PHE A CG  1 
ATOM   43   C CD1 . PHE A 1 55  ? 1.265   7.974   -3.805  1.00 25.71  ? 64  PHE A CD1 1 
ATOM   44   C CD2 . PHE A 1 55  ? -0.814  6.828   -3.366  1.00 24.76  ? 64  PHE A CD2 1 
ATOM   45   C CE1 . PHE A 1 55  ? 1.949   6.930   -3.210  1.00 27.39  ? 64  PHE A CE1 1 
ATOM   46   C CE2 . PHE A 1 55  ? -0.142  5.810   -2.736  1.00 24.14  ? 64  PHE A CE2 1 
ATOM   47   C CZ  . PHE A 1 55  ? 1.245   5.847   -2.669  1.00 25.38  ? 64  PHE A CZ  1 
ATOM   48   N N   . SER A 1 56  ? -2.773  9.352   -2.163  1.00 25.13  ? 65  SER A N   1 
ATOM   49   C CA  . SER A 1 56  ? -3.448  8.886   -0.963  1.00 27.53  ? 65  SER A CA  1 
ATOM   50   C C   . SER A 1 56  ? -4.569  7.950   -1.417  1.00 27.26  ? 65  SER A C   1 
ATOM   51   O O   . SER A 1 56  ? -5.364  8.345   -2.279  1.00 22.29  ? 65  SER A O   1 
ATOM   52   C CB  . SER A 1 56  ? -4.121  10.104  -0.320  1.00 27.91  ? 65  SER A CB  1 
ATOM   53   O OG  . SER A 1 56  ? -4.339  9.873   1.000   1.00 42.32  ? 65  SER A OG  1 
ATOM   54   N N   . ALA A 1 57  ? -4.664  6.748   -0.849  1.00 25.75  ? 66  ALA A N   1 
ATOM   55   C CA  . ALA A 1 57  ? -5.743  5.828   -1.219  1.00 27.72  ? 66  ALA A CA  1 
ATOM   56   C C   . ALA A 1 57  ? -6.197  5.042   -0.018  1.00 29.09  ? 66  ALA A C   1 
ATOM   57   O O   . ALA A 1 57  ? -5.372  4.791   0.892   1.00 26.53  ? 66  ALA A O   1 
ATOM   58   C CB  . ALA A 1 57  ? -5.269  4.887   -2.282  1.00 31.53  ? 66  ALA A CB  1 
ATOM   59   N N   . ILE A 1 58  ? -7.487  4.667   -0.013  1.00 25.94  ? 67  ILE A N   1 
ATOM   60   C CA  . ILE A 1 58  ? -8.067  3.902   1.071   1.00 29.57  ? 67  ILE A CA  1 
ATOM   61   C C   . ILE A 1 58  ? -8.929  2.761   0.573   1.00 26.43  ? 67  ILE A C   1 
ATOM   62   O O   . ILE A 1 58  ? -9.333  2.745   -0.536  1.00 26.65  ? 67  ILE A O   1 
ATOM   63   C CB  . ILE A 1 58  ? -8.862  4.816   2.055   1.00 32.78  ? 67  ILE A CB  1 
ATOM   64   C CG1 . ILE A 1 58  ? -10.149 5.308   1.406   1.00 40.28  ? 67  ILE A CG1 1 
ATOM   65   C CG2 . ILE A 1 58  ? -8.026  6.038   2.435   1.00 32.52  ? 67  ILE A CG2 1 
ATOM   66   C CD1 . ILE A 1 58  ? -11.065 6.043   2.363   1.00 46.52  ? 67  ILE A CD1 1 
ATOM   67   N N   . ARG A 1 59  ? -9.159  1.791   1.440   1.00 27.01  ? 68  ARG A N   1 
ATOM   68   C CA  . ARG A 1 59  ? -10.053 0.706   1.189   1.00 28.02  ? 68  ARG A CA  1 
ATOM   69   C C   . ARG A 1 59  ? -11.397 1.013   1.847   1.00 28.08  ? 68  ARG A C   1 
ATOM   70   O O   . ARG A 1 59  ? -11.496 1.058   3.090   1.00 26.47  ? 68  ARG A O   1 
ATOM   71   C CB  . ARG A 1 59  ? -9.488  -0.579  1.772   1.00 27.33  ? 68  ARG A CB  1 
ATOM   72   C CG  . ARG A 1 59  ? -10.374 -1.792  1.512   1.00 29.71  ? 68  ARG A CG  1 
ATOM   73   C CD  . ARG A 1 59  ? -10.679 -1.960  0.030   1.00 31.07  ? 68  ARG A CD  1 
ATOM   74   N NE  . ARG A 1 59  ? -11.338 -3.223  -0.196  1.00 36.81  ? 68  ARG A NE  1 
ATOM   75   C CZ  . ARG A 1 59  ? -11.926 -3.568  -1.336  1.00 41.10  ? 68  ARG A CZ  1 
ATOM   76   N NH1 . ARG A 1 59  ? -11.958 -2.726  -2.347  1.00 40.39  ? 68  ARG A NH1 1 
ATOM   77   N NH2 . ARG A 1 59  ? -12.509 -4.753  -1.447  1.00 43.12  ? 68  ARG A NH2 1 
ATOM   78   N N   . SER A 1 60  ? -12.408 1.277   1.032   1.00 26.07  ? 69  SER A N   1 
ATOM   79   C CA  . SER A 1 60  ? -13.670 1.851   1.579   1.00 31.79  ? 69  SER A CA  1 
ATOM   80   C C   . SER A 1 60  ? -14.697 0.824   1.994   1.00 32.18  ? 69  SER A C   1 
ATOM   81   O O   . SER A 1 60  ? -15.659 1.199   2.630   1.00 34.10  ? 69  SER A O   1 
ATOM   82   C CB  . SER A 1 60  ? -14.346 2.785   0.584   1.00 32.11  ? 69  SER A CB  1 
ATOM   83   O OG  . SER A 1 60  ? -14.737 2.039   -0.568  1.00 35.33  ? 69  SER A OG  1 
ATOM   84   N N   . THR A 1 61  ? -14.533 -0.451  1.628   1.00 32.92  ? 70  THR A N   1 
ATOM   85   C CA  . THR A 1 61  ? -15.517 -1.464  2.006   1.00 34.60  ? 70  THR A CA  1 
ATOM   86   C C   . THR A 1 61  ? -14.838 -2.645  2.652   1.00 37.37  ? 70  THR A C   1 
ATOM   87   O O   . THR A 1 61  ? -13.620 -2.827  2.514   1.00 32.56  ? 70  THR A O   1 
ATOM   88   C CB  . THR A 1 61  ? -16.290 -1.965  0.768   1.00 38.63  ? 70  THR A CB  1 
ATOM   89   O OG1 . THR A 1 61  ? -15.394 -2.660  -0.104  1.00 42.00  ? 70  THR A OG1 1 
ATOM   90   C CG2 . THR A 1 61  ? -16.930 -0.787  0.001   1.00 36.35  ? 70  THR A CG2 1 
ATOM   91   N N   . ASN A 1 62  ? -15.636 -3.520  3.265   1.00 38.56  ? 71  ASN A N   1 
ATOM   92   C CA  . ASN A 1 62  ? -15.108 -4.823  3.712   1.00 41.52  ? 71  ASN A CA  1 
ATOM   93   C C   . ASN A 1 62  ? -15.317 -6.001  2.729   1.00 41.52  ? 71  ASN A C   1 
ATOM   94   O O   . ASN A 1 62  ? -15.174 -7.167  3.120   1.00 41.85  ? 71  ASN A O   1 
ATOM   95   C CB  . ASN A 1 62  ? -15.584 -5.154  5.130   1.00 47.21  ? 71  ASN A CB  1 
ATOM   96   C CG  . ASN A 1 62  ? -17.054 -4.991  5.276   1.00 57.25  ? 71  ASN A CG  1 
ATOM   97   O OD1 . ASN A 1 62  ? -17.802 -5.425  4.405   1.00 64.21  ? 71  ASN A OD1 1 
ATOM   98   N ND2 . ASN A 1 62  ? -17.482 -4.255  6.306   1.00 61.13  ? 71  ASN A ND2 1 
ATOM   99   N N   . HIS A 1 63  ? -15.509 -5.692  1.441   1.00 39.26  ? 72  HIS A N   1 
ATOM   100  C CA  . HIS A 1 63  ? -15.550 -6.721  0.399   1.00 43.60  ? 72  HIS A CA  1 
ATOM   101  C C   . HIS A 1 63  ? -14.270 -7.514  0.251   1.00 44.43  ? 72  HIS A C   1 
ATOM   102  O O   . HIS A 1 63  ? -13.158 -7.039  0.591   1.00 40.41  ? 72  HIS A O   1 
ATOM   103  C CB  . HIS A 1 63  ? -15.918 -6.126  -0.963  1.00 44.69  ? 72  HIS A CB  1 
ATOM   104  C CG  . HIS A 1 63  ? -17.269 -5.489  -0.984  1.00 51.90  ? 72  HIS A CG  1 
ATOM   105  N ND1 . HIS A 1 63  ? -17.767 -4.829  -2.088  1.00 59.53  ? 72  HIS A ND1 1 
ATOM   106  C CD2 . HIS A 1 63  ? -18.223 -5.390  -0.024  1.00 56.82  ? 72  HIS A CD2 1 
ATOM   107  C CE1 . HIS A 1 63  ? -18.975 -4.367  -1.813  1.00 56.80  ? 72  HIS A CE1 1 
ATOM   108  N NE2 . HIS A 1 63  ? -19.268 -4.682  -0.561  1.00 54.39  ? 72  HIS A NE2 1 
ATOM   109  N N   . GLU A 1 64  ? -14.444 -8.726  -0.285  1.00 39.53  ? 73  GLU A N   1 
ATOM   110  C CA  . GLU A 1 64  ? -13.434 -9.762  -0.205  1.00 41.84  ? 73  GLU A CA  1 
ATOM   111  C C   . GLU A 1 64  ? -12.421 -9.565  -1.324  1.00 38.42  ? 73  GLU A C   1 
ATOM   112  O O   . GLU A 1 64  ? -12.718 -8.941  -2.332  1.00 38.54  ? 73  GLU A O   1 
ATOM   113  C CB  . GLU A 1 64  ? -14.064 -11.168 -0.351  1.00 44.84  ? 73  GLU A CB  1 
ATOM   114  C CG  . GLU A 1 64  ? -15.067 -11.598 0.717   1.00 50.91  ? 73  GLU A CG  1 
ATOM   115  C CD  . GLU A 1 64  ? -14.467 -11.730 2.115   1.00 51.09  ? 73  GLU A CD  1 
ATOM   116  O OE1 . GLU A 1 64  ? -13.338 -12.228 2.285   1.00 57.88  ? 73  GLU A OE1 1 
ATOM   117  O OE2 . GLU A 1 64  ? -15.113 -11.294 3.076   1.00 62.69  ? 73  GLU A OE2 1 
ATOM   118  N N   . PRO A 1 65  ? -11.252 -10.196 -1.210  1.00 37.07  ? 74  PRO A N   1 
ATOM   119  C CA  . PRO A 1 65  ? -10.285 -10.151 -2.305  1.00 40.29  ? 74  PRO A CA  1 
ATOM   120  C C   . PRO A 1 65  ? -10.790 -10.727 -3.664  1.00 40.42  ? 74  PRO A C   1 
ATOM   121  O O   . PRO A 1 65  ? -11.420 -11.763 -3.702  1.00 39.56  ? 74  PRO A O   1 
ATOM   122  C CB  . PRO A 1 65  ? -9.145  -11.016 -1.763  1.00 42.84  ? 74  PRO A CB  1 
ATOM   123  C CG  . PRO A 1 65  ? -9.211  -10.831 -0.293  1.00 40.63  ? 74  PRO A CG  1 
ATOM   124  C CD  . PRO A 1 65  ? -10.674 -10.775 0.016   1.00 38.88  ? 74  PRO A CD  1 
ATOM   125  N N   . SER A 1 66  ? -10.486 -10.046 -4.752  1.00 39.12  ? 75  SER A N   1 
ATOM   126  C CA  . SER A 1 66  ? -10.692 -10.565 -6.103  1.00 43.04  ? 75  SER A CA  1 
ATOM   127  C C   . SER A 1 66  ? -9.740  -11.729 -6.440  1.00 45.53  ? 75  SER A C   1 
ATOM   128  O O   . SER A 1 66  ? -8.667  -11.867 -5.843  1.00 41.76  ? 75  SER A O   1 
ATOM   129  C CB  . SER A 1 66  ? -10.461 -9.437  -7.108  1.00 43.56  ? 75  SER A CB  1 
ATOM   130  O OG  . SER A 1 66  ? -9.078  -9.152  -7.173  1.00 42.08  ? 75  SER A OG  1 
ATOM   131  N N   . GLU A 1 67  ? -10.100 -12.517 -7.451  1.00 50.28  ? 76  GLU A N   1 
ATOM   132  C CA  . GLU A 1 67  ? -9.255  -13.642 -7.894  1.00 52.46  ? 76  GLU A CA  1 
ATOM   133  C C   . GLU A 1 67  ? -7.824  -13.201 -8.260  1.00 44.16  ? 76  GLU A C   1 
ATOM   134  O O   . GLU A 1 67  ? -6.876  -13.809 -7.804  1.00 40.24  ? 76  GLU A O   1 
ATOM   135  C CB  . GLU A 1 67  ? -9.893  -14.398 -9.078  1.00 60.13  ? 76  GLU A CB  1 
ATOM   136  C CG  . GLU A 1 67  ? -9.392  -15.840 -9.269  1.00 72.45  ? 76  GLU A CG  1 
ATOM   137  C CD  . GLU A 1 67  ? -8.436  -16.076 -10.461 1.00 83.15  ? 76  GLU A CD  1 
ATOM   138  O OE1 . GLU A 1 67  ? -7.981  -15.110 -11.125 1.00 80.03  ? 76  GLU A OE1 1 
ATOM   139  O OE2 . GLU A 1 67  ? -8.133  -17.269 -10.737 1.00 76.13  ? 76  GLU A OE2 1 
ATOM   140  N N   . MET A 1 68  ? -7.681  -12.142 -9.062  1.00 44.17  ? 77  MET A N   1 
ATOM   141  C CA  . MET A 1 68  ? -6.351  -11.655 -9.448  1.00 49.45  ? 77  MET A CA  1 
ATOM   142  C C   . MET A 1 68  ? -5.537  -11.204 -8.239  1.00 47.23  ? 77  MET A C   1 
ATOM   143  O O   . MET A 1 68  ? -4.336  -11.439 -8.172  1.00 48.25  ? 77  MET A O   1 
ATOM   144  C CB  . MET A 1 68  ? -6.419  -10.521 -10.479 1.00 49.71  ? 77  MET A CB  1 
ATOM   145  C CG  . MET A 1 68  ? -5.084  -10.235 -11.192 1.00 59.01  ? 77  MET A CG  1 
ATOM   146  S SD  . MET A 1 68  ? -4.174  -11.638 -11.951 1.00 65.16  ? 77  MET A SD  1 
ATOM   147  C CE  . MET A 1 68  ? -5.395  -12.161 -13.161 1.00 62.69  ? 77  MET A CE  1 
ATOM   148  N N   . SER A 1 69  ? -6.190  -10.589 -7.265  1.00 46.20  ? 78  SER A N   1 
ATOM   149  C CA  . SER A 1 69  ? -5.483  -10.191 -6.054  1.00 48.07  ? 78  SER A CA  1 
ATOM   150  C C   . SER A 1 69  ? -4.959  -11.405 -5.275  1.00 44.78  ? 78  SER A C   1 
ATOM   151  O O   . SER A 1 69  ? -3.912  -11.326 -4.650  1.00 36.79  ? 78  SER A O   1 
ATOM   152  C CB  . SER A 1 69  ? -6.361  -9.294  -5.159  1.00 51.30  ? 78  SER A CB  1 
ATOM   153  O OG  . SER A 1 69  ? -7.046  -10.060 -4.199  1.00 53.49  ? 78  SER A OG  1 
ATOM   154  N N   . ASN A 1 70  ? -5.670  -12.535 -5.327  1.00 41.16  ? 79  ASN A N   1 
ATOM   155  C CA  . ASN A 1 70  ? -5.168  -13.759 -4.713  1.00 40.04  ? 79  ASN A CA  1 
ATOM   156  C C   . ASN A 1 70  ? -3.881  -14.230 -5.396  1.00 42.69  ? 79  ASN A C   1 
ATOM   157  O O   . ASN A 1 70  ? -2.996  -14.798 -4.765  1.00 44.41  ? 79  ASN A O   1 
ATOM   158  C CB  . ASN A 1 70  ? -6.225  -14.849 -4.775  1.00 46.80  ? 79  ASN A CB  1 
ATOM   159  C CG  . ASN A 1 70  ? -7.158  -14.840 -3.585  1.00 48.67  ? 79  ASN A CG  1 
ATOM   160  O OD1 . ASN A 1 70  ? -7.111  -13.953 -2.733  1.00 46.56  ? 79  ASN A OD1 1 
ATOM   161  N ND2 . ASN A 1 70  ? -8.026  -15.844 -3.533  1.00 54.64  ? 79  ASN A ND2 1 
ATOM   162  N N   . ARG A 1 71  ? -3.771  -13.964 -6.682  1.00 35.97  ? 80  ARG A N   1 
ATOM   163  C CA  . ARG A 1 71  ? -2.587  -14.353 -7.419  1.00 41.32  ? 80  ARG A CA  1 
ATOM   164  C C   . ARG A 1 71  ? -1.400  -13.420 -7.251  1.00 41.20  ? 80  ARG A C   1 
ATOM   165  O O   . ARG A 1 71  ? -0.285  -13.891 -7.180  1.00 40.16  ? 80  ARG A O   1 
ATOM   166  C CB  . ARG A 1 71  ? -2.920  -14.507 -8.888  1.00 38.05  ? 80  ARG A CB  1 
ATOM   167  C CG  . ARG A 1 71  ? -3.953  -15.596 -9.086  1.00 39.45  ? 80  ARG A CG  1 
ATOM   168  C CD  . ARG A 1 71  ? -4.052  -15.984 -10.527 1.00 38.28  ? 80  ARG A CD  1 
ATOM   169  N NE  . ARG A 1 71  ? -2.733  -16.294 -11.077 1.00 36.79  ? 80  ARG A NE  1 
ATOM   170  C CZ  . ARG A 1 71  ? -2.387  -16.095 -12.351 1.00 36.84  ? 80  ARG A CZ  1 
ATOM   171  N NH1 . ARG A 1 71  ? -3.271  -15.598 -13.200 1.00 36.40  ? 80  ARG A NH1 1 
ATOM   172  N NH2 . ARG A 1 71  ? -1.158  -16.410 -12.781 1.00 34.96  ? 80  ARG A NH2 1 
ATOM   173  N N   . THR A 1 72  ? -1.622  -12.112 -7.197  1.00 38.82  ? 81  THR A N   1 
ATOM   174  C CA  . THR A 1 72  ? -0.509  -11.176 -7.001  1.00 36.73  ? 81  THR A CA  1 
ATOM   175  C C   . THR A 1 72  ? -0.179  -10.945 -5.511  1.00 35.87  ? 81  THR A C   1 
ATOM   176  O O   . THR A 1 72  ? 0.943   -10.546 -5.163  1.00 34.74  ? 81  THR A O   1 
ATOM   177  C CB  . THR A 1 72  ? -0.828  -9.840  -7.668  1.00 39.17  ? 81  THR A CB  1 
ATOM   178  O OG1 . THR A 1 72  ? -2.014  -9.292  -7.086  1.00 33.05  ? 81  THR A OG1 1 
ATOM   179  C CG2 . THR A 1 72  ? -1.086  -10.063 -9.159  1.00 39.34  ? 81  THR A CG2 1 
ATOM   180  N N   . MET A 1 73  ? -1.164  -11.140 -4.652  1.00 28.67  ? 82  MET A N   1 
ATOM   181  C CA  . MET A 1 73  ? -1.080  -10.736 -3.260  1.00 35.51  ? 82  MET A CA  1 
ATOM   182  C C   . MET A 1 73  ? -0.842  -9.217  -3.115  1.00 30.68  ? 82  MET A C   1 
ATOM   183  O O   . MET A 1 73  ? -0.457  -8.753  -2.073  1.00 27.59  ? 82  MET A O   1 
ATOM   184  C CB  . MET A 1 73  ? -0.021  -11.564 -2.510  1.00 39.55  ? 82  MET A CB  1 
ATOM   185  C CG  . MET A 1 73  ? -0.419  -13.046 -2.303  1.00 45.15  ? 82  MET A CG  1 
ATOM   186  S SD  . MET A 1 73  ? -2.036  -13.262 -1.459  1.00 63.99  ? 82  MET A SD  1 
ATOM   187  C CE  . MET A 1 73  ? -2.223  -15.048 -1.380  1.00 68.31  ? 82  MET A CE  1 
ATOM   188  N N   . ILE A 1 74  ? -1.143  -8.455  -4.157  1.00 26.81  ? 83  ILE A N   1 
ATOM   189  C CA  . ILE A 1 74  ? -1.017  -7.000  -4.120  1.00 29.24  ? 83  ILE A CA  1 
ATOM   190  C C   . ILE A 1 74  ? -2.293  -6.421  -3.510  1.00 30.89  ? 83  ILE A C   1 
ATOM   191  O O   . ILE A 1 74  ? -3.405  -6.815  -3.891  1.00 30.94  ? 83  ILE A O   1 
ATOM   192  C CB  . ILE A 1 74  ? -0.747  -6.421  -5.502  1.00 27.25  ? 83  ILE A CB  1 
ATOM   193  C CG1 . ILE A 1 74  ? 0.698   -6.774  -5.889  1.00 33.43  ? 83  ILE A CG1 1 
ATOM   194  C CG2 . ILE A 1 74  ? -0.958  -4.887  -5.525  1.00 30.25  ? 83  ILE A CG2 1 
ATOM   195  C CD1 . ILE A 1 74  ? 1.079   -6.502  -7.331  1.00 32.82  ? 83  ILE A CD1 1 
ATOM   196  N N   . ILE A 1 75  ? -2.110  -5.519  -2.548  1.00 27.56  ? 84  ILE A N   1 
ATOM   197  C CA  . ILE A 1 75  ? -3.226  -4.958  -1.781  1.00 26.66  ? 84  ILE A CA  1 
ATOM   198  C C   . ILE A 1 75  ? -3.876  -3.790  -2.534  1.00 26.68  ? 84  ILE A C   1 
ATOM   199  O O   . ILE A 1 75  ? -3.215  -2.795  -2.910  1.00 27.01  ? 84  ILE A O   1 
ATOM   200  C CB  . ILE A 1 75  ? -2.773  -4.544  -0.366  1.00 26.37  ? 84  ILE A CB  1 
ATOM   201  C CG1 . ILE A 1 75  ? -2.275  -5.784  0.380   1.00 27.79  ? 84  ILE A CG1 1 
ATOM   202  C CG2 . ILE A 1 75  ? -3.947  -3.924  0.404   1.00 25.55  ? 84  ILE A CG2 1 
ATOM   203  C CD1 . ILE A 1 75  ? -1.460  -5.483  1.611   1.00 30.40  ? 84  ILE A CD1 1 
ATOM   204  N N   . TYR A 1 76  ? -5.179  -3.922  -2.731  1.00 26.40  ? 85  TYR A N   1 
ATOM   205  C CA  . TYR A 1 76  ? -5.950  -3.025  -3.588  1.00 27.90  ? 85  TYR A CA  1 
ATOM   206  C C   . TYR A 1 76  ? -6.696  -1.950  -2.796  1.00 29.58  ? 85  TYR A C   1 
ATOM   207  O O   . TYR A 1 76  ? -7.342  -2.232  -1.744  1.00 25.38  ? 85  TYR A O   1 
ATOM   208  C CB  . TYR A 1 76  ? -6.901  -3.853  -4.455  1.00 32.16  ? 85  TYR A CB  1 
ATOM   209  C CG  . TYR A 1 76  ? -7.863  -3.069  -5.311  1.00 33.81  ? 85  TYR A CG  1 
ATOM   210  C CD1 . TYR A 1 76  ? -7.426  -2.314  -6.400  1.00 37.77  ? 85  TYR A CD1 1 
ATOM   211  C CD2 . TYR A 1 76  ? -9.222  -3.062  -5.010  1.00 36.76  ? 85  TYR A CD2 1 
ATOM   212  C CE1 . TYR A 1 76  ? -8.316  -1.536  -7.135  1.00 38.10  ? 85  TYR A CE1 1 
ATOM   213  C CE2 . TYR A 1 76  ? -10.124 -2.337  -5.759  1.00 36.87  ? 85  TYR A CE2 1 
ATOM   214  C CZ  . TYR A 1 76  ? -9.682  -1.587  -6.819  1.00 39.79  ? 85  TYR A CZ  1 
ATOM   215  O OH  . TYR A 1 76  ? -10.618 -0.861  -7.518  1.00 44.57  ? 85  TYR A OH  1 
ATOM   216  N N   . PHE A 1 77  ? -6.620  -0.713  -3.298  1.00 26.46  ? 86  PHE A N   1 
ATOM   217  C CA  . PHE A 1 77  ? -7.334  0.412   -2.672  1.00 30.45  ? 86  PHE A CA  1 
ATOM   218  C C   . PHE A 1 77  ? -8.318  1.039   -3.633  1.00 30.32  ? 86  PHE A C   1 
ATOM   219  O O   . PHE A 1 77  ? -7.927  1.663   -4.609  1.00 31.62  ? 86  PHE A O   1 
ATOM   220  C CB  . PHE A 1 77  ? -6.338  1.475   -2.194  1.00 28.22  ? 86  PHE A CB  1 
ATOM   221  C CG  . PHE A 1 77  ? -5.390  0.976   -1.150  1.00 27.49  ? 86  PHE A CG  1 
ATOM   222  C CD1 . PHE A 1 77  ? -4.303  0.206   -1.509  1.00 26.85  ? 86  PHE A CD1 1 
ATOM   223  C CD2 . PHE A 1 77  ? -5.619  1.206   0.179   1.00 24.34  ? 86  PHE A CD2 1 
ATOM   224  C CE1 . PHE A 1 77  ? -3.445  -0.277  -0.568  1.00 24.82  ? 86  PHE A CE1 1 
ATOM   225  C CE2 . PHE A 1 77  ? -4.769  0.703   1.125   1.00 23.19  ? 86  PHE A CE2 1 
ATOM   226  C CZ  . PHE A 1 77  ? -3.659  -0.017  0.748   1.00 22.20  ? 86  PHE A CZ  1 
ATOM   227  N N   . ASP A 1 78  ? -9.596  0.975   -3.313  1.00 34.72  ? 87  ASP A N   1 
ATOM   228  C CA  . ASP A 1 78  ? -10.604 1.365   -4.290  1.00 36.42  ? 87  ASP A CA  1 
ATOM   229  C C   . ASP A 1 78  ? -10.800 2.874   -4.335  1.00 34.90  ? 87  ASP A C   1 
ATOM   230  O O   . ASP A 1 78  ? -11.099 3.407   -5.374  1.00 36.56  ? 87  ASP A O   1 
ATOM   231  C CB  . ASP A 1 78  ? -11.939 0.670   -4.023  1.00 38.76  ? 87  ASP A CB  1 
ATOM   232  C CG  . ASP A 1 78  ? -12.547 1.087   -2.706  1.00 37.70  ? 87  ASP A CG  1 
ATOM   233  O OD1 . ASP A 1 78  ? -12.021 0.657   -1.669  1.00 32.77  ? 87  ASP A OD1 1 
ATOM   234  O OD2 . ASP A 1 78  ? -13.497 1.890   -2.709  1.00 42.47  ? 87  ASP A OD2 1 
ATOM   235  N N   . GLN A 1 79  ? -10.624 3.583   -3.231  1.00 37.97  ? 88  GLN A N   1 
ATOM   236  C CA  . GLN A 1 79  ? -10.926 5.019   -3.242  1.00 33.30  ? 88  GLN A CA  1 
ATOM   237  C C   . GLN A 1 79  ? -9.645  5.846   -3.212  1.00 34.25  ? 88  GLN A C   1 
ATOM   238  O O   . GLN A 1 79  ? -8.905  5.831   -2.234  1.00 32.07  ? 88  GLN A O   1 
ATOM   239  C CB  . GLN A 1 79  ? -11.788 5.371   -2.055  1.00 36.76  ? 88  GLN A CB  1 
ATOM   240  C CG  . GLN A 1 79  ? -12.378 6.757   -2.127  1.00 41.89  ? 88  GLN A CG  1 
ATOM   241  C CD  . GLN A 1 79  ? -13.305 7.045   -0.966  1.00 47.97  ? 88  GLN A CD  1 
ATOM   242  O OE1 . GLN A 1 79  ? -13.697 6.146   -0.243  1.00 44.95  ? 88  GLN A OE1 1 
ATOM   243  N NE2 . GLN A 1 79  ? -13.628 8.323   -0.762  1.00 56.46  ? 88  GLN A NE2 1 
ATOM   244  N N   . VAL A 1 80  ? -9.393  6.584   -4.282  1.00 30.77  ? 89  VAL A N   1 
ATOM   245  C CA  . VAL A 1 80  ? -8.199  7.405   -4.365  1.00 33.12  ? 89  VAL A CA  1 
ATOM   246  C C   . VAL A 1 80  ? -8.543  8.799   -3.908  1.00 33.64  ? 89  VAL A C   1 
ATOM   247  O O   . VAL A 1 80  ? -9.325  9.443   -4.550  1.00 35.23  ? 89  VAL A O   1 
ATOM   248  C CB  . VAL A 1 80  ? -7.678  7.503   -5.801  1.00 34.18  ? 89  VAL A CB  1 
ATOM   249  C CG1 . VAL A 1 80  ? -6.468  8.418   -5.815  1.00 36.14  ? 89  VAL A CG1 1 
ATOM   250  C CG2 . VAL A 1 80  ? -7.304  6.118   -6.347  1.00 36.51  ? 89  VAL A CG2 1 
ATOM   251  N N   . LEU A 1 81  ? -7.941  9.286   -2.834  1.00 33.19  ? 90  LEU A N   1 
ATOM   252  C CA  . LEU A 1 81  ? -8.326  10.587  -2.274  1.00 32.89  ? 90  LEU A CA  1 
ATOM   253  C C   . LEU A 1 81  ? -7.525  11.727  -2.880  1.00 32.43  ? 90  LEU A C   1 
ATOM   254  O O   . LEU A 1 81  ? -8.029  12.833  -3.021  1.00 37.79  ? 90  LEU A O   1 
ATOM   255  C CB  . LEU A 1 81  ? -8.126  10.596  -0.758  1.00 33.43  ? 90  LEU A CB  1 
ATOM   256  C CG  . LEU A 1 81  ? -8.910  9.576   0.041   1.00 40.02  ? 90  LEU A CG  1 
ATOM   257  C CD1 . LEU A 1 81  ? -8.662  9.794   1.518   1.00 39.96  ? 90  LEU A CD1 1 
ATOM   258  C CD2 . LEU A 1 81  ? -10.392 9.688   -0.284  1.00 44.16  ? 90  LEU A CD2 1 
ATOM   259  N N   . VAL A 1 82  ? -6.250  11.464  -3.147  1.00 30.16  ? 91  VAL A N   1 
ATOM   260  C CA  . VAL A 1 82  ? -5.310  12.436  -3.710  1.00 27.98  ? 91  VAL A CA  1 
ATOM   261  C C   . VAL A 1 82  ? -4.485  11.687  -4.773  1.00 27.11  ? 91  VAL A C   1 
ATOM   262  O O   . VAL A 1 82  ? -4.113  10.507  -4.595  1.00 27.80  ? 91  VAL A O   1 
ATOM   263  C CB  . VAL A 1 82  ? -4.333  12.984  -2.627  1.00 27.05  ? 91  VAL A CB  1 
ATOM   264  C CG1 . VAL A 1 82  ? -3.269  13.879  -3.239  1.00 26.84  ? 91  VAL A CG1 1 
ATOM   265  C CG2 . VAL A 1 82  ? -5.105  13.748  -1.555  1.00 30.27  ? 91  VAL A CG2 1 
ATOM   266  N N   . ASN A 1 83  ? -4.181  12.380  -5.868  1.00 29.19  ? 92  ASN A N   1 
ATOM   267  C CA  . ASN A 1 83  ? -3.339  11.825  -6.953  1.00 30.21  ? 92  ASN A CA  1 
ATOM   268  C C   . ASN A 1 83  ? -2.724  12.932  -7.779  1.00 28.96  ? 92  ASN A C   1 
ATOM   269  O O   . ASN A 1 83  ? -2.878  12.957  -8.963  1.00 28.39  ? 92  ASN A O   1 
ATOM   270  C CB  . ASN A 1 83  ? -4.148  10.868  -7.852  1.00 30.87  ? 92  ASN A CB  1 
ATOM   271  C CG  . ASN A 1 83  ? -3.274  9.851   -8.595  1.00 31.61  ? 92  ASN A CG  1 
ATOM   272  O OD1 . ASN A 1 83  ? -2.037  9.872   -8.554  1.00 29.49  ? 92  ASN A OD1 1 
ATOM   273  N ND2 . ASN A 1 83  ? -3.937  8.932   -9.274  1.00 32.67  ? 92  ASN A ND2 1 
ATOM   274  N N   . ILE A 1 84  ? -1.937  13.789  -7.150  1.00 29.92  ? 93  ILE A N   1 
ATOM   275  C CA  . ILE A 1 84  ? -1.321  14.901  -7.838  1.00 29.01  ? 93  ILE A CA  1 
ATOM   276  C C   . ILE A 1 84  ? -0.176  14.396  -8.695  1.00 30.31  ? 93  ILE A C   1 
ATOM   277  O O   . ILE A 1 84  ? 0.759   13.757  -8.197  1.00 35.07  ? 93  ILE A O   1 
ATOM   278  C CB  . ILE A 1 84  ? -0.844  15.977  -6.843  1.00 30.84  ? 93  ILE A CB  1 
ATOM   279  C CG1 . ILE A 1 84  ? -2.014  16.466  -5.954  1.00 31.30  ? 93  ILE A CG1 1 
ATOM   280  C CG2 . ILE A 1 84  ? -0.226  17.148  -7.586  1.00 30.36  ? 93  ILE A CG2 1 
ATOM   281  C CD1 . ILE A 1 84  ? -3.123  17.199  -6.668  1.00 32.23  ? 93  ILE A CD1 1 
ATOM   282  N N   . GLY A 1 85  ? -0.257  14.675  -10.000 1.00 29.82  ? 94  GLY A N   1 
ATOM   283  C CA  . GLY A 1 85  ? 0.704   14.131  -10.982 1.00 29.20  ? 94  GLY A CA  1 
ATOM   284  C C   . GLY A 1 85  ? 0.144   12.884  -11.643 1.00 33.49  ? 94  GLY A C   1 
ATOM   285  O O   . GLY A 1 85  ? 0.667   12.423  -12.628 1.00 35.87  ? 94  GLY A O   1 
ATOM   286  N N   . ASN A 1 86  ? -0.925  12.322  -11.090 1.00 34.86  ? 95  ASN A N   1 
ATOM   287  C CA  . ASN A 1 86  ? -1.511  11.160  -11.653 1.00 36.25  ? 95  ASN A CA  1 
ATOM   288  C C   . ASN A 1 86  ? -0.533  10.004  -11.765 1.00 34.27  ? 95  ASN A C   1 
ATOM   289  O O   . ASN A 1 86  ? -0.588  9.198   -12.714 1.00 36.07  ? 95  ASN A O   1 
ATOM   290  C CB  . ASN A 1 86  ? -2.117  11.508  -13.005 1.00 41.64  ? 95  ASN A CB  1 
ATOM   291  C CG  . ASN A 1 86  ? -3.524  11.069  -13.085 1.00 54.89  ? 95  ASN A CG  1 
ATOM   292  O OD1 . ASN A 1 86  ? -4.373  11.560  -12.329 1.00 73.25  ? 95  ASN A OD1 1 
ATOM   293  N ND2 . ASN A 1 86  ? -3.782  10.079  -13.906 1.00 57.69  ? 95  ASN A ND2 1 
ATOM   294  N N   . ASN A 1 87  ? 0.301   9.851   -10.748 1.00 32.88  ? 96  ASN A N   1 
ATOM   295  C CA  . ASN A 1 87  ? 1.403   8.880   -10.800 1.00 30.57  ? 96  ASN A CA  1 
ATOM   296  C C   . ASN A 1 87  ? 1.066   7.591   -10.065 1.00 29.63  ? 96  ASN A C   1 
ATOM   297  O O   . ASN A 1 87  ? 1.835   6.620   -10.073 1.00 32.12  ? 96  ASN A O   1 
ATOM   298  C CB  . ASN A 1 87  ? 2.669   9.514   -10.239 1.00 29.60  ? 96  ASN A CB  1 
ATOM   299  C CG  . ASN A 1 87  ? 3.141   10.703  -11.052 1.00 31.96  ? 96  ASN A CG  1 
ATOM   300  O OD1 . ASN A 1 87  ? 3.294   11.830  -10.548 1.00 34.80  ? 96  ASN A OD1 1 
ATOM   301  N ND2 . ASN A 1 87  ? 3.431   10.449  -12.315 1.00 30.58  ? 96  ASN A ND2 1 
ATOM   302  N N   . PHE A 1 88  ? -0.074  7.575   -9.407  1.00 29.84  ? 97  PHE A N   1 
ATOM   303  C CA  . PHE A 1 88  ? -0.543  6.358   -8.767  1.00 29.42  ? 97  PHE A CA  1 
ATOM   304  C C   . PHE A 1 88  ? -1.516  5.725   -9.752  1.00 31.93  ? 97  PHE A C   1 
ATOM   305  O O   . PHE A 1 88  ? -2.481  6.374   -10.198 1.00 30.04  ? 97  PHE A O   1 
ATOM   306  C CB  . PHE A 1 88  ? -1.250  6.649   -7.436  1.00 26.10  ? 97  PHE A CB  1 
ATOM   307  C CG  . PHE A 1 88  ? -1.735  5.413   -6.698  1.00 24.81  ? 97  PHE A CG  1 
ATOM   308  C CD1 . PHE A 1 88  ? -0.851  4.606   -6.004  1.00 27.60  ? 97  PHE A CD1 1 
ATOM   309  C CD2 . PHE A 1 88  ? -3.094  5.104   -6.626  1.00 31.16  ? 97  PHE A CD2 1 
ATOM   310  C CE1 . PHE A 1 88  ? -1.292  3.464   -5.320  1.00 25.99  ? 97  PHE A CE1 1 
ATOM   311  C CE2 . PHE A 1 88  ? -3.557  3.965   -5.929  1.00 30.12  ? 97  PHE A CE2 1 
ATOM   312  C CZ  . PHE A 1 88  ? -2.653  3.158   -5.263  1.00 28.06  ? 97  PHE A CZ  1 
ATOM   313  N N   . ASP A 1 89  ? -1.247  4.467   -10.053 1.00 34.06  ? 98  ASP A N   1 
ATOM   314  C CA  . ASP A 1 89  ? -2.092  3.632   -10.904 1.00 35.48  ? 98  ASP A CA  1 
ATOM   315  C C   . ASP A 1 89  ? -3.113  2.880   -10.058 1.00 31.69  ? 98  ASP A C   1 
ATOM   316  O O   . ASP A 1 89  ? -2.779  1.877   -9.462  1.00 33.02  ? 98  ASP A O   1 
ATOM   317  C CB  . ASP A 1 89  ? -1.193  2.632   -11.645 1.00 34.14  ? 98  ASP A CB  1 
ATOM   318  C CG  . ASP A 1 89  ? -1.988  1.696   -12.580 1.00 42.58  ? 98  ASP A CG  1 
ATOM   319  O OD1 . ASP A 1 89  ? -3.238  1.551   -12.434 1.00 37.99  ? 98  ASP A OD1 1 
ATOM   320  O OD2 . ASP A 1 89  ? -1.330  1.113   -13.469 1.00 44.05  ? 98  ASP A OD2 1 
ATOM   321  N N   . SER A 1 90  ? -4.364  3.310   -10.077 1.00 32.36  ? 99  SER A N   1 
ATOM   322  C CA  . SER A 1 90  ? -5.378  2.809   -9.172  1.00 41.23  ? 99  SER A CA  1 
ATOM   323  C C   . SER A 1 90  ? -5.861  1.402   -9.453  1.00 46.96  ? 99  SER A C   1 
ATOM   324  O O   . SER A 1 90  ? -6.343  0.708   -8.558  1.00 44.15  ? 99  SER A O   1 
ATOM   325  C CB  . SER A 1 90  ? -6.573  3.751   -9.179  1.00 48.46  ? 99  SER A CB  1 
ATOM   326  O OG  . SER A 1 90  ? -7.169  3.788   -10.451 1.00 55.42  ? 99  SER A OG  1 
ATOM   327  N N   . GLU A 1 91  ? -5.732  0.979   -10.698 1.00 45.35  ? 100 GLU A N   1 
ATOM   328  C CA  . GLU A 1 91  ? -6.125  -0.358  -11.079 1.00 43.88  ? 100 GLU A CA  1 
ATOM   329  C C   . GLU A 1 91  ? -5.164  -1.317  -10.421 1.00 43.22  ? 100 GLU A C   1 
ATOM   330  O O   . GLU A 1 91  ? -5.573  -2.269  -9.796  1.00 49.94  ? 100 GLU A O   1 
ATOM   331  C CB  . GLU A 1 91  ? -6.059  -0.516  -12.595 1.00 52.35  ? 100 GLU A CB  1 
ATOM   332  C CG  . GLU A 1 91  ? -7.310  -1.134  -13.170 1.00 67.73  ? 100 GLU A CG  1 
ATOM   333  C CD  . GLU A 1 91  ? -7.203  -1.304  -14.659 1.00 73.79  ? 100 GLU A CD  1 
ATOM   334  O OE1 . GLU A 1 91  ? -7.216  -0.266  -15.363 1.00 75.49  ? 100 GLU A OE1 1 
ATOM   335  O OE2 . GLU A 1 91  ? -7.079  -2.471  -15.094 1.00 70.13  ? 100 GLU A OE2 1 
ATOM   336  N N   . ARG A 1 92  ? -3.883  -0.980  -10.480 1.00 36.42  ? 101 ARG A N   1 
ATOM   337  C CA  . ARG A 1 92  ? -2.828  -1.806  -9.943  1.00 37.96  ? 101 ARG A CA  1 
ATOM   338  C C   . ARG A 1 92  ? -2.349  -1.421  -8.539  1.00 34.02  ? 101 ARG A C   1 
ATOM   339  O O   . ARG A 1 92  ? -1.460  -2.080  -8.001  1.00 35.66  ? 101 ARG A O   1 
ATOM   340  C CB  . ARG A 1 92  ? -1.666  -1.764  -10.911 1.00 43.44  ? 101 ARG A CB  1 
ATOM   341  C CG  . ARG A 1 92  ? -2.125  -2.184  -12.282 1.00 48.87  ? 101 ARG A CG  1 
ATOM   342  C CD  . ARG A 1 92  ? -0.985  -2.621  -13.158 1.00 59.30  ? 101 ARG A CD  1 
ATOM   343  N NE  . ARG A 1 92  ? -1.535  -3.344  -14.298 1.00 66.29  ? 101 ARG A NE  1 
ATOM   344  C CZ  . ARG A 1 92  ? -0.886  -4.256  -15.009 1.00 70.84  ? 101 ARG A CZ  1 
ATOM   345  N NH1 . ARG A 1 92  ? 0.383   -4.550  -14.745 1.00 68.21  ? 101 ARG A NH1 1 
ATOM   346  N NH2 . ARG A 1 92  ? -1.509  -4.866  -16.014 1.00 77.29  ? 101 ARG A NH2 1 
ATOM   347  N N   . SER A 1 93  ? -2.910  -0.340  -7.983  1.00 33.94  ? 102 SER A N   1 
ATOM   348  C CA  . SER A 1 93  ? -2.582  0.151   -6.648  1.00 32.24  ? 102 SER A CA  1 
ATOM   349  C C   . SER A 1 93  ? -1.086  0.340   -6.494  1.00 29.38  ? 102 SER A C   1 
ATOM   350  O O   . SER A 1 93  ? -0.472  -0.105  -5.535  1.00 26.70  ? 102 SER A O   1 
ATOM   351  C CB  . SER A 1 93  ? -3.145  -0.834  -5.616  1.00 37.52  ? 102 SER A CB  1 
ATOM   352  O OG  . SER A 1 93  ? -4.555  -0.626  -5.546  1.00 45.96  ? 102 SER A OG  1 
ATOM   353  N N   . THR A 1 94  ? -0.494  0.927   -7.517  1.00 29.82  ? 103 THR A N   1 
ATOM   354  C CA  . THR A 1 94  ? 0.952   1.011   -7.621  1.00 28.34  ? 103 THR A CA  1 
ATOM   355  C C   . THR A 1 94  ? 1.303   2.435   -7.915  1.00 27.61  ? 103 THR A C   1 
ATOM   356  O O   . THR A 1 94  ? 0.705   3.042   -8.810  1.00 28.68  ? 103 THR A O   1 
ATOM   357  C CB  . THR A 1 94  ? 1.471   0.098   -8.760  1.00 27.43  ? 103 THR A CB  1 
ATOM   358  O OG1 . THR A 1 94  ? 1.339   -1.268  -8.379  1.00 29.66  ? 103 THR A OG1 1 
ATOM   359  C CG2 . THR A 1 94  ? 2.899   0.342   -9.045  1.00 29.05  ? 103 THR A CG2 1 
ATOM   360  N N   . PHE A 1 95  ? 2.262   2.970   -7.168  1.00 24.93  ? 104 PHE A N   1 
ATOM   361  C CA  . PHE A 1 95  ? 2.802   4.306   -7.454  1.00 28.04  ? 104 PHE A CA  1 
ATOM   362  C C   . PHE A 1 95  ? 3.985   4.135   -8.421  1.00 28.36  ? 104 PHE A C   1 
ATOM   363  O O   . PHE A 1 95  ? 4.866   3.291   -8.202  1.00 27.37  ? 104 PHE A O   1 
ATOM   364  C CB  . PHE A 1 95  ? 3.293   4.983   -6.148  1.00 26.74  ? 104 PHE A CB  1 
ATOM   365  C CG  . PHE A 1 95  ? 3.952   6.305   -6.359  1.00 25.68  ? 104 PHE A CG  1 
ATOM   366  C CD1 . PHE A 1 95  ? 3.196   7.443   -6.614  1.00 26.39  ? 104 PHE A CD1 1 
ATOM   367  C CD2 . PHE A 1 95  ? 5.326   6.406   -6.355  1.00 25.93  ? 104 PHE A CD2 1 
ATOM   368  C CE1 . PHE A 1 95  ? 3.808   8.666   -6.793  1.00 24.57  ? 104 PHE A CE1 1 
ATOM   369  C CE2 . PHE A 1 95  ? 5.940   7.617   -6.552  1.00 28.59  ? 104 PHE A CE2 1 
ATOM   370  C CZ  . PHE A 1 95  ? 5.181   8.745   -6.761  1.00 27.70  ? 104 PHE A CZ  1 
ATOM   371  N N   . ILE A 1 96  ? 4.031   4.955   -9.465  1.00 27.63  ? 105 ILE A N   1 
ATOM   372  C CA  . ILE A 1 96  ? 5.144   4.880   -10.427 1.00 30.14  ? 105 ILE A CA  1 
ATOM   373  C C   . ILE A 1 96  ? 5.870   6.219   -10.395 1.00 28.43  ? 105 ILE A C   1 
ATOM   374  O O   . ILE A 1 96  ? 5.286   7.247   -10.714 1.00 27.86  ? 105 ILE A O   1 
ATOM   375  C CB  . ILE A 1 96  ? 4.639   4.565   -11.862 1.00 36.16  ? 105 ILE A CB  1 
ATOM   376  C CG1 . ILE A 1 96  ? 3.777   3.278   -11.851 1.00 39.19  ? 105 ILE A CG1 1 
ATOM   377  C CG2 . ILE A 1 96  ? 5.828   4.426   -12.804 1.00 34.06  ? 105 ILE A CG2 1 
ATOM   378  C CD1 . ILE A 1 96  ? 2.772   3.153   -12.963 1.00 40.24  ? 105 ILE A CD1 1 
ATOM   379  N N   . ALA A 1 97  ? 7.139   6.209   -9.978  1.00 28.23  ? 106 ALA A N   1 
ATOM   380  C CA  . ALA A 1 97  ? 7.862   7.455   -9.742  1.00 28.14  ? 106 ALA A CA  1 
ATOM   381  C C   . ALA A 1 97  ? 8.107   8.232   -11.065 1.00 31.99  ? 106 ALA A C   1 
ATOM   382  O O   . ALA A 1 97  ? 8.698   7.699   -11.986 1.00 34.28  ? 106 ALA A O   1 
ATOM   383  C CB  . ALA A 1 97  ? 9.196   7.161   -9.061  1.00 25.24  ? 106 ALA A CB  1 
ATOM   384  N N   . PRO A 1 98  ? 7.666   9.494   -11.147 1.00 32.68  ? 107 PRO A N   1 
ATOM   385  C CA  . PRO A 1 98  ? 7.829   10.231  -12.403 1.00 33.14  ? 107 PRO A CA  1 
ATOM   386  C C   . PRO A 1 98  ? 9.226   10.801  -12.600 1.00 39.50  ? 107 PRO A C   1 
ATOM   387  O O   . PRO A 1 98  ? 9.494   11.301  -13.676 1.00 38.61  ? 107 PRO A O   1 
ATOM   388  C CB  . PRO A 1 98  ? 6.848   11.401  -12.248 1.00 35.50  ? 107 PRO A CB  1 
ATOM   389  C CG  . PRO A 1 98  ? 6.806   11.664  -10.753 1.00 31.38  ? 107 PRO A CG  1 
ATOM   390  C CD  . PRO A 1 98  ? 6.943   10.292  -10.125 1.00 33.02  ? 107 PRO A CD  1 
ATOM   391  N N   . ARG A 1 99  ? 10.065  10.794  -11.550 1.00 32.91  ? 108 ARG A N   1 
ATOM   392  C CA  . ARG A 1 99  ? 11.391  11.356  -11.607 1.00 32.02  ? 108 ARG A CA  1 
ATOM   393  C C   . ARG A 1 99  ? 12.250  10.885  -10.439 1.00 35.00  ? 108 ARG A C   1 
ATOM   394  O O   . ARG A 1 99  ? 11.763  10.378  -9.409  1.00 33.85  ? 108 ARG A O   1 
ATOM   395  C CB  . ARG A 1 99  ? 11.319  12.878  -11.574 1.00 31.88  ? 108 ARG A CB  1 
ATOM   396  C CG  . ARG A 1 99  ? 10.750  13.426  -10.274 1.00 36.33  ? 108 ARG A CG  1 
ATOM   397  C CD  . ARG A 1 99  ? 10.425  14.875  -10.438 1.00 35.52  ? 108 ARG A CD  1 
ATOM   398  N NE  . ARG A 1 99  ? 11.661  15.614  -10.613 1.00 36.98  ? 108 ARG A NE  1 
ATOM   399  C CZ  . ARG A 1 99  ? 11.729  16.928  -10.750 1.00 37.65  ? 108 ARG A CZ  1 
ATOM   400  N NH1 . ARG A 1 99  ? 10.620  17.667  -10.769 1.00 36.80  ? 108 ARG A NH1 1 
ATOM   401  N NH2 . ARG A 1 99  ? 12.923  17.500  -10.877 1.00 31.75  ? 108 ARG A NH2 1 
ATOM   402  N N   . LYS A 1 100 ? 13.542  11.081  -10.593 1.00 34.05  ? 109 LYS A N   1 
ATOM   403  C CA  . LYS A 1 100 ? 14.466  10.766  -9.519  1.00 33.58  ? 109 LYS A CA  1 
ATOM   404  C C   . LYS A 1 100 ? 14.203  11.655  -8.286  1.00 28.12  ? 109 LYS A C   1 
ATOM   405  O O   . LYS A 1 100 ? 14.056  12.864  -8.375  1.00 28.75  ? 109 LYS A O   1 
ATOM   406  C CB  . LYS A 1 100 ? 15.899  10.911  -9.991  1.00 32.88  ? 109 LYS A CB  1 
ATOM   407  C CG  . LYS A 1 100 ? 16.886  10.283  -9.048  1.00 36.74  ? 109 LYS A CG  1 
ATOM   408  C CD  . LYS A 1 100 ? 18.325  10.372  -9.545  1.00 37.23  ? 109 LYS A CD  1 
ATOM   409  C CE  . LYS A 1 100 ? 19.271  10.019  -8.405  1.00 39.53  ? 109 LYS A CE  1 
ATOM   410  N NZ  . LYS A 1 100 ? 20.704  10.136  -8.731  1.00 44.29  ? 109 LYS A NZ  1 
ATOM   411  N N   . GLY A 1 101 ? 14.108  11.036  -7.124  1.00 28.88  ? 110 GLY A N   1 
ATOM   412  C CA  . GLY A 1 101 ? 13.984  11.780  -5.879  1.00 26.71  ? 110 GLY A CA  1 
ATOM   413  C C   . GLY A 1 101 ? 13.878  10.879  -4.665  1.00 26.99  ? 110 GLY A C   1 
ATOM   414  O O   . GLY A 1 101 ? 13.932  9.628   -4.766  1.00 24.72  ? 110 GLY A O   1 
ATOM   415  N N   . ILE A 1 102 ? 13.685  11.540  -3.525  1.00 22.65  ? 111 ILE A N   1 
ATOM   416  C CA  . ILE A 1 102 ? 13.402  10.870  -2.265  1.00 25.22  ? 111 ILE A CA  1 
ATOM   417  C C   . ILE A 1 102 ? 11.894  10.943  -2.090  1.00 21.36  ? 111 ILE A C   1 
ATOM   418  O O   . ILE A 1 102 ? 11.299  11.980  -2.247  1.00 23.97  ? 111 ILE A O   1 
ATOM   419  C CB  . ILE A 1 102 ? 14.134  11.494  -1.071  1.00 23.41  ? 111 ILE A CB  1 
ATOM   420  C CG1 . ILE A 1 102 ? 15.672  11.347  -1.248  1.00 24.10  ? 111 ILE A CG1 1 
ATOM   421  C CG2 . ILE A 1 102 ? 13.657  10.854  0.228   1.00 24.98  ? 111 ILE A CG2 1 
ATOM   422  C CD1 . ILE A 1 102 ? 16.176  9.921   -1.502  1.00 23.00  ? 111 ILE A CD1 1 
ATOM   423  N N   . TYR A 1 103 ? 11.302  9.790   -1.877  1.00 20.50  ? 112 TYR A N   1 
ATOM   424  C CA  . TYR A 1 103 ? 9.859   9.649   -1.752  1.00 20.59  ? 112 TYR A CA  1 
ATOM   425  C C   . TYR A 1 103 ? 9.571   9.080   -0.373  1.00 20.03  ? 112 TYR A C   1 
ATOM   426  O O   . TYR A 1 103 ? 10.318  8.252   0.140   1.00 21.85  ? 112 TYR A O   1 
ATOM   427  C CB  . TYR A 1 103 ? 9.339   8.697   -2.810  1.00 22.40  ? 112 TYR A CB  1 
ATOM   428  C CG  . TYR A 1 103 ? 9.399   9.242   -4.209  1.00 20.11  ? 112 TYR A CG  1 
ATOM   429  C CD1 . TYR A 1 103 ? 10.601  9.206   -4.963  1.00 22.79  ? 112 TYR A CD1 1 
ATOM   430  C CD2 . TYR A 1 103 ? 8.285   9.835   -4.776  1.00 24.41  ? 112 TYR A CD2 1 
ATOM   431  C CE1 . TYR A 1 103 ? 10.654  9.733   -6.272  1.00 24.61  ? 112 TYR A CE1 1 
ATOM   432  C CE2 . TYR A 1 103 ? 8.344   10.441  -6.050  1.00 24.42  ? 112 TYR A CE2 1 
ATOM   433  C CZ  . TYR A 1 103 ? 9.507   10.326  -6.814  1.00 23.87  ? 112 TYR A CZ  1 
ATOM   434  O OH  . TYR A 1 103 ? 9.521   10.881  -8.066  1.00 23.55  ? 112 TYR A OH  1 
ATOM   435  N N   . SER A 1 104 ? 8.482   9.547   0.213   1.00 23.23  ? 113 SER A N   1 
ATOM   436  C CA  . SER A 1 104 ? 7.953   9.024   1.483   1.00 22.77  ? 113 SER A CA  1 
ATOM   437  C C   . SER A 1 104 ? 6.690   8.219   1.237   1.00 21.76  ? 113 SER A C   1 
ATOM   438  O O   . SER A 1 104 ? 5.795   8.696   0.532   1.00 23.58  ? 113 SER A O   1 
ATOM   439  C CB  . SER A 1 104 ? 7.588   10.215  2.342   1.00 23.47  ? 113 SER A CB  1 
ATOM   440  O OG  . SER A 1 104 ? 6.953   9.820   3.515   1.00 24.56  ? 113 SER A OG  1 
ATOM   441  N N   . PHE A 1 105 ? 6.552   7.108   1.964   1.00 20.93  ? 114 PHE A N   1 
ATOM   442  C CA  . PHE A 1 105 ? 5.397   6.218   1.911   1.00 20.89  ? 114 PHE A CA  1 
ATOM   443  C C   . PHE A 1 105 ? 4.961   5.864   3.305   1.00 21.22  ? 114 PHE A C   1 
ATOM   444  O O   . PHE A 1 105 ? 5.779   5.652   4.201   1.00 20.90  ? 114 PHE A O   1 
ATOM   445  C CB  . PHE A 1 105 ? 5.745   4.885   1.160   1.00 22.48  ? 114 PHE A CB  1 
ATOM   446  C CG  . PHE A 1 105 ? 6.123   5.108   -0.296  1.00 20.47  ? 114 PHE A CG  1 
ATOM   447  C CD1 . PHE A 1 105 ? 5.118   5.258   -1.275  1.00 23.87  ? 114 PHE A CD1 1 
ATOM   448  C CD2 . PHE A 1 105 ? 7.444   5.293   -0.657  1.00 20.48  ? 114 PHE A CD2 1 
ATOM   449  C CE1 . PHE A 1 105 ? 5.444   5.531   -2.610  1.00 22.05  ? 114 PHE A CE1 1 
ATOM   450  C CE2 . PHE A 1 105 ? 7.783   5.567   -1.996  1.00 20.82  ? 114 PHE A CE2 1 
ATOM   451  C CZ  . PHE A 1 105 ? 6.796   5.682   -2.960  1.00 21.00  ? 114 PHE A CZ  1 
ATOM   452  N N   . ASN A 1 106 ? 3.650   5.715   3.459   1.00 22.05  ? 115 ASN A N   1 
ATOM   453  C CA  . ASN A 1 106 ? 3.074   5.264   4.702   1.00 23.77  ? 115 ASN A CA  1 
ATOM   454  C C   . ASN A 1 106 ? 1.972   4.358   4.388   1.00 18.95  ? 115 ASN A C   1 
ATOM   455  O O   . ASN A 1 106 ? 1.206   4.661   3.474   1.00 19.79  ? 115 ASN A O   1 
ATOM   456  C CB  . ASN A 1 106 ? 2.509   6.458   5.455   1.00 29.01  ? 115 ASN A CB  1 
ATOM   457  C CG  . ASN A 1 106 ? 3.306   6.746   6.667   1.00 43.11  ? 115 ASN A CG  1 
ATOM   458  O OD1 . ASN A 1 106 ? 2.917   6.345   7.748   1.00 51.18  ? 115 ASN A OD1 1 
ATOM   459  N ND2 . ASN A 1 106 ? 4.518   7.286   6.472   1.00 45.15  ? 115 ASN A ND2 1 
ATOM   460  N N   . PHE A 1 107 ? 1.773   3.346   5.220   1.00 18.94  ? 116 PHE A N   1 
ATOM   461  C CA  . PHE A 1 107 ? 0.620   2.477   5.012   1.00 20.04  ? 116 PHE A CA  1 
ATOM   462  C C   . PHE A 1 107 ? 0.115   1.958   6.306   1.00 20.34  ? 116 PHE A C   1 
ATOM   463  O O   . PHE A 1 107 ? 0.887   1.835   7.230   1.00 20.94  ? 116 PHE A O   1 
ATOM   464  C CB  . PHE A 1 107 ? 0.981   1.294   4.069   1.00 22.12  ? 116 PHE A CB  1 
ATOM   465  C CG  . PHE A 1 107 ? 1.970   0.293   4.638   1.00 21.54  ? 116 PHE A CG  1 
ATOM   466  C CD1 . PHE A 1 107 ? 1.527   -0.782  5.443   1.00 23.53  ? 116 PHE A CD1 1 
ATOM   467  C CD2 . PHE A 1 107 ? 3.306   0.349   4.279   1.00 24.14  ? 116 PHE A CD2 1 
ATOM   468  C CE1 . PHE A 1 107 ? 2.423   -1.728  5.917   1.00 26.69  ? 116 PHE A CE1 1 
ATOM   469  C CE2 . PHE A 1 107 ? 4.210   -0.602  4.751   1.00 24.19  ? 116 PHE A CE2 1 
ATOM   470  C CZ  . PHE A 1 107 ? 3.779   -1.641  5.555   1.00 26.24  ? 116 PHE A CZ  1 
ATOM   471  N N   A HIS A 1 108 ? -1.188  1.703   6.378   0.57 20.49  ? 117 HIS A N   1 
ATOM   472  N N   B HIS A 1 108 ? -1.139  1.490   6.285   0.43 20.02  ? 117 HIS A N   1 
ATOM   473  C CA  A HIS A 1 108 ? -1.805  1.012   7.498   0.57 22.67  ? 117 HIS A CA  1 
ATOM   474  C CA  B HIS A 1 108 ? -1.921  1.073   7.457   0.43 21.55  ? 117 HIS A CA  1 
ATOM   475  C C   A HIS A 1 108 ? -2.834  0.039   6.886   0.57 21.82  ? 117 HIS A C   1 
ATOM   476  C C   B HIS A 1 108 ? -2.945  0.029   7.008   0.43 21.53  ? 117 HIS A C   1 
ATOM   477  O O   A HIS A 1 108 ? -3.753  0.440   6.152   0.57 20.62  ? 117 HIS A O   1 
ATOM   478  O O   B HIS A 1 108 ? -4.061  0.386   6.619   0.43 20.83  ? 117 HIS A O   1 
ATOM   479  C CB  A HIS A 1 108 ? -2.421  2.011   8.527   0.57 23.38  ? 117 HIS A CB  1 
ATOM   480  C CB  B HIS A 1 108 ? -2.665  2.292   8.036   0.43 21.52  ? 117 HIS A CB  1 
ATOM   481  C CG  A HIS A 1 108 ? -1.468  3.090   8.986   0.57 25.39  ? 117 HIS A CG  1 
ATOM   482  C CG  B HIS A 1 108 ? -3.616  1.984   9.155   0.43 21.86  ? 117 HIS A CG  1 
ATOM   483  N ND1 A HIS A 1 108 ? -0.980  3.160   10.273  0.57 26.66  ? 117 HIS A ND1 1 
ATOM   484  N ND1 B HIS A 1 108 ? -3.228  1.986   10.477  0.43 22.60  ? 117 HIS A ND1 1 
ATOM   485  C CD2 A HIS A 1 108 ? -0.916  4.142   8.324   0.57 28.76  ? 117 HIS A CD2 1 
ATOM   486  C CD2 B HIS A 1 108 ? -4.965  1.830   9.169   0.43 21.71  ? 117 HIS A CD2 1 
ATOM   487  C CE1 A HIS A 1 108 ? -0.175  4.205   10.392  0.57 28.15  ? 117 HIS A CE1 1 
ATOM   488  C CE1 B HIS A 1 108 ? -4.283  1.786   11.250  0.43 20.32  ? 117 HIS A CE1 1 
ATOM   489  N NE2 A HIS A 1 108 ? -0.093  4.799   9.215   0.57 27.37  ? 117 HIS A NE2 1 
ATOM   490  N NE2 B HIS A 1 108 ? -5.344  1.662   10.482  0.43 19.58  ? 117 HIS A NE2 1 
ATOM   491  N N   . VAL A 1 109 ? -2.591  -1.251  7.077   1.00 21.80  ? 118 VAL A N   1 
ATOM   492  C CA  . VAL A 1 109 ? -3.456  -2.298  6.509   1.00 22.95  ? 118 VAL A CA  1 
ATOM   493  C C   . VAL A 1 109 ? -4.235  -2.951  7.642   1.00 24.93  ? 118 VAL A C   1 
ATOM   494  O O   . VAL A 1 109 ? -3.678  -3.654  8.483   1.00 25.85  ? 118 VAL A O   1 
ATOM   495  C CB  . VAL A 1 109 ? -2.637  -3.332  5.694   1.00 23.89  ? 118 VAL A CB  1 
ATOM   496  C CG1 . VAL A 1 109 ? -3.509  -4.500  5.248   1.00 24.72  ? 118 VAL A CG1 1 
ATOM   497  C CG2 . VAL A 1 109 ? -2.053  -2.679  4.497   1.00 24.27  ? 118 VAL A CG2 1 
ATOM   498  N N   . VAL A 1 110 ? -5.545  -2.737  7.604   1.00 27.91  ? 119 VAL A N   1 
ATOM   499  C CA  . VAL A 1 110 ? -6.462  -3.131  8.645   1.00 29.43  ? 119 VAL A CA  1 
ATOM   500  C C   . VAL A 1 110 ? -7.123  -4.467  8.305   1.00 30.13  ? 119 VAL A C   1 
ATOM   501  O O   . VAL A 1 110 ? -7.610  -4.668  7.192   1.00 33.92  ? 119 VAL A O   1 
ATOM   502  C CB  . VAL A 1 110 ? -7.541  -2.044  8.833   1.00 32.08  ? 119 VAL A CB  1 
ATOM   503  C CG1 . VAL A 1 110 ? -8.552  -2.435  9.884   1.00 38.90  ? 119 VAL A CG1 1 
ATOM   504  C CG2 . VAL A 1 110 ? -6.901  -0.736  9.254   1.00 31.46  ? 119 VAL A CG2 1 
ATOM   505  N N   . LYS A 1 111 ? -7.090  -5.385  9.268   1.00 28.46  ? 120 LYS A N   1 
ATOM   506  C CA  . LYS A 1 111 ? -7.719  -6.706  9.164   1.00 32.53  ? 120 LYS A CA  1 
ATOM   507  C C   . LYS A 1 111 ? -8.718  -6.958  10.307  1.00 31.01  ? 120 LYS A C   1 
ATOM   508  O O   . LYS A 1 111 ? -8.746  -6.252  11.323  1.00 29.48  ? 120 LYS A O   1 
ATOM   509  C CB  . LYS A 1 111 ? -6.636  -7.819  9.162   1.00 32.06  ? 120 LYS A CB  1 
ATOM   510  C CG  . LYS A 1 111 ? -5.984  -8.148  10.510  1.00 33.12  ? 120 LYS A CG  1 
ATOM   511  C CD  . LYS A 1 111 ? -4.871  -9.187  10.400  1.00 32.07  ? 120 LYS A CD  1 
ATOM   512  C CE  . LYS A 1 111 ? -5.369  -10.590 10.054  1.00 33.25  ? 120 LYS A CE  1 
ATOM   513  N NZ  . LYS A 1 111 ? -6.095  -11.260 11.160  1.00 33.08  ? 120 LYS A NZ  1 
ATOM   514  N N   . VAL A 1 112 ? -9.595  -7.914  10.056  1.00 36.24  ? 121 VAL A N   1 
ATOM   515  C CA  . VAL A 1 112 ? -10.522 -8.451  11.042  1.00 35.87  ? 121 VAL A CA  1 
ATOM   516  C C   . VAL A 1 112 ? -10.052 -9.877  11.418  1.00 38.12  ? 121 VAL A C   1 
ATOM   517  O O   . VAL A 1 112 ? -9.049  -10.413 10.871  1.00 36.36  ? 121 VAL A O   1 
ATOM   518  C CB  . VAL A 1 112 ? -11.997 -8.438  10.515  1.00 36.54  ? 121 VAL A CB  1 
ATOM   519  C CG1 . VAL A 1 112 ? -12.435 -7.026  10.139  1.00 35.34  ? 121 VAL A CG1 1 
ATOM   520  C CG2 . VAL A 1 112 ? -12.202 -9.355  9.337   1.00 37.90  ? 121 VAL A CG2 1 
ATOM   521  N N   . TYR A 1 113 ? -10.763 -10.479 12.359  1.00 39.21  ? 122 TYR A N   1 
ATOM   522  C CA  . TYR A 1 113 ? -10.525 -11.864 12.727  1.00 39.83  ? 122 TYR A CA  1 
ATOM   523  C C   . TYR A 1 113 ? -10.741 -12.740 11.486  1.00 38.49  ? 122 TYR A C   1 
ATOM   524  O O   . TYR A 1 113 ? -11.754 -12.616 10.790  1.00 38.30  ? 122 TYR A O   1 
ATOM   525  C CB  . TYR A 1 113 ? -11.467 -12.283 13.892  1.00 47.82  ? 122 TYR A CB  1 
ATOM   526  C CG  . TYR A 1 113 ? -11.470 -13.768 14.174  1.00 52.08  ? 122 TYR A CG  1 
ATOM   527  C CD1 . TYR A 1 113 ? -10.274 -14.457 14.406  1.00 53.90  ? 122 TYR A CD1 1 
ATOM   528  C CD2 . TYR A 1 113 ? -12.657 -14.497 14.139  1.00 57.69  ? 122 TYR A CD2 1 
ATOM   529  C CE1 . TYR A 1 113 ? -10.266 -15.824 14.592  1.00 59.70  ? 122 TYR A CE1 1 
ATOM   530  C CE2 . TYR A 1 113 ? -12.664 -15.861 14.374  1.00 57.26  ? 122 TYR A CE2 1 
ATOM   531  C CZ  . TYR A 1 113 ? -11.473 -16.518 14.598  1.00 59.99  ? 122 TYR A CZ  1 
ATOM   532  O OH  . TYR A 1 113 ? -11.492 -17.876 14.794  1.00 64.32  ? 122 TYR A OH  1 
ATOM   533  N N   . ASN A 1 114 ? -9.747  -13.554 11.157  1.00 36.00  ? 123 ASN A N   1 
ATOM   534  C CA  . ASN A 1 114 ? -9.839  -14.378 9.969   1.00 36.15  ? 123 ASN A CA  1 
ATOM   535  C C   . ASN A 1 114 ? -8.931  -15.606 9.988   1.00 37.67  ? 123 ASN A C   1 
ATOM   536  O O   . ASN A 1 114 ? -8.560  -16.130 8.920   1.00 40.00  ? 123 ASN A O   1 
ATOM   537  C CB  . ASN A 1 114 ? -9.621  -13.506 8.715   1.00 39.68  ? 123 ASN A CB  1 
ATOM   538  C CG  . ASN A 1 114 ? -8.146  -13.145 8.434   1.00 40.16  ? 123 ASN A CG  1 
ATOM   539  O OD1 . ASN A 1 114 ? -7.231  -13.478 9.205   1.00 38.85  ? 123 ASN A OD1 1 
ATOM   540  N ND2 . ASN A 1 114 ? -7.922  -12.437 7.300   1.00 39.19  ? 123 ASN A ND2 1 
ATOM   541  N N   . ARG A 1 115 ? -8.566  -16.047 11.195  1.00 38.83  ? 124 ARG A N   1 
ATOM   542  C CA  . ARG A 1 115 ? -7.704  -17.229 11.393  1.00 45.66  ? 124 ARG A CA  1 
ATOM   543  C C   . ARG A 1 115 ? -6.309  -17.100 10.778  1.00 45.76  ? 124 ARG A C   1 
ATOM   544  O O   . ARG A 1 115 ? -5.639  -18.090 10.535  1.00 47.22  ? 124 ARG A O   1 
ATOM   545  C CB  . ARG A 1 115 ? -8.419  -18.512 10.907  1.00 44.15  ? 124 ARG A CB  1 
ATOM   546  C CG  . ARG A 1 115 ? -9.833  -18.675 11.491  1.00 51.20  ? 124 ARG A CG  1 
ATOM   547  C CD  . ARG A 1 115 ? -10.470 -20.021 11.147  1.00 55.20  ? 124 ARG A CD  1 
ATOM   548  N NE  . ARG A 1 115 ? -11.125 -20.652 12.310  1.00 75.34  ? 124 ARG A NE  1 
ATOM   549  C CZ  . ARG A 1 115 ? -10.543 -21.474 13.202  1.00 84.99  ? 124 ARG A CZ  1 
ATOM   550  N NH1 . ARG A 1 115 ? -11.263 -21.971 14.198  1.00 93.66  ? 124 ARG A NH1 1 
ATOM   551  N NH2 . ARG A 1 115 ? -9.255  -21.818 13.129  1.00 93.71  ? 124 ARG A NH2 1 
ATOM   552  N N   . GLN A 1 116 ? -5.844  -15.877 10.594  1.00 45.09  ? 125 GLN A N   1 
ATOM   553  C CA  . GLN A 1 116 ? -4.554  -15.638 10.005  1.00 44.87  ? 125 GLN A CA  1 
ATOM   554  C C   . GLN A 1 116 ? -3.843  -14.441 10.644  1.00 40.67  ? 125 GLN A C   1 
ATOM   555  O O   . GLN A 1 116 ? -4.487  -13.433 10.953  1.00 37.12  ? 125 GLN A O   1 
ATOM   556  C CB  . GLN A 1 116 ? -4.775  -15.343 8.540   1.00 51.13  ? 125 GLN A CB  1 
ATOM   557  C CG  . GLN A 1 116 ? -3.622  -15.796 7.691   1.00 60.13  ? 125 GLN A CG  1 
ATOM   558  C CD  . GLN A 1 116 ? -3.818  -17.164 7.082   1.00 53.54  ? 125 GLN A CD  1 
ATOM   559  O OE1 . GLN A 1 116 ? -4.901  -17.520 6.661   1.00 58.38  ? 125 GLN A OE1 1 
ATOM   560  N NE2 . GLN A 1 116 ? -2.761  -17.921 7.018   1.00 54.57  ? 125 GLN A NE2 1 
ATOM   561  N N   . THR A 1 117 ? -2.527  -14.558 10.853  1.00 34.27  ? 126 THR A N   1 
ATOM   562  C CA  . THR A 1 117 ? -1.689  -13.377 11.035  1.00 36.17  ? 126 THR A CA  1 
ATOM   563  C C   . THR A 1 117 ? -1.126  -12.955 9.671   1.00 36.48  ? 126 THR A C   1 
ATOM   564  O O   . THR A 1 117 ? -1.066  -13.781 8.735   1.00 32.87  ? 126 THR A O   1 
ATOM   565  C CB  . THR A 1 117 ? -0.527  -13.638 11.975  1.00 37.40  ? 126 THR A CB  1 
ATOM   566  O OG1 . THR A 1 117 ? 0.437   -14.421 11.280  1.00 39.25  ? 126 THR A OG1 1 
ATOM   567  C CG2 . THR A 1 117 ? -0.997  -14.327 13.253  1.00 37.26  ? 126 THR A CG2 1 
ATOM   568  N N   . ILE A 1 118 ? -0.749  -11.674 9.549   1.00 32.76  ? 127 ILE A N   1 
ATOM   569  C CA  . ILE A 1 118 ? -0.256  -11.134 8.281   1.00 30.81  ? 127 ILE A CA  1 
ATOM   570  C C   . ILE A 1 118 ? 1.065   -10.436 8.423   1.00 31.70  ? 127 ILE A C   1 
ATOM   571  O O   . ILE A 1 118 ? 1.445   -9.957  9.512   1.00 29.98  ? 127 ILE A O   1 
ATOM   572  C CB  . ILE A 1 118 ? -1.243  -10.164 7.589   1.00 31.30  ? 127 ILE A CB  1 
ATOM   573  C CG1 . ILE A 1 118 ? -1.469  -8.901  8.445   1.00 33.94  ? 127 ILE A CG1 1 
ATOM   574  C CG2 . ILE A 1 118 ? -2.546  -10.884 7.290   1.00 34.86  ? 127 ILE A CG2 1 
ATOM   575  C CD1 . ILE A 1 118 ? -2.372  -7.848  7.843   1.00 33.02  ? 127 ILE A CD1 1 
ATOM   576  N N   . GLN A 1 119 ? 1.771   -10.442 7.300   1.00 29.92  ? 128 GLN A N   1 
ATOM   577  C CA  . GLN A 1 119 ? 2.882   -9.589  7.057   1.00 29.56  ? 128 GLN A CA  1 
ATOM   578  C C   . GLN A 1 119 ? 2.640   -8.861  5.756   1.00 29.99  ? 128 GLN A C   1 
ATOM   579  O O   . GLN A 1 119 ? 2.405   -9.510  4.723   1.00 27.49  ? 128 GLN A O   1 
ATOM   580  C CB  . GLN A 1 119 ? 4.144   -10.403 6.903   1.00 30.81  ? 128 GLN A CB  1 
ATOM   581  C CG  . GLN A 1 119 ? 5.367   -9.567  6.520   1.00 29.88  ? 128 GLN A CG  1 
ATOM   582  C CD  . GLN A 1 119 ? 6.639   -10.395 6.560   1.00 33.16  ? 128 GLN A CD  1 
ATOM   583  O OE1 . GLN A 1 119 ? 6.581   -11.577 6.857   1.00 33.30  ? 128 GLN A OE1 1 
ATOM   584  N NE2 . GLN A 1 119 ? 7.784   -9.778  6.287   1.00 33.43  ? 128 GLN A NE2 1 
ATOM   585  N N   . VAL A 1 120 ? 2.828   -7.540  5.788   1.00 24.60  ? 129 VAL A N   1 
ATOM   586  C CA  . VAL A 1 120 ? 2.626   -6.679  4.631   1.00 24.60  ? 129 VAL A CA  1 
ATOM   587  C C   . VAL A 1 120 ? 3.941   -6.035  4.356   1.00 23.91  ? 129 VAL A C   1 
ATOM   588  O O   . VAL A 1 120 ? 4.574   -5.559  5.279   1.00 24.71  ? 129 VAL A O   1 
ATOM   589  C CB  . VAL A 1 120 ? 1.567   -5.572  4.936   1.00 24.80  ? 129 VAL A CB  1 
ATOM   590  C CG1 . VAL A 1 120 ? 1.418   -4.612  3.764   1.00 25.16  ? 129 VAL A CG1 1 
ATOM   591  C CG2 . VAL A 1 120 ? 0.245   -6.191  5.291   1.00 23.66  ? 129 VAL A CG2 1 
ATOM   592  N N   . SER A 1 121 ? 4.338   -5.966  3.087   1.00 23.75  ? 130 SER A N   1 
ATOM   593  C CA  . SER A 1 121 ? 5.620   -5.357  2.720   1.00 24.21  ? 130 SER A CA  1 
ATOM   594  C C   . SER A 1 121 ? 5.383   -4.277  1.690   1.00 26.64  ? 130 SER A C   1 
ATOM   595  O O   . SER A 1 121 ? 4.544   -4.430  0.807   1.00 26.30  ? 130 SER A O   1 
ATOM   596  C CB  . SER A 1 121 ? 6.626   -6.414  2.173   1.00 22.03  ? 130 SER A CB  1 
ATOM   597  O OG  . SER A 1 121 ? 6.934   -7.334  3.222   1.00 23.58  ? 130 SER A OG  1 
ATOM   598  N N   . LEU A 1 122 ? 6.067   -3.149  1.856   1.00 26.38  ? 131 LEU A N   1 
ATOM   599  C CA  . LEU A 1 122 ? 6.152   -2.197  0.770   1.00 29.02  ? 131 LEU A CA  1 
ATOM   600  C C   . LEU A 1 122 ? 7.223   -2.723  -0.192  1.00 27.24  ? 131 LEU A C   1 
ATOM   601  O O   . LEU A 1 122 ? 8.388   -2.959  0.218   1.00 25.30  ? 131 LEU A O   1 
ATOM   602  C CB  . LEU A 1 122 ? 6.494   -0.801  1.282   1.00 26.58  ? 131 LEU A CB  1 
ATOM   603  C CG  . LEU A 1 122 ? 6.872   0.214   0.216   1.00 26.11  ? 131 LEU A CG  1 
ATOM   604  C CD1 . LEU A 1 122 ? 5.611   0.755   -0.428  1.00 29.39  ? 131 LEU A CD1 1 
ATOM   605  C CD2 . LEU A 1 122 ? 7.661   1.330   0.850   1.00 29.64  ? 131 LEU A CD2 1 
ATOM   606  N N   . MET A 1 123 ? 6.838   -2.887  -1.459  1.00 23.57  ? 132 MET A N   1 
ATOM   607  C CA  . MET A 1 123 ? 7.720   -3.458  -2.505  1.00 25.23  ? 132 MET A CA  1 
ATOM   608  C C   . MET A 1 123 ? 8.247   -2.377  -3.424  1.00 24.39  ? 132 MET A C   1 
ATOM   609  O O   . MET A 1 123 ? 7.497   -1.482  -3.834  1.00 26.47  ? 132 MET A O   1 
ATOM   610  C CB  . MET A 1 123 ? 6.919   -4.458  -3.347  1.00 28.68  ? 132 MET A CB  1 
ATOM   611  C CG  . MET A 1 123 ? 6.170   -5.520  -2.527  1.00 25.38  ? 132 MET A CG  1 
ATOM   612  S SD  . MET A 1 123 ? 7.213   -6.527  -1.485  1.00 28.63  ? 132 MET A SD  1 
ATOM   613  C CE  . MET A 1 123 ? 8.059   -7.476  -2.786  1.00 29.91  ? 132 MET A CE  1 
ATOM   614  N N   . LEU A 1 124 ? 9.551   -2.394  -3.690  1.00 26.84  ? 133 LEU A N   1 
ATOM   615  C CA  . LEU A 1 124 ? 10.151  -1.492  -4.639  1.00 28.33  ? 133 LEU A CA  1 
ATOM   616  C C   . LEU A 1 124 ? 10.625  -2.347  -5.824  1.00 33.90  ? 133 LEU A C   1 
ATOM   617  O O   . LEU A 1 124 ? 11.536  -3.161  -5.686  1.00 27.31  ? 133 LEU A O   1 
ATOM   618  C CB  . LEU A 1 124 ? 11.323  -0.744  -4.038  1.00 30.13  ? 133 LEU A CB  1 
ATOM   619  C CG  . LEU A 1 124 ? 12.091  0.134   -5.049  1.00 32.91  ? 133 LEU A CG  1 
ATOM   620  C CD1 . LEU A 1 124 ? 11.257  1.297   -5.526  1.00 31.43  ? 133 LEU A CD1 1 
ATOM   621  C CD2 . LEU A 1 124 ? 13.387  0.689   -4.496  1.00 31.99  ? 133 LEU A CD2 1 
ATOM   622  N N   . ASN A 1 125 ? 9.935   -2.233  -6.959  1.00 39.77  ? 134 ASN A N   1 
ATOM   623  C CA  . ASN A 1 125 ? 10.256  -3.055  -8.144  1.00 37.58  ? 134 ASN A CA  1 
ATOM   624  C C   . ASN A 1 125 ? 10.359  -4.524  -7.788  1.00 35.58  ? 134 ASN A C   1 
ATOM   625  O O   . ASN A 1 125 ? 11.267  -5.192  -8.224  1.00 47.28  ? 134 ASN A O   1 
ATOM   626  C CB  . ASN A 1 125 ? 11.569  -2.582  -8.792  1.00 34.08  ? 134 ASN A CB  1 
ATOM   627  C CG  . ASN A 1 125 ? 11.450  -1.211  -9.375  1.00 31.59  ? 134 ASN A CG  1 
ATOM   628  O OD1 . ASN A 1 125 ? 10.397  -0.830  -9.873  1.00 39.32  ? 134 ASN A OD1 1 
ATOM   629  N ND2 . ASN A 1 125 ? 12.535  -0.486  -9.392  1.00 33.87  ? 134 ASN A ND2 1 
ATOM   630  N N   . GLY A 1 126 ? 9.443   -5.001  -6.957  1.00 32.87  ? 135 GLY A N   1 
ATOM   631  C CA  . GLY A 1 126 ? 9.333   -6.419  -6.616  1.00 30.36  ? 135 GLY A CA  1 
ATOM   632  C C   . GLY A 1 126 ? 10.175  -6.902  -5.473  1.00 31.70  ? 135 GLY A C   1 
ATOM   633  O O   . GLY A 1 126 ? 10.188  -8.109  -5.203  1.00 34.19  ? 135 GLY A O   1 
ATOM   634  N N   . TRP A 1 127 ? 10.903  -5.995  -4.807  1.00 31.47  ? 136 TRP A N   1 
ATOM   635  C CA  . TRP A 1 127 ? 11.720  -6.332  -3.614  1.00 32.29  ? 136 TRP A CA  1 
ATOM   636  C C   . TRP A 1 127 ? 11.237  -5.598  -2.365  1.00 27.66  ? 136 TRP A C   1 
ATOM   637  O O   . TRP A 1 127 ? 10.958  -4.388  -2.410  1.00 25.10  ? 136 TRP A O   1 
ATOM   638  C CB  . TRP A 1 127 ? 13.198  -6.023  -3.865  1.00 38.37  ? 136 TRP A CB  1 
ATOM   639  C CG  . TRP A 1 127 ? 13.699  -6.958  -4.869  1.00 56.37  ? 136 TRP A CG  1 
ATOM   640  C CD1 . TRP A 1 127 ? 13.306  -7.044  -6.195  1.00 66.58  ? 136 TRP A CD1 1 
ATOM   641  C CD2 . TRP A 1 127 ? 14.578  -8.055  -4.646  1.00 60.10  ? 136 TRP A CD2 1 
ATOM   642  N NE1 . TRP A 1 127 ? 13.931  -8.103  -6.810  1.00 71.27  ? 136 TRP A NE1 1 
ATOM   643  C CE2 . TRP A 1 127 ? 14.720  -8.739  -5.888  1.00 68.69  ? 136 TRP A CE2 1 
ATOM   644  C CE3 . TRP A 1 127 ? 15.319  -8.483  -3.548  1.00 56.26  ? 136 TRP A CE3 1 
ATOM   645  C CZ2 . TRP A 1 127 ? 15.541  -9.849  -6.037  1.00 68.10  ? 136 TRP A CZ2 1 
ATOM   646  C CZ3 . TRP A 1 127 ? 16.122  -9.581  -3.693  1.00 65.28  ? 136 TRP A CZ3 1 
ATOM   647  C CH2 . TRP A 1 127 ? 16.228  -10.262 -4.930  1.00 69.59  ? 136 TRP A CH2 1 
ATOM   648  N N   . PRO A 1 128 ? 11.084  -6.322  -1.272  1.00 27.04  ? 137 PRO A N   1 
ATOM   649  C CA  . PRO A 1 128 ? 10.470  -5.742  -0.066  1.00 32.19  ? 137 PRO A CA  1 
ATOM   650  C C   . PRO A 1 128 ? 11.442  -4.825  0.643   1.00 33.71  ? 137 PRO A C   1 
ATOM   651  O O   . PRO A 1 128 ? 12.581  -5.206  0.878   1.00 37.63  ? 137 PRO A O   1 
ATOM   652  C CB  . PRO A 1 128 ? 10.172  -6.960  0.796   1.00 31.47  ? 137 PRO A CB  1 
ATOM   653  C CG  . PRO A 1 128 ? 11.232  -7.953  0.396   1.00 33.57  ? 137 PRO A CG  1 
ATOM   654  C CD  . PRO A 1 128 ? 11.453  -7.741  -1.079  1.00 28.61  ? 137 PRO A CD  1 
ATOM   655  N N   . VAL A 1 129 ? 11.030  -3.597  0.896   1.00 30.11  ? 138 VAL A N   1 
ATOM   656  C CA  . VAL A 1 129 ? 11.895  -2.639  1.588   1.00 30.42  ? 138 VAL A CA  1 
ATOM   657  C C   . VAL A 1 129 ? 11.642  -2.644  3.109   1.00 27.42  ? 138 VAL A C   1 
ATOM   658  O O   . VAL A 1 129 ? 12.559  -2.771  3.920   1.00 24.89  ? 138 VAL A O   1 
ATOM   659  C CB  . VAL A 1 129 ? 11.654  -1.235  0.998   1.00 35.35  ? 138 VAL A CB  1 
ATOM   660  C CG1 . VAL A 1 129 ? 12.506  -0.203  1.727   1.00 39.04  ? 138 VAL A CG1 1 
ATOM   661  C CG2 . VAL A 1 129 ? 11.967  -1.275  -0.490  1.00 37.01  ? 138 VAL A CG2 1 
ATOM   662  N N   . ILE A 1 130 ? 10.383  -2.461  3.476   1.00 26.30  ? 139 ILE A N   1 
ATOM   663  C CA  . ILE A 1 130 ? 9.945   -2.572  4.866   1.00 25.89  ? 139 ILE A CA  1 
ATOM   664  C C   . ILE A 1 130 ? 8.761   -3.515  4.940   1.00 27.03  ? 139 ILE A C   1 
ATOM   665  O O   . ILE A 1 130 ? 8.024   -3.717  3.929   1.00 26.02  ? 139 ILE A O   1 
ATOM   666  C CB  . ILE A 1 130 ? 9.536   -1.202  5.466   1.00 26.37  ? 139 ILE A CB  1 
ATOM   667  C CG1 . ILE A 1 130 ? 8.472   -0.483  4.613   1.00 25.02  ? 139 ILE A CG1 1 
ATOM   668  C CG2 . ILE A 1 130 ? 10.766  -0.326  5.571   1.00 25.83  ? 139 ILE A CG2 1 
ATOM   669  C CD1 . ILE A 1 130 ? 7.836   0.659   5.347   1.00 27.54  ? 139 ILE A CD1 1 
ATOM   670  N N   . SER A 1 131 ? 8.566   -4.041  6.139   1.00 23.61  ? 140 SER A N   1 
ATOM   671  C CA  . SER A 1 131 ? 7.398   -4.818  6.478   1.00 27.37  ? 140 SER A CA  1 
ATOM   672  C C   . SER A 1 131 ? 6.737   -4.343  7.780   1.00 27.96  ? 140 SER A C   1 
ATOM   673  O O   . SER A 1 131 ? 7.341   -3.653  8.611   1.00 31.03  ? 140 SER A O   1 
ATOM   674  C CB  . SER A 1 131 ? 7.736   -6.325  6.576   1.00 24.53  ? 140 SER A CB  1 
ATOM   675  O OG  . SER A 1 131 ? 8.377   -6.788  5.392   1.00 30.27  ? 140 SER A OG  1 
ATOM   676  N N   . ALA A 1 132 ? 5.476   -4.732  7.903   1.00 26.34  ? 141 ALA A N   1 
ATOM   677  C CA  . ALA A 1 132 ? 4.644   -4.542  9.066   1.00 26.21  ? 141 ALA A CA  1 
ATOM   678  C C   . ALA A 1 132 ? 3.841   -5.820  9.264   1.00 27.80  ? 141 ALA A C   1 
ATOM   679  O O   . ALA A 1 132 ? 3.674   -6.614  8.329   1.00 24.74  ? 141 ALA A O   1 
ATOM   680  C CB  . ALA A 1 132 ? 3.684   -3.398  8.852   1.00 25.08  ? 141 ALA A CB  1 
ATOM   681  N N   . PHE A 1 133 ? 3.270   -5.950  10.455  1.00 22.57  ? 142 PHE A N   1 
ATOM   682  C CA  . PHE A 1 133 ? 2.754   -7.207  10.924  1.00 25.29  ? 142 PHE A CA  1 
ATOM   683  C C   . PHE A 1 133 ? 1.454   -6.943  11.673  1.00 28.45  ? 142 PHE A C   1 
ATOM   684  O O   . PHE A 1 133 ? 1.255   -5.883  12.255  1.00 27.65  ? 142 PHE A O   1 
ATOM   685  C CB  . PHE A 1 133 ? 3.759   -7.872  11.866  1.00 25.23  ? 142 PHE A CB  1 
ATOM   686  C CG  . PHE A 1 133 ? 5.078   -8.178  11.216  1.00 25.15  ? 142 PHE A CG  1 
ATOM   687  C CD1 . PHE A 1 133 ? 5.238   -9.341  10.481  1.00 29.88  ? 142 PHE A CD1 1 
ATOM   688  C CD2 . PHE A 1 133 ? 6.145   -7.320  11.323  1.00 25.28  ? 142 PHE A CD2 1 
ATOM   689  C CE1 . PHE A 1 133 ? 6.429   -9.653  9.871   1.00 29.01  ? 142 PHE A CE1 1 
ATOM   690  C CE2 . PHE A 1 133 ? 7.340   -7.604  10.647  1.00 27.99  ? 142 PHE A CE2 1 
ATOM   691  C CZ  . PHE A 1 133 ? 7.469   -8.769  9.923   1.00 29.25  ? 142 PHE A CZ  1 
ATOM   692  N N   . ALA A 1 134 ? 0.545   -7.895  11.600  1.00 29.16  ? 143 ALA A N   1 
ATOM   693  C CA  . ALA A 1 134 ? -0.636  -7.875  12.441  1.00 33.22  ? 143 ALA A CA  1 
ATOM   694  C C   . ALA A 1 134 ? -1.012  -9.326  12.803  1.00 32.47  ? 143 ALA A C   1 
ATOM   695  O O   . ALA A 1 134 ? -0.610  -10.278 12.120  1.00 26.82  ? 143 ALA A O   1 
ATOM   696  C CB  . ALA A 1 134 ? -1.785  -7.167  11.737  1.00 32.65  ? 143 ALA A CB  1 
ATOM   697  N N   . GLY A 1 135 ? -1.675  -9.467  13.946  1.00 31.91  ? 144 GLY A N   1 
ATOM   698  C CA  . GLY A 1 135 ? -2.059  -10.760 14.500  1.00 37.48  ? 144 GLY A CA  1 
ATOM   699  C C   . GLY A 1 135 ? -3.499  -11.093 14.155  1.00 42.18  ? 144 GLY A C   1 
ATOM   700  O O   . GLY A 1 135 ? -4.033  -10.603 13.157  1.00 38.91  ? 144 GLY A O   1 
ATOM   701  N N   . ASP A 1 136 ? -4.120  -11.938 14.980  1.00 43.54  ? 145 ASP A N   1 
ATOM   702  C CA  . ASP A 1 136 ? -5.469  -12.463 14.702  1.00 48.11  ? 145 ASP A CA  1 
ATOM   703  C C   . ASP A 1 136 ? -6.196  -12.560 16.031  1.00 46.92  ? 145 ASP A C   1 
ATOM   704  O O   . ASP A 1 136 ? -5.739  -13.252 16.955  1.00 43.38  ? 145 ASP A O   1 
ATOM   705  C CB  . ASP A 1 136 ? -5.420  -13.842 13.991  1.00 47.85  ? 145 ASP A CB  1 
ATOM   706  C CG  . ASP A 1 136 ? -6.751  -14.204 13.282  1.00 53.19  ? 145 ASP A CG  1 
ATOM   707  O OD1 . ASP A 1 136 ? -7.250  -13.412 12.427  1.00 43.00  ? 145 ASP A OD1 1 
ATOM   708  O OD2 . ASP A 1 136 ? -7.267  -15.332 13.524  1.00 54.98  ? 145 ASP A OD2 1 
ATOM   709  N N   . GLN A 1 137 ? -7.260  -11.777 16.152  1.00 42.95  ? 146 GLN A N   1 
ATOM   710  C CA  . GLN A 1 137 ? -8.114  -11.805 17.318  1.00 40.48  ? 146 GLN A CA  1 
ATOM   711  C C   . GLN A 1 137 ? -9.433  -11.157 16.937  1.00 43.38  ? 146 GLN A C   1 
ATOM   712  O O   . GLN A 1 137 ? -9.508  -10.501 15.891  1.00 41.68  ? 146 GLN A O   1 
ATOM   713  C CB  . GLN A 1 137 ? -7.454  -11.142 18.549  1.00 40.41  ? 146 GLN A CB  1 
ATOM   714  C CG  . GLN A 1 137 ? -6.625  -9.886  18.275  1.00 38.26  ? 146 GLN A CG  1 
ATOM   715  C CD  . GLN A 1 137 ? -7.461  -8.678  17.881  1.00 42.19  ? 146 GLN A CD  1 
ATOM   716  O OE1 . GLN A 1 137 ? -8.622  -8.532  18.285  1.00 41.25  ? 146 GLN A OE1 1 
ATOM   717  N NE2 . GLN A 1 137 ? -6.876  -7.804  17.067  1.00 48.58  ? 146 GLN A NE2 1 
ATOM   718  N N   . ASP A 1 138 ? -10.449 -11.343 17.791  1.00 41.53  ? 147 ASP A N   1 
ATOM   719  C CA  . ASP A 1 138 ? -11.835 -10.920 17.530  1.00 48.88  ? 147 ASP A CA  1 
ATOM   720  C C   . ASP A 1 138 ? -12.247 -9.744  18.406  1.00 47.09  ? 147 ASP A C   1 
ATOM   721  O O   . ASP A 1 138 ? -13.417 -9.356  18.423  1.00 45.53  ? 147 ASP A O   1 
ATOM   722  C CB  . ASP A 1 138 ? -12.829 -12.092 17.736  1.00 58.82  ? 147 ASP A CB  1 
ATOM   723  C CG  . ASP A 1 138 ? -12.508 -12.943 18.978  1.00 59.27  ? 147 ASP A CG  1 
ATOM   724  O OD1 . ASP A 1 138 ? -11.795 -12.448 19.880  1.00 61.78  ? 147 ASP A OD1 1 
ATOM   725  O OD2 . ASP A 1 138 ? -12.921 -14.125 19.019  1.00 67.80  ? 147 ASP A OD2 1 
ATOM   726  N N   . VAL A 1 139 ? -11.289 -9.163  19.126  1.00 50.71  ? 148 VAL A N   1 
ATOM   727  C CA  . VAL A 1 139 ? -11.584 -8.035  20.018  1.00 47.04  ? 148 VAL A CA  1 
ATOM   728  C C   . VAL A 1 139 ? -11.728 -6.781  19.187  1.00 47.48  ? 148 VAL A C   1 
ATOM   729  O O   . VAL A 1 139 ? -12.699 -6.053  19.336  1.00 51.71  ? 148 VAL A O   1 
ATOM   730  C CB  . VAL A 1 139 ? -10.482 -7.861  21.093  1.00 50.85  ? 148 VAL A CB  1 
ATOM   731  C CG1 . VAL A 1 139 ? -10.722 -6.618  21.974  1.00 45.59  ? 148 VAL A CG1 1 
ATOM   732  C CG2 . VAL A 1 139 ? -10.371 -9.154  21.930  1.00 46.87  ? 148 VAL A CG2 1 
ATOM   733  N N   . THR A 1 140 ? -10.806 -6.563  18.257  1.00 47.35  ? 149 THR A N   1 
ATOM   734  C CA  . THR A 1 140 ? -10.762 -5.286  17.529  1.00 43.25  ? 149 THR A CA  1 
ATOM   735  C C   . THR A 1 140 ? -10.129 -5.476  16.157  1.00 37.38  ? 149 THR A C   1 
ATOM   736  O O   . THR A 1 140 ? -9.187  -6.261  15.999  1.00 31.33  ? 149 THR A O   1 
ATOM   737  C CB  . THR A 1 140 ? -9.973  -4.195  18.334  1.00 42.68  ? 149 THR A CB  1 
ATOM   738  O OG1 . THR A 1 140 ? -9.945  -2.944  17.619  1.00 44.72  ? 149 THR A OG1 1 
ATOM   739  C CG2 . THR A 1 140 ? -8.534  -4.623  18.621  1.00 41.29  ? 149 THR A CG2 1 
ATOM   740  N N   . ARG A 1 141 ? -10.627 -4.723  15.180  1.00 34.17  ? 150 ARG A N   1 
ATOM   741  C CA  . ARG A 1 141 ? -9.809  -4.395  14.017  1.00 31.70  ? 150 ARG A CA  1 
ATOM   742  C C   . ARG A 1 141 ? -8.387  -4.022  14.465  1.00 33.34  ? 150 ARG A C   1 
ATOM   743  O O   . ARG A 1 141 ? -8.173  -3.377  15.499  1.00 33.22  ? 150 ARG A O   1 
ATOM   744  C CB  . ARG A 1 141 ? -10.424 -3.277  13.180  1.00 29.63  ? 150 ARG A CB  1 
ATOM   745  C CG  . ARG A 1 141 ? -11.528 -3.769  12.277  1.00 33.13  ? 150 ARG A CG  1 
ATOM   746  C CD  . ARG A 1 141 ? -12.081 -2.673  11.404  1.00 35.97  ? 150 ARG A CD  1 
ATOM   747  N NE  . ARG A 1 141 ? -12.651 -3.209  10.178  1.00 38.47  ? 150 ARG A NE  1 
ATOM   748  C CZ  . ARG A 1 141 ? -13.946 -3.364  9.921   1.00 46.82  ? 150 ARG A CZ  1 
ATOM   749  N NH1 . ARG A 1 141 ? -14.861 -3.007  10.808  1.00 53.21  ? 150 ARG A NH1 1 
ATOM   750  N NH2 . ARG A 1 141 ? -14.334 -3.856  8.736   1.00 51.88  ? 150 ARG A NH2 1 
ATOM   751  N N   . GLU A 1 142 ? -7.427  -4.464  13.670  1.00 34.87  ? 151 GLU A N   1 
ATOM   752  C CA  . GLU A 1 142 ? -6.002  -4.371  13.967  1.00 39.45  ? 151 GLU A CA  1 
ATOM   753  C C   . GLU A 1 142 ? -5.257  -3.997  12.656  1.00 33.45  ? 151 GLU A C   1 
ATOM   754  O O   . GLU A 1 142 ? -5.708  -4.379  11.576  1.00 29.85  ? 151 GLU A O   1 
ATOM   755  C CB  . GLU A 1 142 ? -5.599  -5.765  14.410  1.00 47.72  ? 151 GLU A CB  1 
ATOM   756  C CG  . GLU A 1 142 ? -4.367  -5.833  15.255  1.00 57.38  ? 151 GLU A CG  1 
ATOM   757  C CD  . GLU A 1 142 ? -3.808  -7.240  15.270  1.00 54.85  ? 151 GLU A CD  1 
ATOM   758  O OE1 . GLU A 1 142 ? -4.607  -8.228  15.218  1.00 53.41  ? 151 GLU A OE1 1 
ATOM   759  O OE2 . GLU A 1 142 ? -2.563  -7.327  15.299  1.00 46.47  ? 151 GLU A OE2 1 
ATOM   760  N N   . ALA A 1 143 ? -4.141  -3.267  12.741  1.00 32.17  ? 152 ALA A N   1 
ATOM   761  C CA  . ALA A 1 143 ? -3.428  -2.769  11.551  1.00 31.61  ? 152 ALA A CA  1 
ATOM   762  C C   . ALA A 1 143 ? -1.994  -3.217  11.511  1.00 27.78  ? 152 ALA A C   1 
ATOM   763  O O   . ALA A 1 143 ? -1.329  -3.226  12.517  1.00 30.26  ? 152 ALA A O   1 
ATOM   764  C CB  . ALA A 1 143 ? -3.447  -1.251  11.518  1.00 32.12  ? 152 ALA A CB  1 
ATOM   765  N N   . ALA A 1 144 ? -1.519  -3.549  10.323  1.00 27.72  ? 153 ALA A N   1 
ATOM   766  C CA  . ALA A 1 144 ? -0.087  -3.579  10.019  1.00 25.95  ? 153 ALA A CA  1 
ATOM   767  C C   . ALA A 1 144 ? 0.309   -2.227  9.381   1.00 25.15  ? 153 ALA A C   1 
ATOM   768  O O   . ALA A 1 144 ? -0.150  -1.888  8.291   1.00 26.45  ? 153 ALA A O   1 
ATOM   769  C CB  . ALA A 1 144 ? 0.230   -4.717  9.054   1.00 24.75  ? 153 ALA A CB  1 
ATOM   770  N N   . SER A 1 145 ? 1.155   -1.480  10.082  1.00 25.71  ? 154 SER A N   1 
ATOM   771  C CA  . SER A 1 145 ? 1.519   -0.092  9.783   1.00 31.23  ? 154 SER A CA  1 
ATOM   772  C C   . SER A 1 145 ? 3.001   0.058   9.804   1.00 31.82  ? 154 SER A C   1 
ATOM   773  O O   . SER A 1 145 ? 3.682   -0.529  10.652  1.00 25.18  ? 154 SER A O   1 
ATOM   774  C CB  . SER A 1 145 ? 0.965   0.843   10.838  1.00 35.01  ? 154 SER A CB  1 
ATOM   775  O OG  . SER A 1 145 ? -0.447  0.834   10.740  1.00 40.61  ? 154 SER A OG  1 
ATOM   776  N N   . ASN A 1 146 ? 3.505   0.793   8.814   1.00 28.12  ? 155 ASN A N   1 
ATOM   777  C CA  . ASN A 1 146 ? 4.883   1.190   8.795   1.00 26.09  ? 155 ASN A CA  1 
ATOM   778  C C   . ASN A 1 146 ? 5.049   2.284   7.707   1.00 26.88  ? 155 ASN A C   1 
ATOM   779  O O   . ASN A 1 146 ? 4.110   2.607   6.986   1.00 25.87  ? 155 ASN A O   1 
ATOM   780  C CB  . ASN A 1 146 ? 5.763   -0.038  8.526   1.00 26.01  ? 155 ASN A CB  1 
ATOM   781  C CG  . ASN A 1 146 ? 7.206   0.134   9.011   1.00 25.00  ? 155 ASN A CG  1 
ATOM   782  O OD1 . ASN A 1 146 ? 7.638   1.217   9.372   1.00 27.72  ? 155 ASN A OD1 1 
ATOM   783  N ND2 . ASN A 1 146 ? 7.953   -0.909  8.935   1.00 24.12  ? 155 ASN A ND2 1 
ATOM   784  N N   . GLY A 1 147 ? 6.231   2.866   7.618   1.00 25.25  ? 156 GLY A N   1 
ATOM   785  C CA  . GLY A 1 147 ? 6.477   3.950   6.680   1.00 26.27  ? 156 GLY A CA  1 
ATOM   786  C C   . GLY A 1 147 ? 7.969   4.137   6.549   1.00 25.70  ? 156 GLY A C   1 
ATOM   787  O O   . GLY A 1 147 ? 8.744   3.647   7.394   1.00 24.58  ? 156 GLY A O   1 
ATOM   788  N N   . VAL A 1 148 ? 8.384   4.739   5.442   1.00 23.63  ? 157 VAL A N   1 
ATOM   789  C CA  . VAL A 1 148 ? 9.804   4.899   5.196   1.00 24.59  ? 157 VAL A CA  1 
ATOM   790  C C   . VAL A 1 148 ? 10.051  5.896   4.060   1.00 24.67  ? 157 VAL A C   1 
ATOM   791  O O   . VAL A 1 148 ? 9.115   6.280   3.299   1.00 23.01  ? 157 VAL A O   1 
ATOM   792  C CB  . VAL A 1 148 ? 10.426  3.513   4.865   1.00 26.66  ? 157 VAL A CB  1 
ATOM   793  C CG1 . VAL A 1 148 ? 10.179  3.144   3.395   1.00 26.15  ? 157 VAL A CG1 1 
ATOM   794  C CG2 . VAL A 1 148 ? 11.910  3.504   5.182   1.00 25.20  ? 157 VAL A CG2 1 
ATOM   795  N N   . LEU A 1 149 ? 11.296  6.348   3.969   1.00 23.43  ? 158 LEU A N   1 
ATOM   796  C CA  . LEU A 1 149 ? 11.743  7.190   2.825   1.00 22.06  ? 158 LEU A CA  1 
ATOM   797  C C   . LEU A 1 149 ? 12.648  6.325   1.992   1.00 22.73  ? 158 LEU A C   1 
ATOM   798  O O   . LEU A 1 149 ? 13.388  5.516   2.518   1.00 21.38  ? 158 LEU A O   1 
ATOM   799  C CB  . LEU A 1 149 ? 12.564  8.390   3.279   1.00 24.80  ? 158 LEU A CB  1 
ATOM   800  C CG  . LEU A 1 149 ? 11.984  9.290   4.339   1.00 26.39  ? 158 LEU A CG  1 
ATOM   801  C CD1 . LEU A 1 149 ? 12.958  10.404  4.639   1.00 27.19  ? 158 LEU A CD1 1 
ATOM   802  C CD2 . LEU A 1 149 ? 10.660  9.836   3.885   1.00 27.55  ? 158 LEU A CD2 1 
ATOM   803  N N   . ILE A 1 150 ? 12.543  6.429   0.688   1.00 23.97  ? 159 ILE A N   1 
ATOM   804  C CA  . ILE A 1 150 ? 13.450  5.663   -0.191  1.00 24.10  ? 159 ILE A CA  1 
ATOM   805  C C   . ILE A 1 150 ? 13.814  6.515   -1.387  1.00 23.33  ? 159 ILE A C   1 
ATOM   806  O O   . ILE A 1 150 ? 13.019  7.394   -1.833  1.00 25.17  ? 159 ILE A O   1 
ATOM   807  C CB  . ILE A 1 150 ? 12.810  4.351   -0.694  1.00 26.02  ? 159 ILE A CB  1 
ATOM   808  C CG1 . ILE A 1 150 ? 11.474  4.603   -1.368  1.00 28.86  ? 159 ILE A CG1 1 
ATOM   809  C CG2 . ILE A 1 150 ? 12.592  3.357   0.434   1.00 28.05  ? 159 ILE A CG2 1 
ATOM   810  C CD1 . ILE A 1 150 ? 10.927  3.366   -2.042  1.00 34.20  ? 159 ILE A CD1 1 
ATOM   811  N N   . GLN A 1 151 ? 14.958  6.227   -1.964  1.00 23.04  ? 160 GLN A N   1 
ATOM   812  C CA  . GLN A 1 151 ? 15.248  6.814   -3.271  1.00 26.37  ? 160 GLN A CA  1 
ATOM   813  C C   . GLN A 1 151 ? 14.532  6.055   -4.374  1.00 27.47  ? 160 GLN A C   1 
ATOM   814  O O   . GLN A 1 151 ? 14.569  4.849   -4.398  1.00 28.66  ? 160 GLN A O   1 
ATOM   815  C CB  . GLN A 1 151 ? 16.752  6.819   -3.542  1.00 26.49  ? 160 GLN A CB  1 
ATOM   816  C CG  . GLN A 1 151 ? 17.144  7.753   -4.691  1.00 31.36  ? 160 GLN A CG  1 
ATOM   817  C CD  . GLN A 1 151 ? 18.642  7.987   -4.746  1.00 34.72  ? 160 GLN A CD  1 
ATOM   818  O OE1 . GLN A 1 151 ? 19.238  8.497   -3.818  1.00 41.92  ? 160 GLN A OE1 1 
ATOM   819  N NE2 . GLN A 1 151 ? 19.252  7.572   -5.810  1.00 40.04  ? 160 GLN A NE2 1 
ATOM   820  N N   . MET A 1 152 ? 13.920  6.751   -5.318  1.00 31.27  ? 161 MET A N   1 
ATOM   821  C CA  . MET A 1 152 ? 13.409  6.096   -6.521  1.00 29.80  ? 161 MET A CA  1 
ATOM   822  C C   . MET A 1 152 ? 13.931  6.817   -7.765  1.00 36.14  ? 161 MET A C   1 
ATOM   823  O O   . MET A 1 152 ? 14.221  8.010   -7.723  1.00 34.03  ? 161 MET A O   1 
ATOM   824  C CB  . MET A 1 152 ? 11.885  6.100   -6.550  1.00 30.86  ? 161 MET A CB  1 
ATOM   825  C CG  . MET A 1 152 ? 11.229  5.523   -5.286  1.00 28.25  ? 161 MET A CG  1 
ATOM   826  S SD  . MET A 1 152 ? 9.444   5.566   -5.395  1.00 29.08  ? 161 MET A SD  1 
ATOM   827  C CE  . MET A 1 152 ? 9.066   4.166   -6.471  1.00 30.52  ? 161 MET A CE  1 
ATOM   828  N N   . GLU A 1 153 ? 14.082  6.054   -8.841  1.00 31.46  ? 162 GLU A N   1 
ATOM   829  C CA  . GLU A 1 153 ? 14.398  6.562   -10.155 1.00 36.30  ? 162 GLU A CA  1 
ATOM   830  C C   . GLU A 1 153 ? 13.078  6.604   -10.879 1.00 34.38  ? 162 GLU A C   1 
ATOM   831  O O   . GLU A 1 153 ? 12.124  5.915   -10.478 1.00 25.58  ? 162 GLU A O   1 
ATOM   832  C CB  . GLU A 1 153 ? 15.323  5.570   -10.909 1.00 41.53  ? 162 GLU A CB  1 
ATOM   833  C CG  . GLU A 1 153 ? 16.657  5.242   -10.231 1.00 40.10  ? 162 GLU A CG  1 
ATOM   834  C CD  . GLU A 1 153 ? 17.605  6.438   -10.124 1.00 49.28  ? 162 GLU A CD  1 
ATOM   835  O OE1 . GLU A 1 153 ? 17.553  7.336   -11.001 1.00 50.21  ? 162 GLU A OE1 1 
ATOM   836  O OE2 . GLU A 1 153 ? 18.390  6.489   -9.136  1.00 53.84  ? 162 GLU A OE2 1 
ATOM   837  N N   . LYS A 1 154 ? 13.068  7.325   -11.993 1.00 34.04  ? 163 LYS A N   1 
ATOM   838  C CA  . LYS A 1 154 ? 11.932  7.378   -12.902 1.00 35.61  ? 163 LYS A CA  1 
ATOM   839  C C   . LYS A 1 154 ? 11.522  5.996   -13.366 1.00 36.09  ? 163 LYS A C   1 
ATOM   840  O O   . LYS A 1 154 ? 12.363  5.212   -13.805 1.00 32.62  ? 163 LYS A O   1 
ATOM   841  C CB  . LYS A 1 154 ? 12.324  8.211   -14.118 1.00 41.46  ? 163 LYS A CB  1 
ATOM   842  C CG  . LYS A 1 154 ? 11.220  8.487   -15.132 1.00 44.31  ? 163 LYS A CG  1 
ATOM   843  C CD  . LYS A 1 154 ? 11.510  9.808   -15.860 1.00 51.73  ? 163 LYS A CD  1 
ATOM   844  C CE  . LYS A 1 154 ? 11.179  9.794   -17.345 1.00 59.55  ? 163 LYS A CE  1 
ATOM   845  N NZ  . LYS A 1 154 ? 9.830   9.238   -17.650 1.00 64.83  ? 163 LYS A NZ  1 
ATOM   846  N N   . GLY A 1 155 ? 10.241  5.678   -13.215 1.00 30.21  ? 164 GLY A N   1 
ATOM   847  C CA  . GLY A 1 155 ? 9.703   4.396   -13.625 1.00 26.85  ? 164 GLY A CA  1 
ATOM   848  C C   . GLY A 1 155 ? 9.709   3.340   -12.544 1.00 28.76  ? 164 GLY A C   1 
ATOM   849  O O   . GLY A 1 155 ? 9.023   2.315   -12.654 1.00 25.95  ? 164 GLY A O   1 
ATOM   850  N N   . ASP A 1 156 ? 10.432  3.597   -11.464 1.00 28.29  ? 165 ASP A N   1 
ATOM   851  C CA  . ASP A 1 156 ? 10.359  2.737   -10.284 1.00 28.19  ? 165 ASP A CA  1 
ATOM   852  C C   . ASP A 1 156 ? 8.940   2.625   -9.760  1.00 26.92  ? 165 ASP A C   1 
ATOM   853  O O   . ASP A 1 156 ? 8.208   3.608   -9.754  1.00 28.80  ? 165 ASP A O   1 
ATOM   854  C CB  . ASP A 1 156 ? 11.289  3.235   -9.166  1.00 31.77  ? 165 ASP A CB  1 
ATOM   855  C CG  . ASP A 1 156 ? 12.730  2.836   -9.382  1.00 35.39  ? 165 ASP A CG  1 
ATOM   856  O OD1 . ASP A 1 156 ? 12.993  1.981   -10.252 1.00 39.92  ? 165 ASP A OD1 1 
ATOM   857  O OD2 . ASP A 1 156 ? 13.598  3.274   -8.610  1.00 32.51  ? 165 ASP A OD2 1 
ATOM   858  N N   . ARG A 1 157 ? 8.601   1.417   -9.289  1.00 26.14  ? 166 ARG A N   1 
ATOM   859  C CA  . ARG A 1 157 ? 7.278   1.067   -8.806  1.00 28.74  ? 166 ARG A CA  1 
ATOM   860  C C   . ARG A 1 157 ? 7.222   0.714   -7.316  1.00 27.96  ? 166 ARG A C   1 
ATOM   861  O O   . ARG A 1 157 ? 7.978   -0.118  -6.844  1.00 27.75  ? 166 ARG A O   1 
ATOM   862  C CB  . ARG A 1 157 ? 6.777   -0.152  -9.577  1.00 29.70  ? 166 ARG A CB  1 
ATOM   863  C CG  . ARG A 1 157 ? 6.608   0.166   -11.011 1.00 29.69  ? 166 ARG A CG  1 
ATOM   864  C CD  . ARG A 1 157 ? 5.921   -0.942  -11.742 1.00 35.12  ? 166 ARG A CD  1 
ATOM   865  N NE  . ARG A 1 157 ? 5.595   -0.392  -13.034 1.00 39.07  ? 166 ARG A NE  1 
ATOM   866  C CZ  . ARG A 1 157 ? 4.387   -0.278  -13.530 1.00 40.00  ? 166 ARG A CZ  1 
ATOM   867  N NH1 . ARG A 1 157 ? 3.349   -0.808  -12.907 1.00 41.37  ? 166 ARG A NH1 1 
ATOM   868  N NH2 . ARG A 1 157 ? 4.255   0.302   -14.719 1.00 47.71  ? 166 ARG A NH2 1 
ATOM   869  N N   . ALA A 1 158 ? 6.210   1.252   -6.638  1.00 30.55  ? 167 ALA A N   1 
ATOM   870  C CA  . ALA A 1 158 ? 5.993   1.019   -5.207  1.00 26.72  ? 167 ALA A CA  1 
ATOM   871  C C   . ALA A 1 158 ? 4.584   0.555   -5.005  1.00 25.59  ? 167 ALA A C   1 
ATOM   872  O O   . ALA A 1 158 ? 3.639   1.229   -5.424  1.00 26.50  ? 167 ALA A O   1 
ATOM   873  C CB  . ALA A 1 158 ? 6.218   2.285   -4.441  1.00 27.60  ? 167 ALA A CB  1 
ATOM   874  N N   . TYR A 1 159 ? 4.427   -0.603  -4.363  1.00 24.23  ? 168 TYR A N   1 
ATOM   875  C CA  . TYR A 1 159 ? 3.098   -1.094  -4.061  1.00 24.61  ? 168 TYR A CA  1 
ATOM   876  C C   . TYR A 1 159 ? 3.181   -1.939  -2.817  1.00 23.59  ? 168 TYR A C   1 
ATOM   877  O O   . TYR A 1 159 ? 4.258   -2.185  -2.344  1.00 22.30  ? 168 TYR A O   1 
ATOM   878  C CB  . TYR A 1 159 ? 2.568   -1.903  -5.248  1.00 26.97  ? 168 TYR A CB  1 
ATOM   879  C CG  . TYR A 1 159 ? 3.514   -3.018  -5.706  1.00 30.44  ? 168 TYR A CG  1 
ATOM   880  C CD1 . TYR A 1 159 ? 4.479   -2.790  -6.673  1.00 37.56  ? 168 TYR A CD1 1 
ATOM   881  C CD2 . TYR A 1 159 ? 3.386   -4.311  -5.219  1.00 28.98  ? 168 TYR A CD2 1 
ATOM   882  C CE1 . TYR A 1 159 ? 5.301   -3.819  -7.125  1.00 40.78  ? 168 TYR A CE1 1 
ATOM   883  C CE2 . TYR A 1 159 ? 4.238   -5.336  -5.626  1.00 32.20  ? 168 TYR A CE2 1 
ATOM   884  C CZ  . TYR A 1 159 ? 5.159   -5.089  -6.606  1.00 37.92  ? 168 TYR A CZ  1 
ATOM   885  O OH  . TYR A 1 159 ? 6.006   -6.085  -6.993  1.00 45.79  ? 168 TYR A OH  1 
ATOM   886  N N   . LEU A 1 160 ? 2.046   -2.387  -2.298  1.00 24.20  ? 169 LEU A N   1 
ATOM   887  C CA  . LEU A 1 160 ? 2.020   -3.205  -1.078  1.00 24.87  ? 169 LEU A CA  1 
ATOM   888  C C   . LEU A 1 160 ? 1.660   -4.631  -1.360  1.00 25.50  ? 169 LEU A C   1 
ATOM   889  O O   . LEU A 1 160 ? 0.707   -4.913  -2.110  1.00 26.02  ? 169 LEU A O   1 
ATOM   890  C CB  . LEU A 1 160 ? 0.944   -2.672  -0.115  1.00 26.22  ? 169 LEU A CB  1 
ATOM   891  C CG  . LEU A 1 160 ? 1.091   -1.242  0.403   1.00 28.15  ? 169 LEU A CG  1 
ATOM   892  C CD1 . LEU A 1 160 ? -0.086  -0.963  1.338   1.00 28.69  ? 169 LEU A CD1 1 
ATOM   893  C CD2 . LEU A 1 160 ? 2.420   -1.059  1.118   1.00 27.77  ? 169 LEU A CD2 1 
ATOM   894  N N   . LYS A 1 161 ? 2.339   -5.546  -0.706  1.00 26.01  ? 170 LYS A N   1 
ATOM   895  C CA  . LYS A 1 161 ? 2.076   -6.944  -0.958  1.00 27.60  ? 170 LYS A CA  1 
ATOM   896  C C   . LYS A 1 161 ? 1.919   -7.692  0.359   1.00 28.24  ? 170 LYS A C   1 
ATOM   897  O O   . LYS A 1 161 ? 2.702   -7.500  1.296   1.00 28.36  ? 170 LYS A O   1 
ATOM   898  C CB  . LYS A 1 161 ? 3.210   -7.529  -1.782  1.00 33.70  ? 170 LYS A CB  1 
ATOM   899  C CG  . LYS A 1 161 ? 3.065   -9.006  -2.049  1.00 39.78  ? 170 LYS A CG  1 
ATOM   900  C CD  . LYS A 1 161 ? 3.858   -9.497  -3.251  1.00 46.85  ? 170 LYS A CD  1 
ATOM   901  C CE  . LYS A 1 161 ? 4.214   -10.984 -3.098  1.00 49.66  ? 170 LYS A CE  1 
ATOM   902  N NZ  . LYS A 1 161 ? 5.417   -11.139 -2.215  1.00 53.06  ? 170 LYS A NZ  1 
ATOM   903  N N   . LEU A 1 162 ? 0.885   -8.519  0.428   1.00 25.32  ? 171 LEU A N   1 
ATOM   904  C CA  . LEU A 1 162 ? 0.668   -9.443  1.537   1.00 31.65  ? 171 LEU A CA  1 
ATOM   905  C C   . LEU A 1 162 ? 1.646   -10.597 1.451   1.00 34.23  ? 171 LEU A C   1 
ATOM   906  O O   . LEU A 1 162 ? 1.436   -11.522 0.702   1.00 50.10  ? 171 LEU A O   1 
ATOM   907  C CB  . LEU A 1 162 ? -0.753  -9.935  1.495   1.00 34.18  ? 171 LEU A CB  1 
ATOM   908  C CG  . LEU A 1 162 ? -1.425  -10.436 2.755   1.00 40.68  ? 171 LEU A CG  1 
ATOM   909  C CD1 . LEU A 1 162 ? -1.261  -9.443  3.890   1.00 42.23  ? 171 LEU A CD1 1 
ATOM   910  C CD2 . LEU A 1 162 ? -2.887  -10.584 2.393   1.00 44.61  ? 171 LEU A CD2 1 
ATOM   911  N N   . GLU A 1 163 ? 2.717   -10.525 2.235   1.00 32.19  ? 172 GLU A N   1 
ATOM   912  C CA  . GLU A 1 163 ? 3.732   -11.573 2.243   1.00 33.70  ? 172 GLU A CA  1 
ATOM   913  C C   . GLU A 1 163 ? 3.238   -12.821 2.967   1.00 38.76  ? 172 GLU A C   1 
ATOM   914  O O   . GLU A 1 163 ? 3.435   -13.941 2.494   1.00 40.43  ? 172 GLU A O   1 
ATOM   915  C CB  . GLU A 1 163 ? 5.020   -11.063 2.891   1.00 39.81  ? 172 GLU A CB  1 
ATOM   916  C CG  . GLU A 1 163 ? 6.280   -11.384 2.103   1.00 41.01  ? 172 GLU A CG  1 
ATOM   917  C CD  . GLU A 1 163 ? 7.511   -10.704 2.669   1.00 40.01  ? 172 GLU A CD  1 
ATOM   918  O OE1 . GLU A 1 163 ? 8.385   -11.410 3.214   1.00 38.84  ? 172 GLU A OE1 1 
ATOM   919  O OE2 . GLU A 1 163 ? 7.604   -9.462  2.569   1.00 35.07  ? 172 GLU A OE2 1 
ATOM   920  N N   . ARG A 1 164 ? 2.599   -12.624 4.114   1.00 36.08  ? 173 ARG A N   1 
ATOM   921  C CA  . ARG A 1 164 ? 2.080   -13.735 4.903   1.00 35.92  ? 173 ARG A CA  1 
ATOM   922  C C   . ARG A 1 164 ? 0.633   -13.496 5.319   1.00 34.62  ? 173 ARG A C   1 
ATOM   923  O O   . ARG A 1 164 ? 0.262   -12.386 5.703   1.00 36.00  ? 173 ARG A O   1 
ATOM   924  C CB  . ARG A 1 164 ? 2.951   -13.966 6.140   1.00 36.72  ? 173 ARG A CB  1 
ATOM   925  C CG  . ARG A 1 164 ? 4.052   -14.994 5.940   1.00 44.18  ? 173 ARG A CG  1 
ATOM   926  C CD  . ARG A 1 164 ? 4.583   -15.501 7.271   1.00 49.86  ? 173 ARG A CD  1 
ATOM   927  N NE  . ARG A 1 164 ? 4.917   -14.408 8.180   1.00 56.24  ? 173 ARG A NE  1 
ATOM   928  C CZ  . ARG A 1 164 ? 4.059   -13.858 9.034   1.00 54.46  ? 173 ARG A CZ  1 
ATOM   929  N NH1 . ARG A 1 164 ? 2.811   -14.300 9.100   1.00 58.57  ? 173 ARG A NH1 1 
ATOM   930  N NH2 . ARG A 1 164 ? 4.450   -12.867 9.823   1.00 55.48  ? 173 ARG A NH2 1 
ATOM   931  N N   . GLY A 1 165 ? -0.182  -14.543 5.240   1.00 33.34  ? 174 GLY A N   1 
ATOM   932  C CA  . GLY A 1 165 ? -1.583  -14.451 5.607   1.00 33.28  ? 174 GLY A CA  1 
ATOM   933  C C   . GLY A 1 165 ? -2.440  -13.880 4.495   1.00 33.85  ? 174 GLY A C   1 
ATOM   934  O O   . GLY A 1 165 ? -1.951  -13.604 3.400   1.00 38.11  ? 174 GLY A O   1 
ATOM   935  N N   . ASN A 1 166 ? -3.727  -13.704 4.777   1.00 30.43  ? 175 ASN A N   1 
ATOM   936  C CA  . ASN A 1 166 ? -4.662  -13.157 3.789   1.00 32.71  ? 175 ASN A CA  1 
ATOM   937  C C   . ASN A 1 166 ? -5.658  -12.121 4.412   1.00 30.29  ? 175 ASN A C   1 
ATOM   938  O O   . ASN A 1 166 ? -5.731  -11.934 5.637   1.00 30.71  ? 175 ASN A O   1 
ATOM   939  C CB  . ASN A 1 166 ? -5.410  -14.308 3.087   1.00 35.65  ? 175 ASN A CB  1 
ATOM   940  C CG  . ASN A 1 166 ? -6.342  -15.056 4.017   1.00 39.38  ? 175 ASN A CG  1 
ATOM   941  O OD1 . ASN A 1 166 ? -7.232  -14.475 4.656   1.00 40.42  ? 175 ASN A OD1 1 
ATOM   942  N ND2 . ASN A 1 166 ? -6.135  -16.349 4.116   1.00 48.06  ? 175 ASN A ND2 1 
ATOM   943  N N   . LEU A 1 167 ? -6.479  -11.498 3.580   1.00 30.05  ? 176 LEU A N   1 
ATOM   944  C CA  . LEU A 1 167 ? -7.417  -10.467 4.088   1.00 30.44  ? 176 LEU A CA  1 
ATOM   945  C C   . LEU A 1 167 ? -8.850  -10.850 3.826   1.00 33.52  ? 176 LEU A C   1 
ATOM   946  O O   . LEU A 1 167 ? -9.697  -9.990  3.498   1.00 34.24  ? 176 LEU A O   1 
ATOM   947  C CB  . LEU A 1 167 ? -7.095  -9.120  3.451   1.00 30.62  ? 176 LEU A CB  1 
ATOM   948  C CG  . LEU A 1 167 ? -5.700  -8.597  3.873   1.00 31.57  ? 176 LEU A CG  1 
ATOM   949  C CD1 . LEU A 1 167 ? -5.164  -7.476  2.982   1.00 30.22  ? 176 LEU A CD1 1 
ATOM   950  C CD2 . LEU A 1 167 ? -5.777  -8.142  5.337   1.00 31.27  ? 176 LEU A CD2 1 
ATOM   951  N N   . MET A 1 168 ? -9.134  -12.148 3.992   1.00 35.18  ? 177 MET A N   1 
ATOM   952  C CA  . MET A 1 168 ? -10.514 -12.594 3.963   1.00 34.89  ? 177 MET A CA  1 
ATOM   953  C C   . MET A 1 168 ? -11.153 -11.922 5.166   1.00 33.26  ? 177 MET A C   1 
ATOM   954  O O   . MET A 1 168 ? -10.481 -11.699 6.177   1.00 35.52  ? 177 MET A O   1 
ATOM   955  C CB  . MET A 1 168 ? -10.597 -14.101 4.039   1.00 40.17  ? 177 MET A CB  1 
ATOM   956  C CG  . MET A 1 168 ? -10.088 -14.818 2.797   1.00 43.86  ? 177 MET A CG  1 
ATOM   957  S SD  . MET A 1 168 ? -10.937 -14.363 1.245   1.00 45.80  ? 177 MET A SD  1 
ATOM   958  C CE  . MET A 1 168 ? -9.460  -14.007 0.308   1.00 62.70  ? 177 MET A CE  1 
ATOM   959  N N   . GLY A 1 169 ? -12.418 -11.543 5.020   1.00 30.52  ? 178 GLY A N   1 
ATOM   960  C CA  . GLY A 1 169 ? -13.079 -10.603 5.911   1.00 34.01  ? 178 GLY A CA  1 
ATOM   961  C C   . GLY A 1 169 ? -12.965 -9.116  5.522   1.00 31.31  ? 178 GLY A C   1 
ATOM   962  O O   . GLY A 1 169 ? -13.530 -8.274  6.201   1.00 38.59  ? 178 GLY A O   1 
ATOM   963  N N   . GLY A 1 170 ? -12.215 -8.787  4.465   1.00 34.30  ? 179 GLY A N   1 
ATOM   964  C CA  . GLY A 1 170 ? -12.024 -7.395  4.031   1.00 31.04  ? 179 GLY A CA  1 
ATOM   965  C C   . GLY A 1 170 ? -10.859 -6.707  4.718   1.00 30.76  ? 179 GLY A C   1 
ATOM   966  O O   . GLY A 1 170 ? -10.332 -7.187  5.723   1.00 29.87  ? 179 GLY A O   1 
ATOM   967  N N   . TRP A 1 171 ? -10.456 -5.567  4.162   1.00 33.76  ? 180 TRP A N   1 
ATOM   968  C CA  . TRP A 1 171 ? -9.411  -4.733  4.752   1.00 30.09  ? 180 TRP A CA  1 
ATOM   969  C C   . TRP A 1 171 ? -9.874  -3.273  4.739   1.00 31.95  ? 180 TRP A C   1 
ATOM   970  O O   . TRP A 1 171 ? -9.089  -2.324  4.533   1.00 28.17  ? 180 TRP A O   1 
ATOM   971  C CB  . TRP A 1 171 ? -8.072  -4.963  4.035   1.00 26.86  ? 180 TRP A CB  1 
ATOM   972  C CG  . TRP A 1 171 ? -8.070  -4.668  2.573   1.00 28.52  ? 180 TRP A CG  1 
ATOM   973  C CD1 . TRP A 1 171 ? -7.486  -3.604  1.953   1.00 30.54  ? 180 TRP A CD1 1 
ATOM   974  C CD2 . TRP A 1 171 ? -8.664  -5.447  1.536   1.00 31.16  ? 180 TRP A CD2 1 
ATOM   975  N NE1 . TRP A 1 171 ? -7.710  -3.655  0.605   1.00 29.54  ? 180 TRP A NE1 1 
ATOM   976  C CE2 . TRP A 1 171 ? -8.400  -4.794  0.319   1.00 31.49  ? 180 TRP A CE2 1 
ATOM   977  C CE3 . TRP A 1 171 ? -9.380  -6.639  1.512   1.00 34.56  ? 180 TRP A CE3 1 
ATOM   978  C CZ2 . TRP A 1 171 ? -8.874  -5.269  -0.894  1.00 34.15  ? 180 TRP A CZ2 1 
ATOM   979  C CZ3 . TRP A 1 171 ? -9.837  -7.109  0.306   1.00 35.41  ? 180 TRP A CZ3 1 
ATOM   980  C CH2 . TRP A 1 171 ? -9.602  -6.416  -0.875  1.00 34.89  ? 180 TRP A CH2 1 
ATOM   981  N N   . LYS A 1 172 ? -11.173 -3.090  4.987   1.00 30.90  ? 181 LYS A N   1 
ATOM   982  C CA  . LYS A 1 172 ? -11.736 -1.730  5.135   1.00 30.40  ? 181 LYS A CA  1 
ATOM   983  C C   . LYS A 1 172 ? -10.893 -0.923  6.089   1.00 27.43  ? 181 LYS A C   1 
ATOM   984  O O   . LYS A 1 172 ? -10.412 -1.471  7.091   1.00 21.34  ? 181 LYS A O   1 
ATOM   985  C CB  . LYS A 1 172 ? -13.163 -1.767  5.709   1.00 28.51  ? 181 LYS A CB  1 
ATOM   986  C CG  . LYS A 1 172 ? -13.862 -0.422  5.645   1.00 31.55  ? 181 LYS A CG  1 
ATOM   987  C CD  . LYS A 1 172 ? -15.345 -0.612  5.971   1.00 36.93  ? 181 LYS A CD  1 
ATOM   988  C CE  . LYS A 1 172 ? -16.076 0.708   6.017   1.00 37.16  ? 181 LYS A CE  1 
ATOM   989  N NZ  . LYS A 1 172 ? -17.364 0.423   6.672   1.00 40.25  ? 181 LYS A NZ  1 
ATOM   990  N N   . TYR A 1 173 ? -10.754 0.381   5.790   1.00 28.13  ? 182 TYR A N   1 
ATOM   991  C CA  . TYR A 1 173 ? -10.023 1.321   6.618   1.00 27.31  ? 182 TYR A CA  1 
ATOM   992  C C   . TYR A 1 173 ? -8.536  1.305   6.336   1.00 26.06  ? 182 TYR A C   1 
ATOM   993  O O   . TYR A 1 173 ? -7.788  2.161   6.832   1.00 24.43  ? 182 TYR A O   1 
ATOM   994  C CB  . TYR A 1 173 ? -10.273 1.114   8.103   1.00 27.91  ? 182 TYR A CB  1 
ATOM   995  C CG  . TYR A 1 173 ? -11.702 1.394   8.498   1.00 27.95  ? 182 TYR A CG  1 
ATOM   996  C CD1 . TYR A 1 173 ? -12.201 2.685   8.424   1.00 30.03  ? 182 TYR A CD1 1 
ATOM   997  C CD2 . TYR A 1 173 ? -12.540 0.383   8.983   1.00 28.45  ? 182 TYR A CD2 1 
ATOM   998  C CE1 . TYR A 1 173 ? -13.488 2.981   8.787   1.00 33.16  ? 182 TYR A CE1 1 
ATOM   999  C CE2 . TYR A 1 173 ? -13.855 0.668   9.353   1.00 30.99  ? 182 TYR A CE2 1 
ATOM   1000 C CZ  . TYR A 1 173 ? -14.312 1.978   9.259   1.00 36.35  ? 182 TYR A CZ  1 
ATOM   1001 O OH  . TYR A 1 173 ? -15.581 2.347   9.642   1.00 41.47  ? 182 TYR A OH  1 
ATOM   1002 N N   . SER A 1 174 ? -8.120  0.436   5.431   1.00 23.41  ? 183 SER A N   1 
ATOM   1003 C CA  . SER A 1 174 ? -6.702  0.396   5.033   1.00 25.45  ? 183 SER A CA  1 
ATOM   1004 C C   . SER A 1 174 ? -6.311  1.654   4.279   1.00 24.89  ? 183 SER A C   1 
ATOM   1005 O O   . SER A 1 174 ? -7.117  2.199   3.516   1.00 23.13  ? 183 SER A O   1 
ATOM   1006 C CB  . SER A 1 174 ? -6.380  -0.853  4.209   1.00 22.99  ? 183 SER A CB  1 
ATOM   1007 O OG  . SER A 1 174 ? -6.540  -2.021  4.994   1.00 24.18  ? 183 SER A OG  1 
ATOM   1008 N N   . THR A 1 175 ? -5.093  2.136   4.533   1.00 24.42  ? 184 THR A N   1 
ATOM   1009 C CA  . THR A 1 175 ? -4.579  3.315   3.869   1.00 25.53  ? 184 THR A CA  1 
ATOM   1010 C C   . THR A 1 175 ? -3.152  3.134   3.334   1.00 24.67  ? 184 THR A C   1 
ATOM   1011 O O   . THR A 1 175 ? -2.314  2.416   3.904   1.00 18.91  ? 184 THR A O   1 
ATOM   1012 C CB  . THR A 1 175 ? -4.614  4.584   4.789   1.00 31.47  ? 184 THR A CB  1 
ATOM   1013 O OG1 . THR A 1 175 ? -3.556  4.511   5.745   1.00 37.73  ? 184 THR A OG1 1 
ATOM   1014 C CG2 . THR A 1 175 ? -5.936  4.671   5.574   1.00 33.52  ? 184 THR A CG2 1 
ATOM   1015 N N   . PHE A 1 176 ? -2.872  3.892   2.269   1.00 23.75  ? 185 PHE A N   1 
ATOM   1016 C CA  . PHE A 1 176 ? -1.589  3.882   1.611   1.00 23.32  ? 185 PHE A CA  1 
ATOM   1017 C C   . PHE A 1 176 ? -1.404  5.283   1.023   1.00 24.37  ? 185 PHE A C   1 
ATOM   1018 O O   . PHE A 1 176 ? -2.290  5.782   0.345   1.00 22.50  ? 185 PHE A O   1 
ATOM   1019 C CB  . PHE A 1 176 ? -1.623  2.822   0.493   1.00 23.27  ? 185 PHE A CB  1 
ATOM   1020 C CG  . PHE A 1 176 ? -0.327  2.646   -0.253  1.00 23.52  ? 185 PHE A CG  1 
ATOM   1021 C CD1 . PHE A 1 176 ? 0.900   2.879   0.357   1.00 22.07  ? 185 PHE A CD1 1 
ATOM   1022 C CD2 . PHE A 1 176 ? -0.342  2.137   -1.559  1.00 25.68  ? 185 PHE A CD2 1 
ATOM   1023 C CE1 . PHE A 1 176 ? 2.079   2.669   -0.342  1.00 25.08  ? 185 PHE A CE1 1 
ATOM   1024 C CE2 . PHE A 1 176 ? 0.836   1.978   -2.283  1.00 25.40  ? 185 PHE A CE2 1 
ATOM   1025 C CZ  . PHE A 1 176 ? 2.048   2.212   -1.663  1.00 24.86  ? 185 PHE A CZ  1 
ATOM   1026 N N   . SER A 1 177 ? -0.271  5.921   1.299   1.00 21.08  ? 186 SER A N   1 
ATOM   1027 C CA  . SER A 1 177 ? -0.026  7.252   0.740   1.00 20.64  ? 186 SER A CA  1 
ATOM   1028 C C   . SER A 1 177 ? 1.442   7.525   0.623   1.00 19.28  ? 186 SER A C   1 
ATOM   1029 O O   . SER A 1 177 ? 2.250   6.786   1.130   1.00 20.11  ? 186 SER A O   1 
ATOM   1030 C CB  . SER A 1 177 ? -0.738  8.348   1.545   1.00 23.34  ? 186 SER A CB  1 
ATOM   1031 O OG  . SER A 1 177 ? -0.403  8.321   2.883   1.00 25.76  ? 186 SER A OG  1 
ATOM   1032 N N   . GLY A 1 178 ? 1.797   8.536   -0.155  1.00 21.29  ? 187 GLY A N   1 
ATOM   1033 C CA  . GLY A 1 178 ? 3.189   8.845   -0.348  1.00 20.16  ? 187 GLY A CA  1 
ATOM   1034 C C   . GLY A 1 178 ? 3.347   10.118  -1.141  1.00 22.34  ? 187 GLY A C   1 
ATOM   1035 O O   . GLY A 1 178 ? 2.393   10.591  -1.759  1.00 21.38  ? 187 GLY A O   1 
ATOM   1036 N N   . PHE A 1 179 ? 4.554   10.679  -1.127  1.00 19.64  ? 188 PHE A N   1 
ATOM   1037 C CA  . PHE A 1 179 ? 4.780   11.939  -1.826  1.00 21.19  ? 188 PHE A CA  1 
ATOM   1038 C C   . PHE A 1 179 ? 6.264   12.075  -2.066  1.00 22.02  ? 188 PHE A C   1 
ATOM   1039 O O   . PHE A 1 179 ? 7.074   11.411  -1.423  1.00 20.08  ? 188 PHE A O   1 
ATOM   1040 C CB  . PHE A 1 179 ? 4.214   13.148  -1.042  1.00 21.99  ? 188 PHE A CB  1 
ATOM   1041 C CG  . PHE A 1 179 ? 4.838   13.328  0.313   1.00 22.21  ? 188 PHE A CG  1 
ATOM   1042 C CD1 . PHE A 1 179 ? 4.406   12.565  1.388   1.00 22.86  ? 188 PHE A CD1 1 
ATOM   1043 C CD2 . PHE A 1 179 ? 5.876   14.230  0.503   1.00 24.77  ? 188 PHE A CD2 1 
ATOM   1044 C CE1 . PHE A 1 179 ? 5.031   12.703  2.631   1.00 25.41  ? 188 PHE A CE1 1 
ATOM   1045 C CE2 . PHE A 1 179 ? 6.480   14.394  1.746   1.00 24.92  ? 188 PHE A CE2 1 
ATOM   1046 C CZ  . PHE A 1 179 ? 6.102   13.583  2.791   1.00 25.69  ? 188 PHE A CZ  1 
ATOM   1047 N N   . LEU A 1 180 ? 6.586   12.878  -3.080  1.00 23.10  ? 189 LEU A N   1 
ATOM   1048 C CA  . LEU A 1 180 ? 7.925   13.271  -3.356  1.00 22.99  ? 189 LEU A CA  1 
ATOM   1049 C C   . LEU A 1 180 ? 8.335   14.261  -2.267  1.00 22.50  ? 189 LEU A C   1 
ATOM   1050 O O   . LEU A 1 180 ? 7.716   15.303  -2.147  1.00 25.40  ? 189 LEU A O   1 
ATOM   1051 C CB  . LEU A 1 180 ? 7.972   13.929  -4.723  1.00 23.31  ? 189 LEU A CB  1 
ATOM   1052 C CG  . LEU A 1 180 ? 9.321   14.479  -5.166  1.00 26.06  ? 189 LEU A CG  1 
ATOM   1053 C CD1 . LEU A 1 180 ? 10.341  13.384  -5.414  1.00 25.46  ? 189 LEU A CD1 1 
ATOM   1054 C CD2 . LEU A 1 180 ? 9.154   15.331  -6.433  1.00 29.62  ? 189 LEU A CD2 1 
ATOM   1055 N N   . VAL A 1 181 ? 9.399   13.959  -1.524  1.00 23.03  ? 190 VAL A N   1 
ATOM   1056 C CA  . VAL A 1 181 ? 9.923   14.891  -0.525  1.00 22.00  ? 190 VAL A CA  1 
ATOM   1057 C C   . VAL A 1 181 ? 10.780  15.946  -1.230  1.00 24.87  ? 190 VAL A C   1 
ATOM   1058 O O   . VAL A 1 181 ? 10.651  17.124  -0.980  1.00 24.54  ? 190 VAL A O   1 
ATOM   1059 C CB  . VAL A 1 181 ? 10.773  14.209  0.549   1.00 25.18  ? 190 VAL A CB  1 
ATOM   1060 C CG1 . VAL A 1 181 ? 11.018  15.195  1.703   1.00 25.79  ? 190 VAL A CG1 1 
ATOM   1061 C CG2 . VAL A 1 181 ? 10.120  12.913  1.072   1.00 24.35  ? 190 VAL A CG2 1 
ATOM   1062 N N   . PHE A 1 182 ? 11.673  15.500  -2.101  1.00 24.37  ? 191 PHE A N   1 
ATOM   1063 C CA  . PHE A 1 182 ? 12.336  16.368  -3.014  1.00 24.96  ? 191 PHE A CA  1 
ATOM   1064 C C   . PHE A 1 182 ? 12.940  15.556  -4.158  1.00 26.36  ? 191 PHE A C   1 
ATOM   1065 O O   . PHE A 1 182 ? 13.313  14.423  -3.966  1.00 24.52  ? 191 PHE A O   1 
ATOM   1066 C CB  . PHE A 1 182 ? 13.467  17.145  -2.329  1.00 24.95  ? 191 PHE A CB  1 
ATOM   1067 C CG  . PHE A 1 182 ? 14.341  16.301  -1.435  1.00 25.11  ? 191 PHE A CG  1 
ATOM   1068 C CD1 . PHE A 1 182 ? 15.317  15.475  -1.956  1.00 25.15  ? 191 PHE A CD1 1 
ATOM   1069 C CD2 . PHE A 1 182 ? 14.236  16.414  -0.048  1.00 26.66  ? 191 PHE A CD2 1 
ATOM   1070 C CE1 . PHE A 1 182 ? 16.179  14.769  -1.128  1.00 23.48  ? 191 PHE A CE1 1 
ATOM   1071 C CE2 . PHE A 1 182 ? 15.073  15.701  0.788   1.00 23.01  ? 191 PHE A CE2 1 
ATOM   1072 C CZ  . PHE A 1 182 ? 16.015  14.854  0.250   1.00 23.47  ? 191 PHE A CZ  1 
ATOM   1073 N N   . PRO A 1 183 ? 13.064  16.180  -5.343  1.00 28.35  ? 192 PRO A N   1 
ATOM   1074 C CA  . PRO A 1 183 ? 13.798  15.619  -6.455  1.00 28.49  ? 192 PRO A CA  1 
ATOM   1075 C C   . PRO A 1 183 ? 15.278  15.619  -6.228  1.00 30.48  ? 192 PRO A C   1 
ATOM   1076 O O   . PRO A 1 183 ? 15.803  16.394  -5.400  1.00 27.22  ? 192 PRO A O   1 
ATOM   1077 C CB  . PRO A 1 183 ? 13.427  16.517  -7.634  1.00 31.47  ? 192 PRO A CB  1 
ATOM   1078 C CG  . PRO A 1 183 ? 12.976  17.806  -7.040  1.00 34.25  ? 192 PRO A CG  1 
ATOM   1079 C CD  . PRO A 1 183 ? 12.515  17.526  -5.636  1.00 30.82  ? 192 PRO A CD  1 
ATOM   1080 N N   . LEU A 1 184 ? 15.937  14.682  -6.902  1.00 32.56  ? 193 LEU A N   1 
ATOM   1081 C CA  . LEU A 1 184 ? 17.390  14.615  -6.937  1.00 35.21  ? 193 LEU A CA  1 
ATOM   1082 C C   . LEU A 1 184 ? 17.912  14.565  -8.381  1.00 40.68  ? 193 LEU A C   1 
ATOM   1083 O O   . LEU A 1 184 ? 17.157  14.323  -9.329  1.00 44.43  ? 193 LEU A O   1 
ATOM   1084 C CB  . LEU A 1 184 ? 17.874  13.363  -6.225  1.00 41.38  ? 193 LEU A CB  1 
ATOM   1085 C CG  . LEU A 1 184 ? 17.791  13.355  -4.712  1.00 38.72  ? 193 LEU A CG  1 
ATOM   1086 C CD1 . LEU A 1 184 ? 18.131  11.945  -4.271  1.00 44.97  ? 193 LEU A CD1 1 
ATOM   1087 C CD2 . LEU A 1 184 ? 18.770  14.367  -4.165  1.00 38.80  ? 193 LEU A CD2 1 
ATOM   1088 O OXT . LEU A 1 184 ? 19.117  14.716  -8.618  1.00 38.52  ? 193 LEU A OXT 1 
HETATM 1089 C C1  . NAG B 2 .   ? -8.960  -16.175 -2.471  1.00 57.55  ? 1   NAG B C1  1 
HETATM 1090 C C2  . NAG B 2 .   ? -10.289 -16.794 -2.900  1.00 60.77  ? 1   NAG B C2  1 
HETATM 1091 C C3  . NAG B 2 .   ? -11.115 -17.193 -1.693  1.00 63.52  ? 1   NAG B C3  1 
HETATM 1092 C C4  . NAG B 2 .   ? -10.339 -18.256 -0.921  1.00 66.38  ? 1   NAG B C4  1 
HETATM 1093 C C5  . NAG B 2 .   ? -9.032  -17.593 -0.465  1.00 67.16  ? 1   NAG B C5  1 
HETATM 1094 C C6  . NAG B 2 .   ? -8.053  -18.482 0.285   1.00 69.10  ? 1   NAG B C6  1 
HETATM 1095 C C7  . NAG B 2 .   ? -11.146 -15.836 -5.025  1.00 59.63  ? 1   NAG B C7  1 
HETATM 1096 C C8  . NAG B 2 .   ? -10.296 -16.757 -5.877  1.00 58.98  ? 1   NAG B C8  1 
HETATM 1097 N N2  . NAG B 2 .   ? -11.090 -15.885 -3.694  1.00 57.63  ? 1   NAG B N2  1 
HETATM 1098 O O3  . NAG B 2 .   ? -12.402 -17.639 -2.152  1.00 69.86  ? 1   NAG B O3  1 
HETATM 1099 O O4  . NAG B 2 .   ? -11.165 -18.754 0.157   1.00 74.00  ? 1   NAG B O4  1 
HETATM 1100 O O5  . NAG B 2 .   ? -8.291  -17.089 -1.580  1.00 54.80  ? 1   NAG B O5  1 
HETATM 1101 O O6  . NAG B 2 .   ? -6.902  -17.679 0.567   1.00 85.29  ? 1   NAG B O6  1 
HETATM 1102 O O7  . NAG B 2 .   ? -11.866 -14.981 -5.530  1.00 62.58  ? 1   NAG B O7  1 
HETATM 1103 C C1  . NAG B 2 .   ? -10.923 -20.146 0.449   1.00 85.56  ? 2   NAG B C1  1 
HETATM 1104 C C2  . NAG B 2 .   ? -11.370 -20.395 1.892   1.00 90.43  ? 2   NAG B C2  1 
HETATM 1105 C C3  . NAG B 2 .   ? -11.905 -21.808 2.219   1.00 93.98  ? 2   NAG B C3  1 
HETATM 1106 C C4  . NAG B 2 .   ? -11.952 -22.852 1.080   1.00 103.45 ? 2   NAG B C4  1 
HETATM 1107 C C5  . NAG B 2 .   ? -11.137 -22.411 -0.136  1.00 102.52 ? 2   NAG B C5  1 
HETATM 1108 C C6  . NAG B 2 .   ? -11.329 -23.331 -1.337  1.00 97.49  ? 2   NAG B C6  1 
HETATM 1109 C C7  . NAG B 2 .   ? -10.153 -18.992 3.507   1.00 74.43  ? 2   NAG B C7  1 
HETATM 1110 C C8  . NAG B 2 .   ? -8.860  -18.839 4.263   1.00 72.59  ? 2   NAG B C8  1 
HETATM 1111 N N2  . NAG B 2 .   ? -10.219 -20.068 2.727   1.00 84.21  ? 2   NAG B N2  1 
HETATM 1112 O O3  . NAG B 2 .   ? -13.243 -21.622 2.695   1.00 92.74  ? 2   NAG B O3  1 
HETATM 1113 O O4  . NAG B 2 .   ? -11.508 -24.153 1.527   1.00 98.70  ? 2   NAG B O4  1 
HETATM 1114 O O5  . NAG B 2 .   ? -11.525 -21.068 -0.460  1.00 93.62  ? 2   NAG B O5  1 
HETATM 1115 O O6  . NAG B 2 .   ? -12.651 -23.169 -1.861  1.00 95.94  ? 2   NAG B O6  1 
HETATM 1116 O O7  . NAG B 2 .   ? -11.078 -18.201 3.624   1.00 67.38  ? 2   NAG B O7  1 
HETATM 1117 O O   . HOH C 3 .   ? 6.742   15.137  -11.511 1.00 37.15  ? 301 HOH A O   1 
HETATM 1118 O O   . HOH C 3 .   ? 2.285   -5.514  -16.033 1.00 43.18  ? 302 HOH A O   1 
HETATM 1119 O O   . HOH C 3 .   ? -16.511 -9.626  4.341   1.00 47.00  ? 303 HOH A O   1 
HETATM 1120 O O   . HOH C 3 .   ? 4.349   7.852   -13.001 1.00 44.51  ? 304 HOH A O   1 
HETATM 1121 O O   . HOH C 3 .   ? -12.164 -4.848  1.947   1.00 25.06  ? 305 HOH A O   1 
HETATM 1122 O O   . HOH C 3 .   ? -1.217  -5.110  15.255  1.00 40.69  ? 306 HOH A O   1 
HETATM 1123 O O   . HOH C 3 .   ? -11.141 -4.009  8.182   1.00 32.91  ? 307 HOH A O   1 
HETATM 1124 O O   . HOH C 3 .   ? -1.418  6.587   4.584   1.00 24.69  ? 308 HOH A O   1 
HETATM 1125 O O   . HOH C 3 .   ? 7.709   12.270  -15.381 1.00 49.66  ? 309 HOH A O   1 
HETATM 1126 O O   . HOH C 3 .   ? 6.944   -5.779  -9.471  0.50 32.66  ? 310 HOH A O   1 
HETATM 1127 O O   . HOH C 3 .   ? 12.715  -4.175  6.201   1.00 38.31  ? 311 HOH A O   1 
HETATM 1128 O O   . HOH C 3 .   ? 7.315   1.144   -14.405 1.00 52.36  ? 312 HOH A O   1 
HETATM 1129 O O   . HOH C 3 .   ? -14.105 -11.518 11.516  1.00 43.56  ? 313 HOH A O   1 
HETATM 1130 O O   . HOH C 3 .   ? -5.071  -16.260 -0.816  1.00 48.59  ? 314 HOH A O   1 
HETATM 1131 O O   . HOH C 3 .   ? -11.675 -0.942  18.153  1.00 30.92  ? 315 HOH A O   1 
HETATM 1132 O O   . HOH C 3 .   ? 14.238  14.681  -10.368 1.00 36.13  ? 316 HOH A O   1 
HETATM 1133 O O   . HOH C 3 .   ? 15.582  1.870   -7.393  1.00 56.33  ? 317 HOH A O   1 
HETATM 1134 O O   . HOH C 3 .   ? 0.547   -15.965 8.595   1.00 46.80  ? 318 HOH A O   1 
HETATM 1135 O O   . HOH C 3 .   ? -8.923  4.559   7.440   1.00 21.77  ? 319 HOH A O   1 
HETATM 1136 O O   . HOH C 3 .   ? 0.412   10.925  -7.974  1.00 33.11  ? 320 HOH A O   1 
HETATM 1137 O O   . HOH C 3 .   ? 14.337  11.907  -13.074 1.00 36.58  ? 321 HOH A O   1 
HETATM 1138 O O   . HOH C 3 .   ? 4.327   13.993  -11.866 1.00 31.03  ? 322 HOH A O   1 
HETATM 1139 O O   . HOH C 3 .   ? -0.581  -1.577  -3.218  1.00 22.08  ? 323 HOH A O   1 
HETATM 1140 O O   . HOH C 3 .   ? -9.144  -9.158  7.228   1.00 32.49  ? 324 HOH A O   1 
HETATM 1141 O O   . HOH C 3 .   ? 15.674  8.312   -12.763 1.00 41.30  ? 325 HOH A O   1 
HETATM 1142 O O   . HOH C 3 .   ? 6.013   16.822  -3.731  1.00 28.85  ? 326 HOH A O   1 
HETATM 1143 O O   . HOH C 3 .   ? 10.888  -5.979  4.493   1.00 30.05  ? 327 HOH A O   1 
HETATM 1144 O O   . HOH C 3 .   ? 16.535  4.197   -0.886  1.00 25.96  ? 328 HOH A O   1 
HETATM 1145 O O   . HOH C 3 .   ? -11.109 6.552   -6.522  1.00 39.74  ? 329 HOH A O   1 
HETATM 1146 O O   . HOH C 3 .   ? 21.664  9.873   -4.331  1.00 50.03  ? 330 HOH A O   1 
HETATM 1147 O O   . HOH C 3 .   ? -15.573 -2.186  -2.918  1.00 56.08  ? 331 HOH A O   1 
HETATM 1148 O O   . HOH C 3 .   ? -4.691  -6.372  -6.416  1.00 38.98  ? 332 HOH A O   1 
HETATM 1149 O O   . HOH C 3 .   ? -5.860  14.534  -6.742  1.00 34.01  ? 333 HOH A O   1 
HETATM 1150 O O   . HOH C 3 .   ? -5.934  -11.745 0.761   1.00 41.61  ? 334 HOH A O   1 
HETATM 1151 O O   . HOH C 3 .   ? -17.245 -9.236  -0.819  1.00 48.39  ? 335 HOH A O   1 
HETATM 1152 O O   . HOH C 3 .   ? -6.820  8.752   -9.660  1.00 34.40  ? 336 HOH A O   1 
HETATM 1153 O O   . HOH C 3 .   ? 2.657   -3.163  -10.160 1.00 54.97  ? 337 HOH A O   1 
HETATM 1154 O O   . HOH C 3 .   ? 0.482   -17.142 4.024   1.00 51.59  ? 338 HOH A O   1 
HETATM 1155 O O   . HOH C 3 .   ? -12.829 -5.183  6.575   1.00 30.89  ? 339 HOH A O   1 
HETATM 1156 O O   . HOH C 3 .   ? 17.968  13.579  -12.070 1.00 49.16  ? 340 HOH A O   1 
HETATM 1157 O O   . HOH C 3 .   ? 4.382   -4.049  12.436  1.00 29.25  ? 341 HOH A O   1 
HETATM 1158 O O   . HOH C 3 .   ? -0.763  6.219   -12.957 1.00 54.51  ? 342 HOH A O   1 
HETATM 1159 O O   . HOH C 3 .   ? 7.568   18.269  -1.559  1.00 44.32  ? 343 HOH A O   1 
HETATM 1160 O O   . HOH C 3 .   ? -6.396  -6.742  -2.389  1.00 40.16  ? 344 HOH A O   1 
HETATM 1161 O O   . HOH C 3 .   ? -6.953  -9.641  13.732  1.00 38.24  ? 345 HOH A O   1 
HETATM 1162 O O   . HOH C 3 .   ? 0.752   9.565   -15.627 1.00 49.42  ? 346 HOH A O   1 
HETATM 1163 O O   . HOH C 3 .   ? -8.773  -7.315  -4.425  1.00 40.71  ? 347 HOH A O   1 
HETATM 1164 O O   . HOH C 3 .   ? -2.752  16.334  -11.284 1.00 46.09  ? 348 HOH A O   1 
HETATM 1165 O O   . HOH C 3 .   ? 7.659   8.221   6.424   1.00 40.52  ? 349 HOH A O   1 
HETATM 1166 O O   . HOH C 3 .   ? 3.693   13.187  -14.165 1.00 58.37  ? 350 HOH A O   1 
HETATM 1167 O O   . HOH C 3 .   ? -12.434 -8.479  14.468  1.00 46.06  ? 351 HOH A O   1 
HETATM 1168 O O   . HOH C 3 .   ? -5.397  15.300  -9.294  1.00 51.12  ? 352 HOH A O   1 
HETATM 1169 O O   . HOH C 3 .   ? -17.901 -1.811  9.441   1.00 53.97  ? 353 HOH A O   1 
HETATM 1170 O O   . HOH C 3 .   ? -7.528  12.854  -7.007  1.00 42.96  ? 354 HOH A O   1 
HETATM 1171 O O   . HOH C 3 .   ? 6.678   7.976   -15.031 1.00 50.35  ? 355 HOH A O   1 
HETATM 1172 O O   . HOH C 3 .   ? 19.825  4.073   -4.042  1.00 48.56  ? 356 HOH A O   1 
HETATM 1173 O O   . HOH C 3 .   ? 7.084   22.319  -4.645  1.00 46.41  ? 357 HOH A O   1 
HETATM 1174 O O   . HOH C 3 .   ? -10.461 14.253  0.059   1.00 50.90  ? 358 HOH A O   1 
HETATM 1175 O O   . HOH C 3 .   ? -17.926 -0.146  12.230  1.00 54.25  ? 359 HOH A O   1 
HETATM 1176 O O   . HOH C 3 .   ? 7.036   12.101  -20.244 1.00 64.08  ? 360 HOH A O   1 
# 
